data_8R2U
#
_entry.id   8R2U
#
_cell.length_a   175.169
_cell.length_b   178.193
_cell.length_c   124.721
_cell.angle_alpha   90.000
_cell.angle_beta   129.301
_cell.angle_gamma   90.000
#
_symmetry.space_group_name_H-M   'C 1 2 1'
#
loop_
_entity.id
_entity.type
_entity.pdbx_description
1 polymer 'Phenol 2-monooxygenase'
2 non-polymer 'FLAVIN-ADENINE DINUCLEOTIDE'
3 water water
#
_entity_poly.entity_id   1
_entity_poly.type   'polypeptide(L)'
_entity_poly.pdbx_seq_one_letter_code
;MSSPIAPKETEVDVLIVGAGPAGVMCANALAMAGVNVRIIDQRPVKVAAGQADGIQPRTIEVLQSYGLAERLLREANQMQ
MAAFYNPSPSGGIERTSRAPDVTAPNARWPFEVTLHQGAIEAIFLDSMKAHGVAVERPIIPTSLELSDSEDELRDPNAHP
VKVTLKYLDPPAGQSDTEIVSAKFVLGADGAHSWVRKALGITMDGEQTDYIWGVIDIDPDSDFPDVRCKTAVHSHNGSCM
IIPREGDLIRLYIQLADRDVLDPATGRVDKSRVSPEKLLAVAKESFKPFSMGAKNGFEWWTLYIIGQRVASRFSLHERVF
IAGDACHTHSPKAGQGMNASMNDTHNLAWKLTHVLRGWADISVLKTYEFERRKYAQDLIDFDKKFSKLFSGKPRTEDNQD
GVSHEEFLEAFQTFGLFTSGIGVHYQPSAITHAKHQDLASTLVIGERMVPHVFVRAADARPYDIQDVLPADARFKILVFT
GVITDPAQAARAAALAEEMDAPGSFYHRFGHENPARVFDVLSVSAAKKEDVNYTDLPKFFRQHWSKVLLDDTDLYARVGG
GGYERYGIDAGKGAIVVVRPDGYVGTIAPLHGLRDIDAYFSAFMAAAENLYFQGHHHHHHHHHH
;
_entity_poly.pdbx_strand_id   A,B,C,D
#
# COMPACT_ATOMS: atom_id res chain seq x y z
N ILE A 5 -1.46 -27.84 -20.66
CA ILE A 5 -0.97 -28.31 -21.99
C ILE A 5 0.32 -27.55 -22.34
N ALA A 6 0.31 -26.50 -23.20
CA ALA A 6 1.56 -25.95 -23.74
C ALA A 6 2.51 -25.52 -22.62
N PRO A 7 3.82 -25.83 -22.72
CA PRO A 7 4.76 -25.52 -21.63
C PRO A 7 4.96 -24.02 -21.53
N LYS A 8 5.12 -23.54 -20.31
CA LYS A 8 5.28 -22.11 -20.07
C LYS A 8 6.72 -21.71 -20.42
N GLU A 9 6.96 -20.57 -21.08
CA GLU A 9 8.31 -20.15 -21.43
C GLU A 9 8.70 -18.82 -20.77
N THR A 10 9.72 -18.83 -19.90
CA THR A 10 10.10 -17.65 -19.13
C THR A 10 11.57 -17.31 -19.28
N GLU A 11 11.96 -16.14 -18.74
CA GLU A 11 13.36 -15.74 -18.66
C GLU A 11 13.71 -15.40 -17.22
N VAL A 12 15.03 -15.30 -16.98
CA VAL A 12 15.55 -14.96 -15.69
C VAL A 12 17.04 -14.68 -15.83
N ASP A 13 17.59 -13.87 -14.93
CA ASP A 13 18.99 -13.55 -15.02
C ASP A 13 19.76 -14.76 -14.49
N VAL A 14 19.39 -15.23 -13.29
CA VAL A 14 20.08 -16.35 -12.65
C VAL A 14 19.08 -17.38 -12.15
N LEU A 15 19.27 -18.63 -12.60
CA LEU A 15 18.50 -19.76 -12.11
C LEU A 15 19.41 -20.68 -11.30
N ILE A 16 19.02 -20.98 -10.07
CA ILE A 16 19.78 -21.84 -9.17
C ILE A 16 19.04 -23.16 -8.96
N VAL A 17 19.77 -24.27 -9.18
CA VAL A 17 19.20 -25.60 -9.06
C VAL A 17 19.76 -26.21 -7.78
N GLY A 18 18.90 -26.22 -6.74
CA GLY A 18 19.23 -26.79 -5.45
C GLY A 18 19.22 -25.72 -4.36
N ALA A 19 18.48 -26.01 -3.27
CA ALA A 19 18.28 -25.04 -2.19
C ALA A 19 18.89 -25.59 -0.91
N GLY A 20 20.10 -26.12 -1.04
CA GLY A 20 20.92 -26.41 0.11
C GLY A 20 21.79 -25.22 0.46
N PRO A 21 22.76 -25.43 1.37
CA PRO A 21 23.66 -24.36 1.81
C PRO A 21 24.26 -23.49 0.70
N ALA A 22 24.89 -24.11 -0.28
CA ALA A 22 25.51 -23.34 -1.36
C ALA A 22 24.43 -22.55 -2.09
N GLY A 23 23.32 -23.23 -2.38
CA GLY A 23 22.21 -22.65 -3.11
C GLY A 23 21.62 -21.39 -2.46
N VAL A 24 21.44 -21.45 -1.13
CA VAL A 24 20.71 -20.40 -0.42
C VAL A 24 21.67 -19.25 -0.14
N MET A 25 22.94 -19.55 0.13
CA MET A 25 23.94 -18.50 0.20
C MET A 25 23.88 -17.70 -1.10
N CYS A 26 23.87 -18.38 -2.24
CA CYS A 26 23.92 -17.67 -3.52
C CYS A 26 22.61 -16.90 -3.71
N ALA A 27 21.47 -17.55 -3.45
CA ALA A 27 20.20 -16.93 -3.72
C ALA A 27 20.04 -15.69 -2.84
N ASN A 28 20.47 -15.80 -1.58
CA ASN A 28 20.32 -14.69 -0.68
C ASN A 28 21.21 -13.55 -1.14
N ALA A 29 22.47 -13.85 -1.43
CA ALA A 29 23.42 -12.83 -1.85
C ALA A 29 22.91 -12.08 -3.08
N LEU A 30 22.36 -12.80 -4.04
CA LEU A 30 21.84 -12.17 -5.23
C LEU A 30 20.61 -11.33 -4.90
N ALA A 31 19.73 -11.85 -4.04
CA ALA A 31 18.53 -11.13 -3.66
C ALA A 31 18.89 -9.82 -2.96
N MET A 32 19.87 -9.86 -2.05
CA MET A 32 20.24 -8.68 -1.29
C MET A 32 20.87 -7.64 -2.22
N ALA A 33 21.46 -8.08 -3.33
CA ALA A 33 22.02 -7.18 -4.32
C ALA A 33 20.99 -6.81 -5.41
N GLY A 34 19.74 -7.20 -5.19
CA GLY A 34 18.67 -6.79 -6.10
C GLY A 34 18.74 -7.46 -7.47
N VAL A 35 19.34 -8.66 -7.57
CA VAL A 35 19.48 -9.39 -8.82
C VAL A 35 18.25 -10.24 -9.05
N ASN A 36 17.90 -10.39 -10.32
CA ASN A 36 16.75 -11.21 -10.68
C ASN A 36 17.16 -12.68 -10.60
N VAL A 37 16.76 -13.36 -9.53
CA VAL A 37 17.19 -14.72 -9.27
C VAL A 37 16.00 -15.63 -8.94
N ARG A 38 16.04 -16.85 -9.46
CA ARG A 38 15.04 -17.85 -9.13
C ARG A 38 15.82 -19.06 -8.64
N ILE A 39 15.20 -19.83 -7.74
CA ILE A 39 15.83 -21.02 -7.17
C ILE A 39 14.77 -22.10 -6.96
N ILE A 40 15.15 -23.34 -7.31
CA ILE A 40 14.25 -24.48 -7.31
C ILE A 40 14.85 -25.58 -6.45
N ASP A 41 14.02 -26.57 -6.11
CA ASP A 41 14.49 -27.73 -5.37
C ASP A 41 13.49 -28.87 -5.59
N GLN A 42 13.94 -30.13 -5.55
CA GLN A 42 13.06 -31.24 -5.88
C GLN A 42 12.34 -31.78 -4.64
N ARG A 43 12.80 -31.40 -3.45
CA ARG A 43 12.16 -31.78 -2.20
C ARG A 43 10.84 -31.02 -2.02
N PRO A 44 9.69 -31.71 -1.74
CA PRO A 44 8.38 -31.06 -1.64
C PRO A 44 8.31 -30.00 -0.55
N VAL A 45 8.94 -30.24 0.58
CA VAL A 45 9.02 -29.23 1.63
C VAL A 45 10.48 -29.16 2.05
N LYS A 46 10.86 -28.05 2.74
CA LYS A 46 12.18 -27.84 3.31
C LYS A 46 12.51 -28.93 4.34
N VAL A 47 13.81 -29.31 4.36
CA VAL A 47 14.34 -30.31 5.27
C VAL A 47 14.30 -29.79 6.69
N ALA A 48 14.05 -30.71 7.61
CA ALA A 48 14.18 -30.47 9.04
C ALA A 48 15.60 -30.81 9.55
N ALA A 49 16.33 -31.66 8.81
CA ALA A 49 17.63 -32.16 9.23
C ALA A 49 18.41 -32.63 8.02
N GLY A 50 19.75 -32.66 8.15
CA GLY A 50 20.64 -33.13 7.09
C GLY A 50 22.10 -33.19 7.53
N GLN A 51 23.00 -33.28 6.54
CA GLN A 51 24.45 -33.34 6.72
C GLN A 51 24.98 -32.17 7.49
N ALA A 52 24.78 -30.96 6.94
CA ALA A 52 25.33 -29.77 7.52
C ALA A 52 25.05 -29.78 9.02
N ASP A 53 26.07 -29.40 9.78
CA ASP A 53 25.95 -29.31 11.23
C ASP A 53 26.85 -28.15 11.66
N GLY A 54 28.07 -28.07 11.09
CA GLY A 54 29.18 -27.30 11.63
C GLY A 54 29.44 -26.07 10.78
N ILE A 55 29.59 -24.94 11.43
CA ILE A 55 29.94 -23.72 10.75
C ILE A 55 31.29 -23.28 11.28
N GLN A 56 32.21 -22.98 10.37
CA GLN A 56 33.58 -22.59 10.71
C GLN A 56 33.71 -21.09 10.98
N PRO A 57 34.76 -20.69 11.74
CA PRO A 57 35.06 -19.28 11.98
C PRO A 57 34.90 -18.32 10.81
N ARG A 58 35.47 -18.68 9.65
CA ARG A 58 35.47 -17.76 8.53
C ARG A 58 34.04 -17.62 8.04
N THR A 59 33.29 -18.72 8.10
CA THR A 59 31.92 -18.74 7.60
C THR A 59 31.04 -17.84 8.48
N ILE A 60 31.31 -17.81 9.79
CA ILE A 60 30.62 -16.89 10.69
C ILE A 60 30.90 -15.45 10.27
N GLU A 61 32.16 -15.14 9.96
CA GLU A 61 32.55 -13.83 9.47
C GLU A 61 31.75 -13.50 8.21
N VAL A 62 31.58 -14.49 7.32
CA VAL A 62 30.85 -14.26 6.09
C VAL A 62 29.38 -13.97 6.39
N LEU A 63 28.75 -14.79 7.23
CA LEU A 63 27.37 -14.51 7.60
C LEU A 63 27.26 -13.11 8.23
N GLN A 64 28.29 -12.72 8.99
CA GLN A 64 28.31 -11.41 9.59
C GLN A 64 28.24 -10.34 8.49
N SER A 65 28.93 -10.57 7.37
CA SER A 65 28.94 -9.61 6.26
C SER A 65 27.55 -9.43 5.64
N TYR A 66 26.60 -10.34 5.92
CA TYR A 66 25.24 -10.30 5.39
C TYR A 66 24.28 -9.85 6.49
N GLY A 67 24.79 -9.63 7.69
CA GLY A 67 23.96 -9.39 8.87
C GLY A 67 23.26 -10.64 9.38
N LEU A 68 23.81 -11.85 9.13
CA LEU A 68 23.13 -13.09 9.45
C LEU A 68 23.78 -13.81 10.61
N ALA A 69 25.00 -13.42 10.98
CA ALA A 69 25.71 -14.09 12.05
C ALA A 69 25.01 -13.93 13.38
N GLU A 70 24.43 -12.74 13.63
CA GLU A 70 23.78 -12.48 14.90
C GLU A 70 22.76 -13.57 15.19
N ARG A 71 21.92 -13.88 14.21
CA ARG A 71 20.90 -14.90 14.38
C ARG A 71 21.56 -16.27 14.50
N LEU A 72 22.59 -16.55 13.72
CA LEU A 72 23.25 -17.84 13.86
C LEU A 72 23.73 -17.99 15.30
N LEU A 73 24.43 -16.98 15.84
CA LEU A 73 25.06 -17.13 17.15
C LEU A 73 24.01 -17.24 18.25
N ARG A 74 22.83 -16.70 17.99
CA ARG A 74 21.73 -16.74 18.94
C ARG A 74 21.16 -18.17 19.00
N GLU A 75 21.13 -18.87 17.86
CA GLU A 75 20.43 -20.15 17.77
C GLU A 75 21.35 -21.35 17.97
N ALA A 76 22.67 -21.18 17.73
CA ALA A 76 23.56 -22.31 17.52
C ALA A 76 24.37 -22.65 18.77
N ASN A 77 24.73 -23.93 18.88
CA ASN A 77 25.60 -24.44 19.90
C ASN A 77 27.05 -24.06 19.59
N GLN A 78 27.86 -23.73 20.61
CA GLN A 78 29.27 -23.43 20.37
C GLN A 78 30.14 -24.67 20.66
N MET A 79 30.80 -25.17 19.60
CA MET A 79 31.84 -26.16 19.71
C MET A 79 33.17 -25.45 19.97
N GLN A 80 33.45 -25.16 21.23
CA GLN A 80 34.62 -24.37 21.63
C GLN A 80 35.83 -25.27 21.86
N MET A 81 35.54 -26.45 22.41
CA MET A 81 36.56 -27.28 22.98
C MET A 81 36.53 -28.67 22.35
N ALA A 82 37.72 -29.19 22.00
CA ALA A 82 37.81 -30.55 21.50
C ALA A 82 38.51 -31.43 22.52
N ALA A 83 38.07 -32.67 22.57
CA ALA A 83 38.65 -33.66 23.45
C ALA A 83 38.99 -34.91 22.63
N PHE A 84 39.95 -35.67 23.16
CA PHE A 84 40.48 -36.83 22.49
C PHE A 84 40.53 -37.98 23.51
N TYR A 85 39.78 -39.04 23.20
CA TYR A 85 39.73 -40.24 24.03
C TYR A 85 40.34 -41.36 23.21
N ASN A 86 41.04 -42.25 23.90
CA ASN A 86 41.80 -43.33 23.28
C ASN A 86 41.89 -44.50 24.23
N PRO A 87 42.23 -45.69 23.69
CA PRO A 87 42.27 -46.91 24.50
C PRO A 87 43.30 -46.76 25.61
N SER A 88 42.90 -47.30 26.75
CA SER A 88 43.67 -47.18 27.97
C SER A 88 44.58 -48.40 28.08
N PRO A 89 45.77 -48.28 28.70
CA PRO A 89 46.61 -49.43 29.00
C PRO A 89 45.80 -50.59 29.54
N SER A 90 44.80 -50.29 30.38
CA SER A 90 44.13 -51.31 31.18
C SER A 90 42.92 -51.90 30.44
N GLY A 91 42.36 -51.13 29.51
CA GLY A 91 41.09 -51.40 28.88
C GLY A 91 40.09 -50.27 29.13
N GLY A 92 39.18 -50.06 28.17
CA GLY A 92 38.30 -48.91 28.22
C GLY A 92 39.01 -47.68 27.69
N ILE A 93 38.24 -46.63 27.40
CA ILE A 93 38.78 -45.38 26.92
C ILE A 93 39.14 -44.45 28.08
N GLU A 94 40.13 -43.60 27.84
CA GLU A 94 40.53 -42.55 28.76
C GLU A 94 40.78 -41.29 27.93
N ARG A 95 40.66 -40.14 28.57
CA ARG A 95 40.95 -38.88 27.89
C ARG A 95 42.47 -38.65 27.83
N THR A 96 43.01 -38.40 26.64
CA THR A 96 44.46 -38.21 26.48
C THR A 96 44.80 -36.72 26.40
N SER A 97 43.95 -35.92 25.75
CA SER A 97 44.19 -34.49 25.70
C SER A 97 42.88 -33.74 25.42
N ARG A 98 42.93 -32.43 25.70
CA ARG A 98 41.93 -31.51 25.24
C ARG A 98 42.60 -30.25 24.68
N ALA A 99 41.83 -29.53 23.87
CA ALA A 99 42.41 -28.45 23.10
C ALA A 99 41.29 -27.55 22.61
N PRO A 100 41.61 -26.33 22.14
CA PRO A 100 40.65 -25.52 21.42
C PRO A 100 40.22 -26.29 20.18
N ASP A 101 38.92 -26.21 19.86
CA ASP A 101 38.38 -26.79 18.64
C ASP A 101 39.07 -26.23 17.40
N VAL A 102 39.40 -24.95 17.49
CA VAL A 102 39.88 -24.17 16.37
C VAL A 102 41.27 -23.64 16.71
N THR A 103 42.17 -23.62 15.72
CA THR A 103 43.49 -23.06 15.87
C THR A 103 43.58 -21.85 14.94
N ALA A 104 43.31 -20.65 15.48
CA ALA A 104 43.19 -19.45 14.68
C ALA A 104 43.10 -18.22 15.59
N PRO A 105 44.25 -17.65 16.02
CA PRO A 105 44.23 -16.47 16.87
C PRO A 105 43.82 -15.15 16.18
N ASN A 106 43.77 -15.12 14.83
CA ASN A 106 43.18 -14.02 14.08
C ASN A 106 41.69 -13.95 14.36
N ALA A 107 41.07 -15.14 14.38
CA ALA A 107 39.64 -15.30 14.20
C ALA A 107 38.86 -14.38 15.12
N ARG A 108 37.81 -13.82 14.57
CA ARG A 108 36.92 -13.00 15.36
C ARG A 108 36.14 -13.91 16.32
N TRP A 109 35.68 -15.05 15.79
CA TRP A 109 35.00 -16.09 16.54
C TRP A 109 35.83 -17.38 16.42
N PRO A 110 36.71 -17.59 17.41
CA PRO A 110 37.62 -18.74 17.42
C PRO A 110 36.99 -20.01 17.95
N PHE A 111 35.93 -20.44 17.27
CA PHE A 111 35.25 -21.69 17.57
C PHE A 111 34.37 -22.04 16.41
N GLU A 112 33.87 -23.27 16.40
CA GLU A 112 32.83 -23.63 15.44
C GLU A 112 31.48 -23.47 16.13
N VAL A 113 30.42 -23.36 15.33
CA VAL A 113 29.09 -23.46 15.89
C VAL A 113 28.31 -24.52 15.12
N THR A 114 27.38 -25.16 15.82
CA THR A 114 26.63 -26.26 15.27
C THR A 114 25.13 -26.00 15.40
N LEU A 115 24.38 -26.54 14.44
CA LEU A 115 22.95 -26.27 14.31
C LEU A 115 22.42 -27.16 13.20
N HIS A 116 21.15 -27.58 13.29
CA HIS A 116 20.64 -28.48 12.26
C HIS A 116 20.47 -27.73 10.93
N GLN A 117 20.55 -28.49 9.84
CA GLN A 117 20.63 -27.97 8.49
C GLN A 117 19.39 -27.15 8.20
N GLY A 118 18.23 -27.67 8.62
CA GLY A 118 16.99 -26.94 8.48
C GLY A 118 17.14 -25.52 9.02
N ALA A 119 17.71 -25.38 10.22
CA ALA A 119 17.74 -24.11 10.89
C ALA A 119 18.81 -23.21 10.28
N ILE A 120 19.85 -23.79 9.69
CA ILE A 120 20.88 -22.97 9.03
C ILE A 120 20.29 -22.36 7.78
N GLU A 121 19.60 -23.21 7.00
CA GLU A 121 18.95 -22.81 5.76
C GLU A 121 17.94 -21.69 6.04
N ALA A 122 17.20 -21.85 7.14
CA ALA A 122 16.16 -20.91 7.50
C ALA A 122 16.71 -19.50 7.58
N ILE A 123 17.92 -19.36 8.13
CA ILE A 123 18.50 -18.04 8.25
C ILE A 123 18.53 -17.36 6.90
N PHE A 124 18.90 -18.16 5.89
CA PHE A 124 19.05 -17.66 4.53
C PHE A 124 17.68 -17.48 3.88
N LEU A 125 16.77 -18.43 4.11
CA LEU A 125 15.49 -18.44 3.43
C LEU A 125 14.63 -17.26 3.90
N ASP A 126 14.62 -17.04 5.22
CA ASP A 126 13.89 -15.90 5.77
C ASP A 126 14.48 -14.59 5.24
N SER A 127 15.80 -14.50 5.05
CA SER A 127 16.39 -13.29 4.50
C SER A 127 15.95 -13.13 3.03
N MET A 128 15.94 -14.26 2.30
CA MET A 128 15.53 -14.29 0.92
C MET A 128 14.09 -13.80 0.79
N LYS A 129 13.21 -14.29 1.65
CA LYS A 129 11.79 -14.00 1.57
C LYS A 129 11.57 -12.50 1.82
N ALA A 130 12.35 -11.93 2.74
CA ALA A 130 12.26 -10.50 3.02
C ALA A 130 12.69 -9.67 1.81
N HIS A 131 13.51 -10.25 0.91
CA HIS A 131 13.99 -9.57 -0.29
C HIS A 131 13.28 -10.09 -1.55
N GLY A 132 12.14 -10.78 -1.36
CA GLY A 132 11.21 -11.08 -2.44
C GLY A 132 11.51 -12.37 -3.22
N VAL A 133 12.27 -13.30 -2.61
CA VAL A 133 12.71 -14.53 -3.26
C VAL A 133 12.36 -15.76 -2.42
N ALA A 134 11.73 -16.75 -3.06
CA ALA A 134 11.21 -17.95 -2.43
C ALA A 134 11.66 -19.14 -3.24
N VAL A 135 11.98 -20.25 -2.55
CA VAL A 135 12.33 -21.47 -3.24
C VAL A 135 11.08 -22.01 -3.91
N GLU A 136 11.18 -22.33 -5.20
CA GLU A 136 10.07 -22.96 -5.90
C GLU A 136 10.31 -24.46 -5.89
N ARG A 137 9.28 -25.23 -5.51
CA ARG A 137 9.45 -26.65 -5.28
C ARG A 137 8.11 -27.33 -5.24
N PRO A 138 7.98 -28.65 -5.53
CA PRO A 138 9.09 -29.49 -5.99
C PRO A 138 9.25 -29.48 -7.52
N ILE A 139 10.48 -29.21 -7.97
CA ILE A 139 10.79 -28.98 -9.35
C ILE A 139 12.14 -29.62 -9.66
N ILE A 140 12.24 -30.27 -10.84
CA ILE A 140 13.51 -30.81 -11.32
C ILE A 140 13.80 -30.38 -12.74
N PRO A 141 15.09 -30.25 -13.12
CA PRO A 141 15.46 -30.05 -14.50
C PRO A 141 15.35 -31.40 -15.20
N THR A 142 14.90 -31.35 -16.46
CA THR A 142 14.84 -32.52 -17.33
C THR A 142 15.73 -32.36 -18.55
N SER A 143 16.27 -31.17 -18.79
CA SER A 143 17.01 -30.92 -20.02
C SER A 143 17.78 -29.62 -19.90
N LEU A 144 18.98 -29.52 -20.48
CA LEU A 144 19.76 -28.29 -20.42
C LEU A 144 20.47 -28.09 -21.74
N GLU A 145 20.07 -27.05 -22.47
CA GLU A 145 20.65 -26.71 -23.75
C GLU A 145 21.49 -25.47 -23.56
N LEU A 146 22.56 -25.33 -24.36
CA LEU A 146 23.43 -24.18 -24.30
C LEU A 146 23.79 -23.76 -25.72
N SER A 147 23.87 -22.44 -25.95
CA SER A 147 23.99 -21.88 -27.29
C SER A 147 25.35 -22.22 -27.91
N ASP A 148 25.35 -22.46 -29.22
CA ASP A 148 26.55 -22.58 -30.05
C ASP A 148 27.21 -21.21 -30.21
N SER A 149 26.39 -20.16 -30.32
CA SER A 149 26.80 -18.84 -30.80
C SER A 149 27.79 -18.21 -29.83
N GLU A 150 29.06 -18.07 -30.25
CA GLU A 150 30.10 -17.41 -29.48
C GLU A 150 29.65 -16.02 -29.05
N ASP A 151 28.98 -15.30 -29.95
CA ASP A 151 28.55 -13.94 -29.68
C ASP A 151 27.56 -13.93 -28.52
N GLU A 152 26.63 -14.91 -28.51
CA GLU A 152 25.65 -15.08 -27.44
C GLU A 152 26.32 -15.51 -26.13
N LEU A 153 27.32 -16.40 -26.21
CA LEU A 153 27.97 -16.90 -25.01
C LEU A 153 28.72 -15.80 -24.30
N ARG A 154 29.30 -14.86 -25.05
CA ARG A 154 30.14 -13.81 -24.48
C ARG A 154 29.32 -12.56 -24.13
N ASP A 155 28.06 -12.52 -24.56
CA ASP A 155 27.19 -11.38 -24.30
C ASP A 155 26.49 -11.55 -22.95
N PRO A 156 26.86 -10.79 -21.89
CA PRO A 156 26.22 -10.95 -20.58
C PRO A 156 24.73 -10.64 -20.50
N ASN A 157 24.14 -10.08 -21.57
CA ASN A 157 22.72 -9.79 -21.63
C ASN A 157 21.94 -10.82 -22.46
N ALA A 158 22.63 -11.75 -23.13
CA ALA A 158 21.91 -12.82 -23.82
C ALA A 158 21.45 -13.86 -22.81
N HIS A 159 20.49 -14.69 -23.21
CA HIS A 159 20.03 -15.83 -22.41
C HIS A 159 20.35 -17.13 -23.13
N PRO A 160 21.60 -17.62 -23.11
CA PRO A 160 21.97 -18.84 -23.84
C PRO A 160 21.68 -20.17 -23.15
N VAL A 161 21.29 -20.18 -21.88
CA VAL A 161 21.00 -21.43 -21.22
C VAL A 161 19.51 -21.67 -21.20
N LYS A 162 19.06 -22.77 -21.80
CA LYS A 162 17.66 -23.15 -21.80
C LYS A 162 17.52 -24.36 -20.89
N VAL A 163 16.90 -24.19 -19.73
CA VAL A 163 16.70 -25.28 -18.81
C VAL A 163 15.22 -25.62 -18.80
N THR A 164 14.91 -26.89 -19.05
CA THR A 164 13.54 -27.37 -19.05
C THR A 164 13.27 -27.98 -17.68
N LEU A 165 12.21 -27.50 -17.02
CA LEU A 165 11.84 -27.87 -15.67
C LEU A 165 10.56 -28.69 -15.71
N LYS A 166 10.50 -29.71 -14.84
CA LYS A 166 9.27 -30.45 -14.62
C LYS A 166 8.81 -30.19 -13.18
N TYR A 167 7.56 -29.76 -13.05
CA TYR A 167 6.90 -29.62 -11.76
C TYR A 167 6.39 -31.00 -11.30
N LEU A 168 6.87 -31.48 -10.15
CA LEU A 168 6.54 -32.81 -9.65
C LEU A 168 5.14 -32.84 -9.04
N ASP A 169 4.57 -31.66 -8.75
CA ASP A 169 3.29 -31.56 -8.07
C ASP A 169 2.62 -30.26 -8.48
N PRO A 170 2.23 -30.10 -9.77
CA PRO A 170 1.80 -28.80 -10.28
C PRO A 170 0.40 -28.42 -9.82
N PRO A 171 0.07 -27.10 -9.66
CA PRO A 171 -1.31 -26.70 -9.39
C PRO A 171 -2.20 -27.15 -10.55
N ALA A 172 -3.42 -27.63 -10.26
CA ALA A 172 -4.40 -27.91 -11.33
C ALA A 172 -4.64 -26.64 -12.16
N GLY A 173 -5.02 -26.83 -13.43
CA GLY A 173 -5.12 -25.71 -14.37
C GLY A 173 -3.81 -25.43 -15.12
N GLN A 174 -2.64 -25.55 -14.46
CA GLN A 174 -1.36 -25.24 -15.09
C GLN A 174 -0.65 -26.44 -15.72
N SER A 175 0.29 -26.14 -16.64
CA SER A 175 1.18 -27.08 -17.29
C SER A 175 2.22 -27.61 -16.31
N ASP A 176 2.78 -28.81 -16.56
CA ASP A 176 3.77 -29.42 -15.66
C ASP A 176 5.21 -29.10 -16.11
N THR A 177 5.34 -28.27 -17.16
CA THR A 177 6.61 -28.04 -17.82
C THR A 177 6.83 -26.54 -18.00
N GLU A 178 8.04 -26.07 -17.68
CA GLU A 178 8.46 -24.69 -17.91
C GLU A 178 9.82 -24.72 -18.60
N ILE A 179 10.00 -23.92 -19.64
CA ILE A 179 11.31 -23.75 -20.25
C ILE A 179 11.83 -22.38 -19.86
N VAL A 180 12.81 -22.37 -18.95
CA VAL A 180 13.46 -21.14 -18.49
C VAL A 180 14.68 -20.84 -19.35
N SER A 181 14.68 -19.67 -19.99
CA SER A 181 15.85 -19.14 -20.65
C SER A 181 16.59 -18.26 -19.64
N ALA A 182 17.84 -18.59 -19.34
CA ALA A 182 18.59 -17.90 -18.29
C ALA A 182 19.87 -17.30 -18.86
N LYS A 183 20.31 -16.20 -18.28
CA LYS A 183 21.64 -15.65 -18.54
C LYS A 183 22.72 -16.52 -17.88
N PHE A 184 22.48 -16.94 -16.64
CA PHE A 184 23.43 -17.75 -15.90
C PHE A 184 22.66 -18.80 -15.11
N VAL A 185 23.24 -20.01 -14.98
CA VAL A 185 22.62 -21.06 -14.19
C VAL A 185 23.66 -21.62 -13.27
N LEU A 186 23.23 -22.00 -12.05
CA LEU A 186 24.13 -22.56 -11.05
C LEU A 186 23.55 -23.88 -10.60
N GLY A 187 24.39 -24.92 -10.64
CA GLY A 187 24.07 -26.22 -10.09
C GLY A 187 24.57 -26.31 -8.65
N ALA A 188 23.62 -26.24 -7.73
CA ALA A 188 23.94 -26.46 -6.33
C ALA A 188 23.17 -27.70 -5.88
N ASP A 189 23.28 -28.75 -6.68
CA ASP A 189 22.38 -29.87 -6.52
C ASP A 189 23.10 -31.11 -5.97
N GLY A 190 24.20 -30.89 -5.24
CA GLY A 190 24.78 -31.92 -4.39
C GLY A 190 25.72 -32.87 -5.11
N ALA A 191 26.17 -33.89 -4.39
CA ALA A 191 27.23 -34.77 -4.85
C ALA A 191 26.83 -35.49 -6.14
N HIS A 192 25.53 -35.69 -6.35
CA HIS A 192 25.06 -36.45 -7.50
C HIS A 192 24.46 -35.48 -8.51
N SER A 193 24.97 -34.23 -8.53
CA SER A 193 24.48 -33.12 -9.34
C SER A 193 23.97 -33.61 -10.69
N TRP A 194 22.72 -33.29 -10.98
CA TRP A 194 22.17 -33.48 -12.29
C TRP A 194 22.83 -32.50 -13.24
N VAL A 195 23.17 -31.31 -12.74
CA VAL A 195 23.74 -30.27 -13.58
C VAL A 195 25.12 -30.72 -14.07
N ARG A 196 25.95 -31.20 -13.14
CA ARG A 196 27.28 -31.63 -13.49
C ARG A 196 27.22 -32.70 -14.58
N LYS A 197 26.36 -33.71 -14.40
CA LYS A 197 26.19 -34.80 -15.35
C LYS A 197 25.76 -34.30 -16.72
N ALA A 198 24.83 -33.37 -16.70
CA ALA A 198 24.29 -32.78 -17.91
C ALA A 198 25.40 -32.07 -18.67
N LEU A 199 26.30 -31.38 -17.97
CA LEU A 199 27.42 -30.65 -18.58
C LEU A 199 28.53 -31.60 -19.04
N GLY A 200 28.44 -32.89 -18.68
CA GLY A 200 29.44 -33.87 -19.10
C GLY A 200 30.81 -33.66 -18.44
N ILE A 201 30.81 -33.20 -17.17
CA ILE A 201 32.00 -32.91 -16.40
C ILE A 201 32.29 -34.02 -15.39
N THR A 202 33.53 -34.52 -15.41
CA THR A 202 33.93 -35.63 -14.55
C THR A 202 34.20 -35.15 -13.15
N MET A 203 34.12 -36.08 -12.19
CA MET A 203 34.61 -35.90 -10.82
C MET A 203 35.93 -36.68 -10.61
N ASP A 204 37.08 -35.99 -10.54
CA ASP A 204 38.37 -36.66 -10.50
C ASP A 204 38.81 -36.91 -9.06
N GLY A 205 39.48 -38.05 -8.81
CA GLY A 205 40.09 -38.35 -7.53
C GLY A 205 40.02 -39.83 -7.18
N GLU A 206 40.37 -40.17 -5.94
CA GLU A 206 40.23 -41.51 -5.41
C GLU A 206 38.85 -42.06 -5.72
N GLN A 207 38.79 -43.32 -6.13
CA GLN A 207 37.53 -44.00 -6.39
C GLN A 207 36.87 -44.44 -5.09
N THR A 208 37.68 -44.56 -4.04
CA THR A 208 37.23 -45.18 -2.79
C THR A 208 36.26 -44.21 -2.13
N ASP A 209 35.03 -44.70 -1.91
CA ASP A 209 34.08 -44.09 -1.00
C ASP A 209 34.20 -44.77 0.36
N TYR A 210 34.04 -43.99 1.44
CA TYR A 210 34.04 -44.46 2.82
C TYR A 210 32.62 -44.37 3.39
N ILE A 211 32.35 -45.10 4.46
CA ILE A 211 31.01 -45.25 4.99
C ILE A 211 30.97 -44.85 6.46
N TRP A 212 30.01 -43.97 6.79
CA TRP A 212 29.81 -43.46 8.13
C TRP A 212 28.34 -43.61 8.51
N GLY A 213 28.09 -44.17 9.68
CA GLY A 213 26.80 -44.03 10.33
C GLY A 213 26.70 -42.68 11.04
N VAL A 214 25.56 -42.04 10.92
CA VAL A 214 25.30 -40.78 11.63
C VAL A 214 23.99 -40.89 12.41
N ILE A 215 24.01 -40.59 13.71
CA ILE A 215 22.81 -40.53 14.52
C ILE A 215 22.83 -39.26 15.34
N ASP A 216 21.72 -38.53 15.33
CA ASP A 216 21.53 -37.39 16.20
C ASP A 216 20.66 -37.84 17.37
N ILE A 217 21.13 -37.64 18.60
CA ILE A 217 20.38 -38.06 19.77
C ILE A 217 20.42 -37.01 20.87
N ASP A 218 19.50 -37.19 21.82
CA ASP A 218 19.53 -36.56 23.13
C ASP A 218 20.17 -37.57 24.09
N PRO A 219 21.44 -37.37 24.47
CA PRO A 219 22.19 -38.41 25.14
C PRO A 219 21.78 -38.66 26.58
N ASP A 220 21.63 -39.96 26.90
CA ASP A 220 21.59 -40.43 28.27
C ASP A 220 22.99 -40.94 28.61
N SER A 221 23.82 -40.10 29.24
CA SER A 221 25.25 -40.40 29.33
C SER A 221 25.91 -39.70 30.51
N ASP A 222 26.88 -40.40 31.12
CA ASP A 222 27.77 -39.83 32.13
C ASP A 222 29.12 -39.45 31.53
N PHE A 223 29.19 -39.29 30.22
CA PHE A 223 30.43 -38.94 29.55
C PHE A 223 30.76 -37.48 29.81
N PRO A 224 31.89 -37.17 30.45
CA PRO A 224 32.22 -35.80 30.85
C PRO A 224 32.35 -34.76 29.74
N ASP A 225 32.68 -35.20 28.52
CA ASP A 225 33.04 -34.30 27.45
C ASP A 225 31.99 -34.38 26.35
N VAL A 226 30.75 -34.62 26.76
CA VAL A 226 29.63 -34.76 25.84
C VAL A 226 29.34 -33.45 25.11
N ARG A 227 29.83 -32.31 25.64
CA ARG A 227 29.64 -31.02 25.00
C ARG A 227 30.93 -30.52 24.31
N CYS A 228 31.87 -31.44 24.13
CA CYS A 228 33.06 -31.21 23.34
C CYS A 228 32.99 -31.96 22.01
N LYS A 229 33.61 -31.40 20.97
CA LYS A 229 33.98 -32.21 19.83
C LYS A 229 34.96 -33.27 20.32
N THR A 230 34.55 -34.54 20.25
CA THR A 230 35.32 -35.59 20.87
C THR A 230 35.64 -36.64 19.83
N ALA A 231 36.94 -36.95 19.70
CA ALA A 231 37.35 -38.10 18.91
C ALA A 231 37.55 -39.28 19.85
N VAL A 232 36.85 -40.39 19.61
CA VAL A 232 36.91 -41.56 20.46
C VAL A 232 37.46 -42.74 19.67
N HIS A 233 38.66 -43.24 20.04
CA HIS A 233 39.13 -44.53 19.56
C HIS A 233 39.01 -45.52 20.71
N SER A 234 38.22 -46.58 20.50
CA SER A 234 38.14 -47.72 21.39
C SER A 234 38.76 -48.96 20.74
N HIS A 235 38.96 -50.05 21.51
CA HIS A 235 39.38 -51.30 20.90
C HIS A 235 38.40 -51.69 19.79
N ASN A 236 37.11 -51.31 19.96
CA ASN A 236 36.00 -51.76 19.13
C ASN A 236 35.88 -50.91 17.84
N GLY A 237 36.28 -49.64 17.89
CA GLY A 237 36.34 -48.78 16.71
C GLY A 237 36.26 -47.28 17.05
N SER A 238 36.42 -46.46 16.02
CA SER A 238 36.39 -45.01 16.16
C SER A 238 34.98 -44.44 15.98
N CYS A 239 34.67 -43.39 16.76
CA CYS A 239 33.56 -42.51 16.45
C CYS A 239 33.84 -41.10 16.96
N MET A 240 32.91 -40.18 16.70
CA MET A 240 33.15 -38.79 17.03
C MET A 240 31.86 -38.11 17.46
N ILE A 241 31.93 -37.30 18.54
CA ILE A 241 30.80 -36.51 18.98
C ILE A 241 30.87 -35.11 18.39
N ILE A 242 29.78 -34.67 17.73
CA ILE A 242 29.59 -33.27 17.39
C ILE A 242 28.45 -32.74 18.25
N PRO A 243 28.69 -32.00 19.34
CA PRO A 243 27.58 -31.43 20.11
C PRO A 243 26.75 -30.48 19.26
N ARG A 244 25.43 -30.46 19.51
CA ARG A 244 24.46 -29.74 18.70
C ARG A 244 23.59 -28.84 19.58
N GLU A 245 22.52 -28.31 19.01
CA GLU A 245 21.68 -27.34 19.69
C GLU A 245 21.07 -27.97 20.93
N GLY A 246 21.00 -27.20 22.02
CA GLY A 246 20.41 -27.71 23.26
C GLY A 246 21.28 -28.81 23.87
N ASP A 247 20.66 -29.96 24.14
CA ASP A 247 21.34 -31.11 24.73
C ASP A 247 21.75 -32.15 23.68
N LEU A 248 21.38 -31.90 22.40
CA LEU A 248 21.55 -32.89 21.35
C LEU A 248 23.04 -33.02 21.03
N ILE A 249 23.42 -34.23 20.59
CA ILE A 249 24.68 -34.46 19.95
C ILE A 249 24.45 -35.23 18.65
N ARG A 250 25.42 -35.12 17.75
CA ARG A 250 25.54 -36.02 16.63
C ARG A 250 26.73 -36.96 16.84
N LEU A 251 26.54 -38.25 16.55
CA LEU A 251 27.61 -39.23 16.52
C LEU A 251 27.86 -39.65 15.08
N TYR A 252 29.09 -39.41 14.59
CA TYR A 252 29.60 -40.04 13.38
C TYR A 252 30.27 -41.35 13.77
N ILE A 253 29.88 -42.49 13.17
CA ILE A 253 30.51 -43.77 13.48
C ILE A 253 31.07 -44.38 12.19
N GLN A 254 32.38 -44.60 12.14
CA GLN A 254 32.99 -45.16 10.94
C GLN A 254 32.61 -46.64 10.83
N LEU A 255 32.28 -47.05 9.60
CA LEU A 255 31.83 -48.41 9.30
C LEU A 255 32.76 -49.03 8.26
N ALA A 256 32.57 -50.33 8.03
CA ALA A 256 33.35 -51.07 7.05
C ALA A 256 32.49 -51.43 5.83
N ASP A 257 33.16 -51.78 4.74
CA ASP A 257 32.52 -52.28 3.54
C ASP A 257 31.66 -53.49 3.90
N ARG A 258 32.18 -54.33 4.80
CA ARG A 258 31.54 -55.56 5.25
C ARG A 258 30.18 -55.30 5.92
N ASP A 259 30.02 -54.16 6.62
CA ASP A 259 28.81 -53.80 7.35
C ASP A 259 27.66 -53.48 6.40
N VAL A 260 27.93 -53.19 5.10
CA VAL A 260 26.84 -52.97 4.14
C VAL A 260 26.85 -53.99 2.99
N LEU A 261 27.72 -55.01 3.04
CA LEU A 261 27.71 -56.04 2.02
C LEU A 261 26.92 -57.25 2.51
N ASP A 262 26.37 -58.00 1.54
CA ASP A 262 25.60 -59.21 1.77
C ASP A 262 26.53 -60.41 2.03
N PRO A 263 26.57 -61.01 3.26
CA PRO A 263 27.48 -62.13 3.55
C PRO A 263 27.41 -63.27 2.53
N ALA A 264 26.23 -63.48 1.91
CA ALA A 264 26.06 -64.47 0.85
C ALA A 264 26.44 -63.85 -0.50
N THR A 265 25.52 -63.08 -1.13
CA THR A 265 25.67 -62.74 -2.53
C THR A 265 26.48 -61.46 -2.74
N GLY A 266 27.15 -60.98 -1.68
CA GLY A 266 28.09 -59.87 -1.78
C GLY A 266 27.58 -58.67 -2.58
N ARG A 267 26.30 -58.28 -2.38
CA ARG A 267 25.75 -57.07 -3.01
C ARG A 267 25.54 -55.95 -1.98
N VAL A 268 25.63 -54.69 -2.44
CA VAL A 268 25.44 -53.52 -1.59
C VAL A 268 23.98 -53.48 -1.09
N ASP A 269 23.78 -53.72 0.22
CA ASP A 269 22.48 -53.80 0.87
C ASP A 269 22.44 -52.82 2.04
N LYS A 270 21.99 -51.58 1.80
CA LYS A 270 22.11 -50.53 2.80
C LYS A 270 21.18 -50.74 3.99
N SER A 271 20.18 -51.64 3.83
CA SER A 271 19.19 -51.90 4.87
C SER A 271 19.79 -52.71 6.02
N ARG A 272 21.06 -53.11 5.92
CA ARG A 272 21.67 -53.92 6.96
C ARG A 272 22.09 -53.03 8.11
N VAL A 273 22.08 -51.71 7.93
CA VAL A 273 22.49 -50.79 8.97
C VAL A 273 21.28 -49.98 9.44
N SER A 274 20.92 -50.14 10.72
CA SER A 274 19.85 -49.39 11.35
C SER A 274 20.44 -48.42 12.36
N PRO A 275 19.69 -47.35 12.73
CA PRO A 275 20.15 -46.43 13.77
C PRO A 275 20.28 -47.17 15.12
N GLU A 276 19.38 -48.14 15.36
CA GLU A 276 19.43 -48.91 16.59
CA GLU A 276 19.44 -48.90 16.61
C GLU A 276 20.80 -49.59 16.73
N LYS A 277 21.30 -50.11 15.59
CA LYS A 277 22.57 -50.81 15.57
C LYS A 277 23.75 -49.85 15.74
N LEU A 278 23.67 -48.70 15.06
CA LEU A 278 24.70 -47.68 15.20
C LEU A 278 24.81 -47.25 16.66
N LEU A 279 23.67 -47.09 17.35
CA LEU A 279 23.71 -46.69 18.74
C LEU A 279 24.32 -47.80 19.60
N ALA A 280 24.09 -49.07 19.22
CA ALA A 280 24.65 -50.20 19.96
C ALA A 280 26.18 -50.21 19.86
N VAL A 281 26.68 -49.81 18.69
CA VAL A 281 28.10 -49.69 18.45
C VAL A 281 28.67 -48.57 19.31
N ALA A 282 27.98 -47.43 19.36
CA ALA A 282 28.40 -46.31 20.21
C ALA A 282 28.47 -46.71 21.67
N LYS A 283 27.41 -47.37 22.15
CA LYS A 283 27.41 -47.87 23.51
C LYS A 283 28.73 -48.56 23.83
N GLU A 284 29.19 -49.44 22.94
CA GLU A 284 30.37 -50.25 23.21
C GLU A 284 31.60 -49.36 23.21
N SER A 285 31.68 -48.45 22.23
CA SER A 285 32.84 -47.60 22.05
C SER A 285 33.05 -46.67 23.26
N PHE A 286 31.99 -46.36 24.02
CA PHE A 286 32.10 -45.35 25.05
C PHE A 286 32.47 -45.96 26.39
N LYS A 287 32.55 -47.30 26.46
CA LYS A 287 32.82 -47.96 27.72
C LYS A 287 34.19 -47.52 28.23
N PRO A 288 34.33 -47.18 29.54
CA PRO A 288 33.30 -47.44 30.55
C PRO A 288 32.17 -46.43 30.75
N PHE A 289 32.16 -45.36 29.97
CA PHE A 289 31.08 -44.38 30.09
C PHE A 289 29.83 -44.94 29.42
N SER A 290 28.68 -44.48 29.91
CA SER A 290 27.40 -44.86 29.33
C SER A 290 27.12 -44.00 28.11
N MET A 291 26.27 -44.50 27.20
CA MET A 291 25.80 -43.72 26.07
C MET A 291 24.55 -44.40 25.49
N GLY A 292 23.42 -43.71 25.63
CA GLY A 292 22.15 -44.19 25.12
C GLY A 292 21.34 -43.00 24.70
N ALA A 293 20.13 -43.22 24.21
CA ALA A 293 19.32 -42.10 23.77
C ALA A 293 18.16 -41.94 24.73
N LYS A 294 17.82 -40.70 25.06
CA LYS A 294 16.67 -40.45 25.90
C LYS A 294 15.36 -40.72 25.14
N ASN A 295 15.32 -40.50 23.83
CA ASN A 295 14.03 -40.52 23.16
C ASN A 295 14.18 -40.82 21.66
N GLY A 296 14.67 -42.02 21.33
CA GLY A 296 14.94 -42.38 19.94
C GLY A 296 15.89 -41.39 19.23
N PHE A 297 15.69 -41.25 17.93
CA PHE A 297 16.62 -40.57 17.07
C PHE A 297 15.99 -39.30 16.56
N GLU A 298 16.62 -38.16 16.80
CA GLU A 298 16.24 -36.95 16.08
C GLU A 298 16.39 -37.17 14.59
N TRP A 299 17.46 -37.88 14.18
CA TRP A 299 17.76 -38.10 12.77
C TRP A 299 18.86 -39.13 12.62
N TRP A 300 19.00 -39.73 11.44
CA TRP A 300 20.13 -40.57 11.13
C TRP A 300 20.33 -40.72 9.63
N THR A 301 21.52 -41.18 9.23
CA THR A 301 21.75 -41.56 7.85
C THR A 301 22.97 -42.46 7.76
N LEU A 302 23.12 -43.05 6.58
CA LEU A 302 24.34 -43.68 6.12
C LEU A 302 25.04 -42.73 5.18
N TYR A 303 26.14 -42.14 5.64
CA TYR A 303 26.85 -41.18 4.84
C TYR A 303 27.87 -41.95 4.04
N ILE A 304 27.71 -41.96 2.72
CA ILE A 304 28.72 -42.54 1.84
C ILE A 304 29.42 -41.38 1.13
N ILE A 305 30.75 -41.29 1.28
CA ILE A 305 31.47 -40.06 1.02
C ILE A 305 32.87 -40.40 0.53
N GLY A 306 33.19 -39.85 -0.63
CA GLY A 306 34.55 -39.87 -1.14
C GLY A 306 35.05 -38.46 -1.33
N GLN A 307 36.31 -38.31 -1.73
CA GLN A 307 36.90 -37.01 -1.96
C GLN A 307 37.26 -36.88 -3.43
N ARG A 308 36.64 -35.90 -4.09
CA ARG A 308 36.84 -35.70 -5.52
C ARG A 308 36.59 -34.24 -5.88
N VAL A 309 37.06 -33.84 -7.06
CA VAL A 309 36.90 -32.50 -7.58
C VAL A 309 36.47 -32.58 -9.02
N ALA A 310 35.50 -31.77 -9.38
CA ALA A 310 35.10 -31.70 -10.78
C ALA A 310 36.27 -31.14 -11.60
N SER A 311 36.36 -31.65 -12.84
CA SER A 311 37.41 -31.27 -13.76
C SER A 311 37.22 -29.83 -14.23
N ARG A 312 35.99 -29.29 -14.11
CA ARG A 312 35.64 -27.93 -14.49
C ARG A 312 34.53 -27.44 -13.57
N PHE A 313 34.52 -26.16 -13.19
CA PHE A 313 33.48 -25.62 -12.32
C PHE A 313 32.54 -24.68 -13.09
N SER A 314 32.78 -24.51 -14.39
CA SER A 314 31.83 -23.87 -15.26
C SER A 314 32.02 -24.34 -16.69
N LEU A 315 30.98 -24.12 -17.50
CA LEU A 315 31.01 -24.22 -18.94
C LEU A 315 30.74 -22.82 -19.48
N HIS A 316 31.73 -22.25 -20.16
CA HIS A 316 31.64 -20.97 -20.87
C HIS A 316 31.31 -19.80 -19.92
N GLU A 317 31.52 -19.99 -18.61
CA GLU A 317 31.16 -19.03 -17.57
C GLU A 317 29.67 -18.67 -17.65
N ARG A 318 28.83 -19.64 -18.05
CA ARG A 318 27.40 -19.42 -18.16
C ARG A 318 26.61 -20.42 -17.32
N VAL A 319 27.09 -21.67 -17.22
CA VAL A 319 26.60 -22.63 -16.26
C VAL A 319 27.72 -22.97 -15.27
N PHE A 320 27.46 -22.79 -13.98
CA PHE A 320 28.42 -23.07 -12.95
C PHE A 320 27.96 -24.22 -12.07
N ILE A 321 28.92 -24.82 -11.35
CA ILE A 321 28.57 -25.73 -10.27
C ILE A 321 29.30 -25.31 -8.99
N ALA A 322 28.71 -25.70 -7.87
CA ALA A 322 29.19 -25.30 -6.57
C ALA A 322 28.86 -26.37 -5.53
N GLY A 323 29.70 -26.37 -4.48
CA GLY A 323 29.51 -27.23 -3.34
C GLY A 323 29.76 -28.69 -3.69
N ASP A 324 28.99 -29.61 -3.13
CA ASP A 324 29.21 -31.04 -3.34
C ASP A 324 29.06 -31.38 -4.82
N ALA A 325 28.40 -30.53 -5.59
CA ALA A 325 28.27 -30.76 -7.02
C ALA A 325 29.62 -30.70 -7.73
N CYS A 326 30.61 -30.03 -7.13
CA CYS A 326 31.92 -30.00 -7.75
C CYS A 326 33.08 -30.33 -6.83
N HIS A 327 32.85 -30.63 -5.55
CA HIS A 327 33.90 -31.16 -4.70
C HIS A 327 33.36 -31.65 -3.37
N THR A 328 33.87 -32.81 -2.93
CA THR A 328 33.42 -33.45 -1.71
C THR A 328 34.62 -33.68 -0.80
N HIS A 329 34.35 -33.71 0.51
CA HIS A 329 35.39 -33.82 1.52
C HIS A 329 34.98 -34.77 2.63
N SER A 330 35.96 -35.51 3.16
CA SER A 330 35.65 -36.49 4.19
C SER A 330 35.26 -35.74 5.46
N PRO A 331 34.50 -36.41 6.35
CA PRO A 331 34.13 -35.81 7.62
C PRO A 331 35.35 -35.40 8.48
N LYS A 332 36.41 -36.22 8.41
CA LYS A 332 37.65 -35.98 9.14
C LYS A 332 38.40 -34.76 8.62
N ALA A 333 38.11 -34.34 7.38
CA ALA A 333 38.69 -33.14 6.79
C ALA A 333 38.10 -31.87 7.44
N GLY A 334 36.98 -32.05 8.13
CA GLY A 334 36.39 -31.00 8.94
C GLY A 334 35.73 -29.89 8.10
N GLN A 335 35.36 -30.16 6.84
CA GLN A 335 34.84 -29.08 6.02
C GLN A 335 33.31 -28.97 6.12
N GLY A 336 32.61 -30.07 6.40
CA GLY A 336 31.16 -30.08 6.24
C GLY A 336 30.72 -29.29 5.00
N MET A 337 29.82 -28.30 5.18
CA MET A 337 29.26 -27.59 4.04
C MET A 337 29.92 -26.22 3.90
N ASN A 338 31.02 -26.00 4.64
CA ASN A 338 31.63 -24.69 4.73
C ASN A 338 32.28 -24.23 3.42
N ALA A 339 33.02 -25.10 2.74
CA ALA A 339 33.60 -24.74 1.45
C ALA A 339 32.50 -24.58 0.42
N SER A 340 31.42 -25.36 0.51
CA SER A 340 30.27 -25.17 -0.34
C SER A 340 29.72 -23.75 -0.21
N MET A 341 29.45 -23.27 1.01
CA MET A 341 28.92 -21.93 1.19
C MET A 341 29.90 -20.84 0.73
N ASN A 342 31.20 -21.06 0.92
CA ASN A 342 32.16 -20.04 0.50
C ASN A 342 32.36 -20.04 -1.01
N ASP A 343 31.98 -21.12 -1.70
CA ASP A 343 31.98 -21.14 -3.15
C ASP A 343 31.03 -20.08 -3.67
N THR A 344 29.78 -20.06 -3.20
CA THR A 344 28.77 -19.16 -3.77
C THR A 344 28.91 -17.74 -3.24
N HIS A 345 29.53 -17.55 -2.07
CA HIS A 345 29.90 -16.22 -1.61
C HIS A 345 30.94 -15.59 -2.54
N ASN A 346 31.78 -16.44 -3.12
CA ASN A 346 32.74 -16.05 -4.12
C ASN A 346 32.03 -15.71 -5.44
N LEU A 347 31.03 -16.51 -5.83
CA LEU A 347 30.46 -16.42 -7.16
C LEU A 347 29.51 -15.21 -7.31
N ALA A 348 28.67 -14.95 -6.28
CA ALA A 348 27.49 -14.12 -6.48
C ALA A 348 27.84 -12.67 -6.78
N TRP A 349 28.74 -12.07 -6.01
CA TRP A 349 29.15 -10.70 -6.28
C TRP A 349 29.69 -10.59 -7.70
N LYS A 350 30.35 -11.65 -8.17
CA LYS A 350 30.94 -11.64 -9.50
C LYS A 350 29.85 -11.71 -10.56
N LEU A 351 28.85 -12.57 -10.37
CA LEU A 351 27.68 -12.58 -11.26
C LEU A 351 26.99 -11.22 -11.24
N THR A 352 26.81 -10.70 -10.03
CA THR A 352 26.15 -9.42 -9.83
C THR A 352 26.84 -8.35 -10.68
N HIS A 353 28.16 -8.23 -10.56
CA HIS A 353 28.90 -7.20 -11.27
C HIS A 353 28.77 -7.34 -12.79
N VAL A 354 28.80 -8.58 -13.30
CA VAL A 354 28.67 -8.78 -14.73
C VAL A 354 27.30 -8.29 -15.20
N LEU A 355 26.25 -8.60 -14.43
CA LEU A 355 24.89 -8.25 -14.81
C LEU A 355 24.67 -6.75 -14.74
N ARG A 356 25.26 -6.09 -13.76
CA ARG A 356 25.15 -4.65 -13.64
C ARG A 356 26.00 -3.93 -14.70
N GLY A 357 26.79 -4.68 -15.49
CA GLY A 357 27.67 -4.08 -16.48
C GLY A 357 28.91 -3.43 -15.87
N TRP A 358 29.20 -3.74 -14.60
CA TRP A 358 30.35 -3.15 -13.89
C TRP A 358 31.62 -3.93 -14.20
N ALA A 359 31.48 -5.22 -14.49
CA ALA A 359 32.65 -6.03 -14.79
C ALA A 359 32.44 -6.77 -16.11
N ASP A 360 33.59 -6.96 -16.79
CA ASP A 360 33.65 -7.79 -17.97
C ASP A 360 33.30 -9.21 -17.57
N ILE A 361 32.70 -9.97 -18.51
CA ILE A 361 32.19 -11.30 -18.21
C ILE A 361 33.32 -12.24 -17.81
N SER A 362 34.54 -11.94 -18.27
CA SER A 362 35.70 -12.79 -18.05
C SER A 362 36.09 -12.87 -16.58
N VAL A 363 35.56 -11.97 -15.75
CA VAL A 363 35.92 -11.97 -14.36
C VAL A 363 35.41 -13.28 -13.74
N LEU A 364 34.37 -13.87 -14.31
CA LEU A 364 33.77 -15.09 -13.77
C LEU A 364 34.72 -16.27 -13.90
N LYS A 365 35.74 -16.16 -14.74
CA LYS A 365 36.78 -17.19 -14.79
C LYS A 365 37.48 -17.29 -13.44
N THR A 366 37.49 -16.22 -12.66
CA THR A 366 38.15 -16.24 -11.37
C THR A 366 37.45 -17.19 -10.39
N TYR A 367 36.18 -17.49 -10.60
CA TYR A 367 35.47 -18.41 -9.71
C TYR A 367 36.12 -19.78 -9.73
N GLU A 368 36.24 -20.37 -10.92
CA GLU A 368 36.87 -21.67 -11.07
C GLU A 368 38.31 -21.58 -10.57
N PHE A 369 39.05 -20.56 -11.00
CA PHE A 369 40.45 -20.41 -10.67
C PHE A 369 40.67 -20.44 -9.15
N GLU A 370 39.81 -19.73 -8.42
CA GLU A 370 39.95 -19.56 -6.98
C GLU A 370 39.44 -20.78 -6.24
N ARG A 371 38.20 -21.21 -6.54
CA ARG A 371 37.49 -22.18 -5.73
C ARG A 371 37.87 -23.62 -6.06
N ARG A 372 38.21 -23.89 -7.31
CA ARG A 372 38.63 -25.24 -7.69
C ARG A 372 40.02 -25.53 -7.15
N LYS A 373 40.90 -24.52 -7.12
CA LYS A 373 42.23 -24.68 -6.56
C LYS A 373 42.12 -24.96 -5.07
N TYR A 374 41.24 -24.23 -4.38
CA TYR A 374 41.07 -24.44 -2.96
C TYR A 374 40.62 -25.88 -2.71
N ALA A 375 39.72 -26.39 -3.52
CA ALA A 375 39.19 -27.73 -3.30
C ALA A 375 40.29 -28.77 -3.49
N GLN A 376 41.15 -28.56 -4.49
CA GLN A 376 42.26 -29.46 -4.79
C GLN A 376 43.27 -29.42 -3.64
N ASP A 377 43.56 -28.20 -3.15
CA ASP A 377 44.49 -27.99 -2.05
C ASP A 377 44.03 -28.74 -0.79
N LEU A 378 42.69 -28.74 -0.54
CA LEU A 378 42.15 -29.44 0.62
C LEU A 378 42.42 -30.92 0.56
N ILE A 379 42.14 -31.50 -0.60
CA ILE A 379 42.19 -32.95 -0.77
C ILE A 379 43.64 -33.40 -0.85
N ASP A 380 44.52 -32.58 -1.46
CA ASP A 380 45.95 -32.88 -1.55
C ASP A 380 46.55 -32.91 -0.17
N PHE A 381 46.14 -31.97 0.68
CA PHE A 381 46.56 -31.92 2.08
C PHE A 381 46.02 -33.13 2.85
N ASP A 382 44.75 -33.50 2.65
CA ASP A 382 44.17 -34.63 3.36
C ASP A 382 44.88 -35.93 2.97
N LYS A 383 45.19 -36.15 1.70
CA LYS A 383 45.87 -37.38 1.29
C LYS A 383 47.25 -37.47 1.94
N LYS A 384 48.05 -36.40 1.85
CA LYS A 384 49.41 -36.34 2.41
C LYS A 384 49.41 -36.51 3.94
N PHE A 385 48.49 -35.86 4.65
CA PHE A 385 48.73 -35.58 6.05
C PHE A 385 47.60 -36.02 6.99
N SER A 386 46.53 -36.67 6.53
CA SER A 386 45.37 -36.91 7.40
C SER A 386 45.64 -38.03 8.40
N LYS A 387 46.62 -38.91 8.11
CA LYS A 387 47.13 -39.95 9.00
C LYS A 387 47.55 -39.37 10.37
N LEU A 388 47.96 -38.10 10.39
CA LEU A 388 48.43 -37.46 11.60
C LEU A 388 47.27 -37.07 12.53
N PHE A 389 46.03 -37.02 12.04
CA PHE A 389 44.96 -36.28 12.72
C PHE A 389 43.72 -37.13 12.94
N SER A 390 43.88 -38.45 13.12
CA SER A 390 42.76 -39.29 13.56
C SER A 390 42.38 -39.02 15.03
N GLY A 391 43.31 -38.39 15.77
CA GLY A 391 43.13 -38.00 17.15
C GLY A 391 43.80 -38.99 18.09
N LYS A 392 44.69 -39.83 17.57
CA LYS A 392 45.54 -40.69 18.36
C LYS A 392 46.71 -39.86 18.84
N PRO A 393 47.22 -40.08 20.08
CA PRO A 393 48.22 -39.17 20.65
C PRO A 393 49.58 -39.48 20.00
N ARG A 394 50.44 -38.47 19.87
CA ARG A 394 51.80 -38.73 19.42
C ARG A 394 52.61 -39.29 20.58
N THR A 395 52.88 -40.60 20.53
CA THR A 395 53.55 -41.34 21.57
C THR A 395 55.03 -41.54 21.25
N GLU A 396 55.34 -41.73 19.96
CA GLU A 396 56.60 -42.30 19.52
C GLU A 396 57.56 -41.21 19.03
N ASP A 397 58.82 -41.62 18.89
CA ASP A 397 59.83 -40.92 18.11
C ASP A 397 59.40 -40.90 16.63
N ASN A 398 59.26 -39.71 16.03
CA ASN A 398 59.16 -39.54 14.59
C ASN A 398 58.01 -40.38 14.06
N GLN A 399 56.87 -40.26 14.74
CA GLN A 399 55.67 -41.04 14.48
C GLN A 399 55.02 -40.67 13.14
N ASP A 400 54.54 -41.70 12.44
CA ASP A 400 53.90 -41.61 11.13
C ASP A 400 54.90 -41.07 10.09
N GLY A 401 56.21 -41.22 10.40
CA GLY A 401 57.28 -40.77 9.52
C GLY A 401 57.35 -39.24 9.39
N VAL A 402 57.08 -38.50 10.46
CA VAL A 402 57.29 -37.06 10.45
C VAL A 402 57.82 -36.64 11.81
N SER A 403 58.69 -35.61 11.80
CA SER A 403 59.32 -35.08 12.99
C SER A 403 58.36 -34.21 13.78
N HIS A 404 58.77 -33.76 14.98
CA HIS A 404 57.94 -32.87 15.76
C HIS A 404 57.71 -31.56 15.00
N GLU A 405 58.77 -31.05 14.35
CA GLU A 405 58.73 -29.76 13.67
C GLU A 405 57.73 -29.84 12.49
N GLU A 406 57.81 -30.91 11.71
CA GLU A 406 56.96 -31.13 10.55
C GLU A 406 55.52 -31.39 11.00
N PHE A 407 55.33 -32.09 12.12
CA PHE A 407 53.99 -32.32 12.67
C PHE A 407 53.32 -30.99 13.02
N LEU A 408 54.08 -30.11 13.67
CA LEU A 408 53.54 -28.86 14.17
C LEU A 408 53.16 -27.97 12.99
N GLU A 409 53.94 -28.02 11.91
CA GLU A 409 53.67 -27.23 10.71
C GLU A 409 52.39 -27.73 10.02
N ALA A 410 52.24 -29.07 9.97
CA ALA A 410 51.05 -29.67 9.38
C ALA A 410 49.79 -29.40 10.22
N PHE A 411 49.90 -29.49 11.55
CA PHE A 411 48.78 -29.17 12.43
C PHE A 411 48.34 -27.72 12.25
N GLN A 412 49.30 -26.83 11.95
CA GLN A 412 49.07 -25.41 11.72
C GLN A 412 48.33 -25.19 10.41
N THR A 413 48.85 -25.81 9.34
CA THR A 413 48.20 -25.77 8.05
C THR A 413 46.77 -26.31 8.16
N PHE A 414 46.63 -27.48 8.82
CA PHE A 414 45.32 -28.14 8.94
C PHE A 414 44.31 -27.22 9.62
N GLY A 415 44.78 -26.55 10.68
CA GLY A 415 43.97 -25.63 11.44
C GLY A 415 43.51 -24.46 10.58
N LEU A 416 44.38 -24.03 9.68
CA LEU A 416 44.02 -22.97 8.74
C LEU A 416 43.02 -23.49 7.69
N PHE A 417 43.02 -24.79 7.37
CA PHE A 417 42.04 -25.29 6.43
C PHE A 417 40.68 -25.34 7.12
N THR A 418 40.63 -25.90 8.33
CA THR A 418 39.37 -26.10 9.02
C THR A 418 38.79 -24.77 9.51
N SER A 419 39.61 -23.77 9.85
CA SER A 419 39.06 -22.49 10.27
C SER A 419 38.40 -21.77 9.09
N GLY A 420 38.90 -22.02 7.88
CA GLY A 420 38.45 -21.31 6.69
C GLY A 420 39.21 -20.01 6.44
N ILE A 421 40.15 -19.71 7.35
CA ILE A 421 40.86 -18.45 7.32
C ILE A 421 42.11 -18.53 6.44
N GLY A 422 42.57 -19.75 6.14
CA GLY A 422 43.80 -19.95 5.41
C GLY A 422 43.69 -19.61 3.93
N VAL A 423 42.46 -19.53 3.40
CA VAL A 423 42.22 -19.37 1.98
C VAL A 423 43.06 -18.24 1.42
N HIS A 424 43.95 -18.59 0.50
CA HIS A 424 44.87 -17.68 -0.12
C HIS A 424 44.72 -17.84 -1.62
N TYR A 425 44.02 -16.90 -2.25
CA TYR A 425 43.82 -16.87 -3.69
C TYR A 425 45.07 -16.41 -4.42
N GLN A 426 45.35 -17.07 -5.55
CA GLN A 426 46.53 -16.78 -6.36
C GLN A 426 46.30 -15.55 -7.23
N PRO A 427 47.36 -14.88 -7.72
CA PRO A 427 47.21 -13.71 -8.59
C PRO A 427 46.29 -13.93 -9.78
N SER A 428 45.49 -12.91 -10.11
CA SER A 428 44.50 -12.98 -11.17
C SER A 428 44.12 -11.55 -11.50
N ALA A 429 43.13 -11.37 -12.36
CA ALA A 429 42.57 -10.06 -12.59
C ALA A 429 42.16 -9.34 -11.28
N ILE A 430 41.66 -10.10 -10.27
CA ILE A 430 41.12 -9.45 -9.08
C ILE A 430 42.03 -9.62 -7.86
N THR A 431 43.26 -10.12 -8.09
CA THR A 431 44.24 -10.31 -7.03
C THR A 431 45.61 -9.88 -7.57
N HIS A 432 46.07 -8.68 -7.21
CA HIS A 432 47.33 -8.14 -7.68
C HIS A 432 48.31 -8.13 -6.52
N ALA A 433 49.28 -9.05 -6.57
CA ALA A 433 50.19 -9.24 -5.45
C ALA A 433 51.39 -8.33 -5.65
N LYS A 434 51.24 -7.09 -5.18
CA LYS A 434 52.25 -6.06 -5.30
C LYS A 434 52.18 -5.22 -4.03
N HIS A 435 53.30 -4.61 -3.65
CA HIS A 435 53.35 -3.73 -2.49
C HIS A 435 52.99 -4.48 -1.21
N GLN A 436 53.14 -5.81 -1.19
CA GLN A 436 52.85 -6.62 0.00
C GLN A 436 53.62 -6.08 1.20
N ASP A 437 54.87 -5.69 0.94
CA ASP A 437 55.80 -5.07 1.86
C ASP A 437 55.12 -4.07 2.82
N LEU A 438 54.16 -3.29 2.30
CA LEU A 438 53.63 -2.10 2.97
C LEU A 438 52.60 -2.44 4.03
N ALA A 439 52.05 -3.67 3.97
CA ALA A 439 51.17 -4.18 5.01
C ALA A 439 51.27 -5.70 5.04
N SER A 440 52.41 -6.19 5.54
CA SER A 440 52.80 -7.60 5.43
C SER A 440 51.78 -8.55 6.09
N THR A 441 50.97 -8.06 7.03
CA THR A 441 49.97 -8.86 7.71
C THR A 441 48.70 -9.01 6.86
N LEU A 442 48.43 -8.02 6.02
CA LEU A 442 47.26 -8.03 5.18
C LEU A 442 47.61 -8.74 3.88
N VAL A 443 47.71 -10.05 4.01
CA VAL A 443 48.15 -10.85 2.89
C VAL A 443 47.14 -10.67 1.77
N ILE A 444 47.68 -10.36 0.58
CA ILE A 444 46.88 -10.18 -0.60
C ILE A 444 46.36 -11.55 -1.04
N GLY A 445 45.06 -11.65 -1.26
CA GLY A 445 44.45 -12.92 -1.61
C GLY A 445 43.83 -13.63 -0.39
N GLU A 446 44.13 -13.13 0.80
CA GLU A 446 43.54 -13.66 2.02
C GLU A 446 42.53 -12.67 2.57
N ARG A 447 41.70 -13.14 3.49
CA ARG A 447 40.61 -12.32 3.99
C ARG A 447 41.19 -11.20 4.83
N MET A 448 40.48 -10.07 4.84
CA MET A 448 40.92 -8.89 5.57
C MET A 448 41.04 -9.27 7.03
N VAL A 449 42.13 -8.83 7.67
CA VAL A 449 42.45 -9.27 9.02
C VAL A 449 41.67 -8.43 10.02
N PRO A 450 40.90 -9.08 10.92
CA PRO A 450 40.19 -8.39 11.98
C PRO A 450 41.13 -7.56 12.83
N HIS A 451 40.70 -6.30 13.09
CA HIS A 451 41.24 -5.41 14.12
C HIS A 451 40.19 -4.35 14.39
N VAL A 452 40.19 -3.78 15.61
CA VAL A 452 39.22 -2.77 15.99
C VAL A 452 39.78 -1.37 15.77
N PHE A 453 38.96 -0.54 15.09
CA PHE A 453 39.21 0.89 15.01
C PHE A 453 38.04 1.64 15.63
N VAL A 454 38.14 2.97 15.68
CA VAL A 454 37.20 3.80 16.38
C VAL A 454 36.83 4.95 15.45
N ARG A 455 35.54 5.28 15.38
CA ARG A 455 35.07 6.40 14.59
C ARG A 455 35.46 7.71 15.25
N ALA A 456 35.94 8.69 14.47
CA ALA A 456 36.29 9.99 15.01
C ALA A 456 35.05 10.77 15.47
N ALA A 457 33.90 10.53 14.84
CA ALA A 457 32.73 11.37 15.01
C ALA A 457 32.10 11.13 16.37
N ASP A 458 32.07 9.86 16.79
CA ASP A 458 31.26 9.47 17.95
C ASP A 458 32.00 8.48 18.84
N ALA A 459 33.21 8.04 18.47
CA ALA A 459 34.07 7.25 19.33
C ALA A 459 33.58 5.80 19.42
N ARG A 460 32.60 5.43 18.59
CA ARG A 460 32.14 4.06 18.62
C ARG A 460 33.19 3.14 17.97
N PRO A 461 33.57 2.04 18.64
CA PRO A 461 34.49 1.06 18.07
C PRO A 461 33.78 0.04 17.19
N TYR A 462 34.50 -0.40 16.15
CA TYR A 462 34.00 -1.36 15.19
C TYR A 462 35.19 -2.20 14.77
N ASP A 463 34.98 -3.51 14.63
CA ASP A 463 35.96 -4.31 13.95
C ASP A 463 35.92 -3.88 12.49
N ILE A 464 37.08 -3.84 11.85
CA ILE A 464 37.14 -3.44 10.46
C ILE A 464 36.23 -4.32 9.64
N GLN A 465 36.01 -5.57 10.07
CA GLN A 465 35.20 -6.46 9.26
C GLN A 465 33.77 -5.96 9.22
N ASP A 466 33.35 -5.29 10.29
CA ASP A 466 31.99 -4.78 10.34
C ASP A 466 31.82 -3.60 9.40
N VAL A 467 32.90 -3.01 8.87
CA VAL A 467 32.74 -1.93 7.90
C VAL A 467 33.00 -2.46 6.49
N LEU A 468 33.05 -3.79 6.36
CA LEU A 468 33.27 -4.42 5.06
C LEU A 468 32.16 -5.45 4.81
N PRO A 469 30.89 -4.98 4.69
CA PRO A 469 29.75 -5.87 4.47
C PRO A 469 29.74 -6.44 3.05
N ALA A 470 28.89 -7.44 2.84
CA ALA A 470 28.65 -8.00 1.52
C ALA A 470 27.53 -7.21 0.85
N ASP A 471 27.88 -6.01 0.39
CA ASP A 471 26.95 -5.08 -0.23
C ASP A 471 27.29 -4.93 -1.72
N ALA A 472 28.06 -5.86 -2.25
CA ALA A 472 28.42 -5.85 -3.66
C ALA A 472 29.33 -4.67 -4.02
N ARG A 473 29.87 -3.96 -3.00
CA ARG A 473 30.81 -2.89 -3.29
C ARG A 473 32.24 -3.31 -3.01
N PHE A 474 33.17 -2.78 -3.81
CA PHE A 474 34.58 -2.77 -3.42
C PHE A 474 34.79 -1.70 -2.34
N LYS A 475 35.73 -1.94 -1.43
CA LYS A 475 36.02 -1.00 -0.36
C LYS A 475 37.46 -0.54 -0.51
N ILE A 476 37.67 0.77 -0.55
CA ILE A 476 38.99 1.35 -0.60
C ILE A 476 39.33 1.90 0.79
N LEU A 477 40.20 1.18 1.52
CA LEU A 477 40.66 1.63 2.81
C LEU A 477 41.90 2.49 2.63
N VAL A 478 41.78 3.78 2.94
CA VAL A 478 42.88 4.71 2.78
C VAL A 478 43.46 4.96 4.17
N PHE A 479 44.59 4.31 4.46
CA PHE A 479 45.35 4.51 5.68
C PHE A 479 46.20 5.77 5.52
N THR A 480 45.80 6.85 6.19
CA THR A 480 46.29 8.18 5.84
C THR A 480 47.61 8.51 6.51
N GLY A 481 48.00 7.72 7.50
CA GLY A 481 49.17 8.01 8.30
C GLY A 481 48.83 8.99 9.42
N VAL A 482 49.85 9.69 9.93
CA VAL A 482 49.66 10.63 11.01
C VAL A 482 49.09 11.95 10.45
N ILE A 483 47.75 12.04 10.46
CA ILE A 483 47.01 13.08 9.76
C ILE A 483 47.21 14.45 10.39
N THR A 484 47.66 14.47 11.65
CA THR A 484 47.92 15.68 12.41
C THR A 484 49.21 16.36 11.97
N ASP A 485 50.12 15.64 11.29
CA ASP A 485 51.37 16.21 10.81
C ASP A 485 51.06 16.94 9.50
N PRO A 486 51.27 18.27 9.43
CA PRO A 486 50.90 19.05 8.25
C PRO A 486 51.29 18.44 6.90
N ALA A 487 52.50 17.87 6.84
CA ALA A 487 53.02 17.29 5.61
C ALA A 487 52.14 16.14 5.13
N GLN A 488 51.71 15.29 6.08
CA GLN A 488 50.95 14.08 5.80
C GLN A 488 49.49 14.40 5.59
N ALA A 489 49.04 15.52 6.17
CA ALA A 489 47.72 16.06 5.92
C ALA A 489 47.65 16.60 4.50
N ALA A 490 48.70 17.29 4.04
CA ALA A 490 48.74 17.82 2.67
C ALA A 490 48.75 16.65 1.69
N ARG A 491 49.44 15.57 2.08
CA ARG A 491 49.53 14.36 1.28
C ARG A 491 48.15 13.73 1.13
N ALA A 492 47.43 13.61 2.25
CA ALA A 492 46.09 13.04 2.27
C ALA A 492 45.19 13.81 1.32
N ALA A 493 45.29 15.15 1.35
CA ALA A 493 44.41 16.02 0.58
C ALA A 493 44.69 15.83 -0.91
N ALA A 494 45.98 15.71 -1.24
CA ALA A 494 46.45 15.50 -2.60
C ALA A 494 45.90 14.21 -3.14
N LEU A 495 45.99 13.13 -2.35
CA LEU A 495 45.45 11.86 -2.79
C LEU A 495 43.93 11.94 -3.01
N ALA A 496 43.21 12.62 -2.11
CA ALA A 496 41.77 12.80 -2.25
C ALA A 496 41.44 13.53 -3.55
N GLU A 497 42.17 14.59 -3.92
CA GLU A 497 41.85 15.25 -5.18
C GLU A 497 42.11 14.30 -6.35
N GLU A 498 43.15 13.48 -6.23
CA GLU A 498 43.57 12.57 -7.28
C GLU A 498 42.48 11.53 -7.54
N MET A 499 41.93 10.96 -6.45
CA MET A 499 40.92 9.93 -6.56
C MET A 499 39.63 10.49 -7.12
N ASP A 500 39.30 11.77 -6.79
CA ASP A 500 38.04 12.37 -7.17
C ASP A 500 38.14 13.15 -8.48
N ALA A 501 39.35 13.20 -9.09
CA ALA A 501 39.55 13.83 -10.39
C ALA A 501 38.75 13.12 -11.49
N PRO A 502 38.40 13.81 -12.59
CA PRO A 502 37.40 13.30 -13.54
C PRO A 502 37.86 12.07 -14.30
N GLY A 503 39.18 11.96 -14.52
CA GLY A 503 39.72 10.82 -15.23
C GLY A 503 40.10 9.65 -14.32
N SER A 504 39.87 9.74 -13.02
CA SER A 504 40.37 8.69 -12.13
C SER A 504 39.54 7.43 -12.28
N PHE A 505 40.06 6.32 -11.73
CA PHE A 505 39.39 5.04 -11.81
C PHE A 505 37.99 5.12 -11.20
N TYR A 506 37.86 5.90 -10.13
CA TYR A 506 36.63 5.99 -9.36
C TYR A 506 35.48 6.46 -10.23
N HIS A 507 35.72 7.55 -10.97
CA HIS A 507 34.69 8.15 -11.83
C HIS A 507 34.52 7.38 -13.13
N ARG A 508 35.64 6.95 -13.72
CA ARG A 508 35.68 6.26 -15.01
C ARG A 508 34.94 4.93 -14.93
N PHE A 509 34.89 4.30 -13.74
CA PHE A 509 34.24 3.02 -13.55
C PHE A 509 33.02 3.10 -12.63
N GLY A 510 32.61 4.33 -12.31
CA GLY A 510 31.60 4.58 -11.30
C GLY A 510 30.18 4.69 -11.85
N HIS A 511 30.04 4.69 -13.19
CA HIS A 511 28.72 4.54 -13.79
C HIS A 511 27.74 5.59 -13.28
N GLU A 512 28.18 6.84 -13.13
CA GLU A 512 27.29 7.97 -12.87
C GLU A 512 26.96 8.12 -11.38
N ASN A 513 27.05 7.01 -10.62
CA ASN A 513 27.06 7.11 -9.17
C ASN A 513 28.16 6.22 -8.60
N PRO A 514 29.40 6.72 -8.46
CA PRO A 514 30.54 5.89 -8.07
C PRO A 514 30.48 5.28 -6.68
N ALA A 515 29.75 5.91 -5.76
CA ALA A 515 29.67 5.44 -4.39
C ALA A 515 28.87 4.13 -4.31
N ARG A 516 28.12 3.79 -5.38
CA ARG A 516 27.43 2.51 -5.42
C ARG A 516 28.41 1.38 -5.72
N VAL A 517 29.58 1.73 -6.29
CA VAL A 517 30.57 0.76 -6.70
C VAL A 517 31.69 0.67 -5.66
N PHE A 518 32.09 1.83 -5.14
CA PHE A 518 33.31 1.96 -4.35
C PHE A 518 33.00 2.62 -3.01
N ASP A 519 33.30 1.92 -1.91
CA ASP A 519 33.12 2.43 -0.56
C ASP A 519 34.46 2.94 -0.05
N VAL A 520 34.62 4.25 0.11
CA VAL A 520 35.90 4.82 0.48
C VAL A 520 35.91 5.10 1.98
N LEU A 521 36.92 4.58 2.70
CA LEU A 521 37.07 4.84 4.13
C LEU A 521 38.47 5.36 4.43
N SER A 522 38.59 6.23 5.45
CA SER A 522 39.85 6.72 5.99
C SER A 522 40.17 5.90 7.23
N VAL A 523 41.46 5.65 7.44
CA VAL A 523 41.92 5.17 8.73
C VAL A 523 43.19 5.93 9.07
N SER A 524 43.08 6.92 9.97
CA SER A 524 44.19 7.81 10.30
C SER A 524 44.88 7.31 11.57
N ALA A 525 46.19 7.49 11.61
CA ALA A 525 46.99 7.08 12.74
C ALA A 525 47.12 8.24 13.73
N ALA A 526 46.00 8.58 14.35
CA ALA A 526 46.02 9.54 15.42
C ALA A 526 44.85 9.24 16.34
N LYS A 527 44.77 10.01 17.44
CA LYS A 527 43.72 9.77 18.42
C LYS A 527 42.63 10.83 18.31
N LYS A 528 41.45 10.52 18.88
CA LYS A 528 40.27 11.38 18.76
C LYS A 528 40.49 12.72 19.46
N GLU A 529 41.32 12.71 20.50
CA GLU A 529 41.74 13.93 21.20
C GLU A 529 42.27 14.95 20.19
N ASP A 530 42.81 14.47 19.06
CA ASP A 530 43.53 15.32 18.14
C ASP A 530 42.85 15.41 16.75
N VAL A 531 41.79 14.66 16.51
CA VAL A 531 41.17 14.63 15.19
C VAL A 531 39.65 14.64 15.32
N ASN A 532 39.01 15.68 14.79
CA ASN A 532 37.58 15.60 14.55
C ASN A 532 37.33 15.08 13.13
N TYR A 533 36.14 14.51 12.90
CA TYR A 533 35.84 13.85 11.64
C TYR A 533 35.97 14.85 10.49
N THR A 534 35.71 16.13 10.78
CA THR A 534 35.71 17.18 9.76
C THR A 534 37.12 17.56 9.30
N ASP A 535 38.15 17.11 10.04
CA ASP A 535 39.54 17.42 9.72
C ASP A 535 40.00 16.73 8.43
N LEU A 536 39.28 15.69 7.99
CA LEU A 536 39.76 14.96 6.83
C LEU A 536 39.28 15.57 5.53
N PRO A 537 39.96 15.29 4.42
CA PRO A 537 39.46 15.71 3.10
C PRO A 537 38.03 15.18 2.89
N LYS A 538 37.22 15.88 2.08
CA LYS A 538 35.81 15.53 1.93
C LYS A 538 35.66 14.13 1.38
N PHE A 539 36.54 13.77 0.45
CA PHE A 539 36.50 12.50 -0.23
C PHE A 539 36.75 11.33 0.73
N PHE A 540 37.42 11.62 1.85
CA PHE A 540 37.71 10.64 2.87
C PHE A 540 36.70 10.71 4.02
N ARG A 541 35.61 11.48 3.84
CA ARG A 541 34.53 11.51 4.80
C ARG A 541 33.19 11.71 4.09
N GLN A 542 32.93 10.85 3.10
CA GLN A 542 31.76 11.04 2.26
C GLN A 542 30.53 10.93 3.14
N HIS A 543 30.63 10.18 4.25
CA HIS A 543 29.69 10.18 5.35
C HIS A 543 30.54 10.33 6.61
N TRP A 544 29.97 10.89 7.69
CA TRP A 544 30.76 11.12 8.89
C TRP A 544 31.32 9.82 9.46
N SER A 545 30.72 8.69 9.12
CA SER A 545 31.14 7.42 9.68
C SER A 545 32.34 6.83 8.96
N LYS A 546 32.77 7.45 7.88
CA LYS A 546 33.89 6.88 7.12
C LYS A 546 35.22 7.22 7.77
N VAL A 547 35.21 8.06 8.82
CA VAL A 547 36.48 8.52 9.38
C VAL A 547 36.83 7.64 10.56
N LEU A 548 37.72 6.68 10.35
CA LEU A 548 38.18 5.79 11.42
C LEU A 548 39.55 6.23 11.91
N LEU A 549 39.83 5.91 13.19
CA LEU A 549 41.09 6.22 13.85
C LEU A 549 41.68 4.97 14.47
N ASP A 550 43.01 4.92 14.48
CA ASP A 550 43.73 3.89 15.19
C ASP A 550 43.89 4.35 16.63
N ASP A 551 42.89 4.05 17.46
CA ASP A 551 42.75 4.57 18.81
C ASP A 551 41.83 3.62 19.56
N THR A 552 41.78 3.73 20.90
CA THR A 552 40.95 2.86 21.71
C THR A 552 39.55 3.45 21.88
N ASP A 553 38.57 2.63 22.26
CA ASP A 553 37.29 3.13 22.72
C ASP A 553 37.58 3.92 23.99
N LEU A 554 36.54 4.60 24.52
CA LEU A 554 36.72 5.57 25.60
C LEU A 554 37.18 4.94 26.91
N TYR A 555 36.91 3.65 27.12
CA TYR A 555 37.25 2.94 28.35
C TYR A 555 38.54 2.12 28.19
N ALA A 556 39.25 2.36 27.06
CA ALA A 556 40.48 1.67 26.68
C ALA A 556 40.29 0.15 26.80
N ARG A 557 39.16 -0.37 26.32
CA ARG A 557 38.90 -1.81 26.38
C ARG A 557 39.29 -2.48 25.07
N VAL A 558 39.13 -1.76 23.94
CA VAL A 558 39.42 -2.32 22.64
C VAL A 558 40.06 -1.23 21.78
N GLY A 559 40.67 -1.66 20.68
CA GLY A 559 41.26 -0.74 19.73
C GLY A 559 42.68 -0.34 20.10
N GLY A 560 43.26 0.51 19.25
CA GLY A 560 44.68 0.82 19.28
C GLY A 560 45.50 -0.25 18.59
N GLY A 561 46.69 0.10 18.12
CA GLY A 561 47.69 -0.87 17.67
C GLY A 561 47.39 -1.45 16.29
N GLY A 562 46.53 -0.78 15.53
CA GLY A 562 46.08 -1.28 14.24
C GLY A 562 47.16 -1.16 13.14
N TYR A 563 47.80 0.00 13.04
CA TYR A 563 48.84 0.19 12.06
C TYR A 563 49.96 -0.81 12.36
N GLU A 564 50.32 -0.97 13.63
CA GLU A 564 51.35 -1.91 14.05
C GLU A 564 50.97 -3.36 13.71
N ARG A 565 49.74 -3.74 14.05
CA ARG A 565 49.22 -5.08 13.74
C ARG A 565 49.29 -5.39 12.25
N TYR A 566 48.95 -4.41 11.41
CA TYR A 566 48.81 -4.67 9.99
C TYR A 566 50.17 -4.60 9.32
N GLY A 567 51.15 -4.00 10.00
CA GLY A 567 52.48 -3.82 9.45
C GLY A 567 52.64 -2.56 8.61
N ILE A 568 51.78 -1.56 8.82
CA ILE A 568 51.80 -0.33 8.05
C ILE A 568 52.61 0.75 8.78
N ASP A 569 53.56 1.34 8.06
CA ASP A 569 54.33 2.47 8.56
C ASP A 569 53.39 3.67 8.71
N ALA A 570 53.23 4.15 9.96
CA ALA A 570 52.30 5.22 10.26
C ALA A 570 52.73 6.53 9.60
N GLY A 571 54.00 6.63 9.19
CA GLY A 571 54.53 7.81 8.55
C GLY A 571 54.23 7.87 7.06
N LYS A 572 53.80 6.75 6.47
CA LYS A 572 53.71 6.64 5.01
C LYS A 572 52.32 6.24 4.55
N GLY A 573 51.70 5.31 5.29
CA GLY A 573 50.33 4.92 5.03
C GLY A 573 50.26 4.01 3.82
N ALA A 574 49.04 3.63 3.43
CA ALA A 574 48.84 2.72 2.31
C ALA A 574 47.38 2.73 1.88
N ILE A 575 47.13 2.26 0.65
CA ILE A 575 45.79 2.01 0.16
C ILE A 575 45.58 0.50 0.12
N VAL A 576 44.52 0.01 0.79
CA VAL A 576 44.19 -1.39 0.76
C VAL A 576 42.84 -1.58 0.11
N VAL A 577 42.77 -2.38 -0.96
CA VAL A 577 41.51 -2.59 -1.62
C VAL A 577 40.95 -3.91 -1.14
N VAL A 578 39.69 -3.91 -0.67
CA VAL A 578 39.01 -5.11 -0.26
C VAL A 578 37.85 -5.39 -1.23
N ARG A 579 37.76 -6.62 -1.72
CA ARG A 579 36.73 -7.09 -2.62
C ARG A 579 35.40 -7.16 -1.88
N PRO A 580 34.27 -7.27 -2.60
CA PRO A 580 32.95 -7.42 -1.98
C PRO A 580 32.74 -8.66 -1.10
N ASP A 581 33.61 -9.68 -1.32
CA ASP A 581 33.56 -10.90 -0.55
C ASP A 581 34.51 -10.82 0.63
N GLY A 582 35.20 -9.68 0.81
CA GLY A 582 35.96 -9.39 2.01
C GLY A 582 37.42 -9.87 1.94
N TYR A 583 37.87 -10.31 0.76
CA TYR A 583 39.26 -10.67 0.53
C TYR A 583 40.04 -9.44 0.08
N VAL A 584 41.29 -9.32 0.51
CA VAL A 584 42.17 -8.27 0.06
C VAL A 584 42.56 -8.50 -1.40
N GLY A 585 42.26 -7.50 -2.25
CA GLY A 585 42.56 -7.61 -3.67
C GLY A 585 43.93 -7.02 -4.05
N THR A 586 44.32 -5.89 -3.43
CA THR A 586 45.64 -5.35 -3.67
C THR A 586 46.00 -4.31 -2.61
N ILE A 587 47.24 -3.83 -2.70
CA ILE A 587 47.76 -2.82 -1.81
C ILE A 587 48.57 -1.85 -2.65
N ALA A 588 48.59 -0.59 -2.27
CA ALA A 588 49.45 0.35 -2.96
C ALA A 588 49.83 1.49 -2.00
N PRO A 589 50.97 2.16 -2.25
CA PRO A 589 51.34 3.33 -1.45
C PRO A 589 50.41 4.47 -1.84
N LEU A 590 50.46 5.52 -1.01
CA LEU A 590 49.59 6.68 -1.18
C LEU A 590 49.95 7.43 -2.47
N HIS A 591 51.19 7.26 -2.95
CA HIS A 591 51.65 7.89 -4.17
C HIS A 591 51.44 6.95 -5.37
N GLY A 592 50.79 5.79 -5.18
CA GLY A 592 50.73 4.74 -6.18
C GLY A 592 49.32 4.48 -6.70
N LEU A 593 48.54 5.55 -6.83
CA LEU A 593 47.16 5.35 -7.26
C LEU A 593 47.13 4.68 -8.63
N ARG A 594 48.18 4.84 -9.45
CA ARG A 594 48.18 4.28 -10.80
C ARG A 594 48.02 2.75 -10.72
N ASP A 595 48.50 2.12 -9.63
CA ASP A 595 48.42 0.68 -9.40
C ASP A 595 47.01 0.28 -8.98
N ILE A 596 46.30 1.15 -8.25
CA ILE A 596 44.89 0.93 -7.98
C ILE A 596 44.08 0.99 -9.27
N ASP A 597 44.38 1.98 -10.11
CA ASP A 597 43.72 2.14 -11.41
C ASP A 597 43.95 0.89 -12.25
N ALA A 598 45.17 0.35 -12.19
CA ALA A 598 45.52 -0.84 -12.95
C ALA A 598 44.73 -2.04 -12.43
N TYR A 599 44.59 -2.11 -11.11
CA TYR A 599 43.78 -3.15 -10.49
C TYR A 599 42.42 -3.21 -11.15
N PHE A 600 41.66 -2.12 -11.04
CA PHE A 600 40.27 -2.13 -11.49
C PHE A 600 40.21 -2.28 -13.00
N SER A 601 41.22 -1.76 -13.71
CA SER A 601 41.28 -1.82 -15.16
C SER A 601 41.35 -3.24 -15.69
N ALA A 602 41.91 -4.18 -14.92
CA ALA A 602 42.06 -5.55 -15.36
C ALA A 602 40.74 -6.30 -15.44
N PHE A 603 39.62 -5.72 -14.97
CA PHE A 603 38.37 -6.46 -15.00
C PHE A 603 37.10 -5.60 -15.09
N MET A 604 37.20 -4.29 -14.80
CA MET A 604 36.01 -3.46 -14.86
C MET A 604 35.81 -2.93 -16.28
N ALA A 605 34.54 -2.82 -16.68
CA ALA A 605 34.15 -2.23 -17.94
C ALA A 605 33.80 -0.76 -17.75
N ALA A 606 34.17 0.08 -18.74
CA ALA A 606 33.91 1.51 -18.76
C ALA A 606 32.56 1.80 -19.46
N ILE B 5 -9.35 29.06 -66.44
CA ILE B 5 -9.15 29.35 -64.98
C ILE B 5 -8.27 28.24 -64.39
N ALA B 6 -7.00 28.57 -64.10
CA ALA B 6 -6.03 27.62 -63.56
C ALA B 6 -6.60 26.91 -62.34
N PRO B 7 -6.37 25.58 -62.21
CA PRO B 7 -6.79 24.83 -61.01
C PRO B 7 -6.03 25.32 -59.79
N LYS B 8 -6.70 25.34 -58.65
CA LYS B 8 -6.10 25.75 -57.39
C LYS B 8 -5.15 24.65 -56.86
N GLU B 9 -3.96 24.99 -56.37
CA GLU B 9 -3.00 23.98 -55.92
C GLU B 9 -2.67 24.12 -54.43
N THR B 10 -2.99 23.09 -53.62
CA THR B 10 -2.84 23.14 -52.18
C THR B 10 -2.05 21.97 -51.63
N GLU B 11 -1.72 22.04 -50.33
CA GLU B 11 -1.10 20.94 -49.60
C GLU B 11 -1.92 20.62 -48.37
N VAL B 12 -1.64 19.46 -47.78
CA VAL B 12 -2.30 19.02 -46.57
C VAL B 12 -1.56 17.80 -46.01
N ASP B 13 -1.65 17.57 -44.70
CA ASP B 13 -0.99 16.42 -44.12
C ASP B 13 -1.79 15.16 -44.45
N VAL B 14 -3.11 15.22 -44.18
CA VAL B 14 -3.97 14.07 -44.46
C VAL B 14 -5.21 14.51 -45.20
N LEU B 15 -5.46 13.84 -46.34
CA LEU B 15 -6.69 13.97 -47.08
C LEU B 15 -7.50 12.68 -46.96
N ILE B 16 -8.76 12.81 -46.54
CA ILE B 16 -9.64 11.67 -46.43
C ILE B 16 -10.72 11.77 -47.48
N VAL B 17 -10.91 10.68 -48.26
CA VAL B 17 -11.89 10.65 -49.30
C VAL B 17 -13.02 9.75 -48.83
N GLY B 18 -14.12 10.40 -48.41
CA GLY B 18 -15.36 9.75 -48.00
C GLY B 18 -15.66 10.07 -46.53
N ALA B 19 -16.92 10.43 -46.25
CA ALA B 19 -17.33 10.86 -44.93
C ALA B 19 -18.40 9.92 -44.40
N GLY B 20 -18.09 8.62 -44.52
CA GLY B 20 -18.89 7.60 -43.88
C GLY B 20 -18.24 7.27 -42.55
N PRO B 21 -18.68 6.18 -41.90
CA PRO B 21 -18.17 5.84 -40.57
C PRO B 21 -16.66 5.79 -40.44
N ALA B 22 -16.00 5.08 -41.34
CA ALA B 22 -14.56 5.00 -41.30
C ALA B 22 -13.97 6.40 -41.40
N GLY B 23 -14.49 7.16 -42.37
CA GLY B 23 -14.02 8.50 -42.67
C GLY B 23 -14.09 9.45 -41.48
N VAL B 24 -15.22 9.44 -40.76
CA VAL B 24 -15.49 10.41 -39.71
C VAL B 24 -14.76 9.99 -38.44
N MET B 25 -14.70 8.69 -38.16
CA MET B 25 -13.84 8.21 -37.09
C MET B 25 -12.43 8.75 -37.31
N CYS B 26 -11.91 8.62 -38.54
CA CYS B 26 -10.54 9.03 -38.81
C CYS B 26 -10.41 10.54 -38.68
N ALA B 27 -11.35 11.28 -39.28
CA ALA B 27 -11.24 12.73 -39.31
C ALA B 27 -11.34 13.27 -37.89
N ASN B 28 -12.22 12.69 -37.10
CA ASN B 28 -12.39 13.16 -35.75
C ASN B 28 -11.13 12.88 -34.95
N ALA B 29 -10.61 11.66 -35.05
CA ALA B 29 -9.43 11.29 -34.29
C ALA B 29 -8.26 12.21 -34.63
N LEU B 30 -8.09 12.50 -35.91
CA LEU B 30 -6.99 13.36 -36.33
C LEU B 30 -7.23 14.79 -35.84
N ALA B 31 -8.49 15.25 -35.90
CA ALA B 31 -8.82 16.60 -35.45
C ALA B 31 -8.55 16.72 -33.96
N MET B 32 -8.92 15.71 -33.17
CA MET B 32 -8.76 15.79 -31.71
C MET B 32 -7.28 15.80 -31.35
N ALA B 33 -6.45 15.20 -32.23
CA ALA B 33 -5.00 15.17 -32.02
C ALA B 33 -4.32 16.34 -32.72
N GLY B 34 -5.13 17.30 -33.21
CA GLY B 34 -4.60 18.53 -33.74
C GLY B 34 -3.84 18.36 -35.04
N VAL B 35 -4.19 17.33 -35.85
CA VAL B 35 -3.52 17.04 -37.11
C VAL B 35 -4.15 17.86 -38.23
N ASN B 36 -3.34 18.30 -39.18
CA ASN B 36 -3.86 19.01 -40.33
C ASN B 36 -4.56 18.03 -41.30
N VAL B 37 -5.90 17.96 -41.23
CA VAL B 37 -6.66 16.98 -41.97
C VAL B 37 -7.80 17.66 -42.73
N ARG B 38 -8.05 17.18 -43.95
CA ARG B 38 -9.21 17.59 -44.73
C ARG B 38 -9.99 16.34 -45.07
N ILE B 39 -11.29 16.47 -45.28
CA ILE B 39 -12.14 15.35 -45.62
C ILE B 39 -13.24 15.82 -46.57
N ILE B 40 -13.44 15.02 -47.63
CA ILE B 40 -14.31 15.36 -48.73
C ILE B 40 -15.32 14.24 -48.92
N ASP B 41 -16.37 14.51 -49.68
CA ASP B 41 -17.41 13.54 -49.96
C ASP B 41 -18.16 14.02 -51.22
N GLN B 42 -18.69 13.08 -52.02
CA GLN B 42 -19.29 13.41 -53.29
C GLN B 42 -20.78 13.74 -53.14
N ARG B 43 -21.40 13.33 -52.04
CA ARG B 43 -22.81 13.54 -51.80
C ARG B 43 -23.04 15.00 -51.43
N PRO B 44 -23.98 15.74 -52.06
CA PRO B 44 -24.24 17.14 -51.73
C PRO B 44 -24.68 17.33 -50.29
N VAL B 45 -25.47 16.39 -49.76
CA VAL B 45 -25.86 16.47 -48.37
C VAL B 45 -25.52 15.16 -47.67
N LYS B 46 -25.35 15.23 -46.35
CA LYS B 46 -25.06 14.06 -45.53
C LYS B 46 -26.28 13.14 -45.49
N VAL B 47 -26.03 11.84 -45.31
CA VAL B 47 -27.08 10.82 -45.27
C VAL B 47 -27.99 11.01 -44.06
N ALA B 48 -29.29 10.87 -44.31
CA ALA B 48 -30.32 11.32 -43.38
C ALA B 48 -30.89 10.13 -42.59
N ALA B 49 -30.76 8.90 -43.14
CA ALA B 49 -31.54 7.79 -42.64
C ALA B 49 -30.86 6.47 -42.97
N GLY B 50 -31.16 5.46 -42.14
CA GLY B 50 -30.92 4.07 -42.51
C GLY B 50 -29.44 3.68 -42.64
N GLN B 51 -29.18 2.66 -43.47
CA GLN B 51 -27.87 2.05 -43.68
C GLN B 51 -27.46 1.35 -42.40
N ALA B 52 -26.14 1.26 -42.17
CA ALA B 52 -25.62 0.72 -40.92
C ALA B 52 -26.39 1.31 -39.72
N ASP B 53 -26.61 0.46 -38.72
CA ASP B 53 -27.42 0.86 -37.58
C ASP B 53 -27.02 0.16 -36.28
N GLY B 54 -26.12 -0.84 -36.30
CA GLY B 54 -25.72 -1.52 -35.07
C GLY B 54 -24.34 -1.11 -34.58
N ILE B 55 -24.19 -0.89 -33.28
CA ILE B 55 -22.90 -0.65 -32.69
C ILE B 55 -22.58 -1.76 -31.70
N GLN B 56 -21.36 -2.32 -31.81
CA GLN B 56 -20.93 -3.43 -30.97
C GLN B 56 -20.30 -2.97 -29.67
N PRO B 57 -20.32 -3.84 -28.62
CA PRO B 57 -19.67 -3.56 -27.34
C PRO B 57 -18.30 -2.88 -27.39
N ARG B 58 -17.39 -3.42 -28.20
CA ARG B 58 -16.02 -2.90 -28.21
C ARG B 58 -16.06 -1.50 -28.80
N THR B 59 -16.94 -1.30 -29.78
CA THR B 59 -17.04 -0.03 -30.47
C THR B 59 -17.51 1.05 -29.48
N ILE B 60 -18.43 0.68 -28.57
CA ILE B 60 -18.87 1.59 -27.52
C ILE B 60 -17.69 1.98 -26.64
N GLU B 61 -16.86 1.00 -26.26
CA GLU B 61 -15.65 1.26 -25.50
C GLU B 61 -14.77 2.26 -26.24
N VAL B 62 -14.64 2.07 -27.56
CA VAL B 62 -13.81 2.97 -28.35
C VAL B 62 -14.38 4.39 -28.36
N LEU B 63 -15.69 4.52 -28.61
CA LEU B 63 -16.28 5.86 -28.59
C LEU B 63 -16.07 6.49 -27.22
N GLN B 64 -16.14 5.65 -26.17
CA GLN B 64 -15.91 6.14 -24.82
C GLN B 64 -14.53 6.78 -24.73
N SER B 65 -13.53 6.18 -25.38
CA SER B 65 -12.16 6.70 -25.35
C SER B 65 -12.05 8.09 -25.99
N TYR B 66 -13.07 8.51 -26.77
CA TYR B 66 -13.10 9.80 -27.46
C TYR B 66 -14.07 10.74 -26.75
N GLY B 67 -14.73 10.24 -25.70
CA GLY B 67 -15.78 10.99 -25.03
C GLY B 67 -17.11 10.99 -25.79
N LEU B 68 -17.36 10.00 -26.66
CA LEU B 68 -18.51 10.06 -27.56
C LEU B 68 -19.56 9.02 -27.22
N ALA B 69 -19.22 8.07 -26.36
CA ALA B 69 -20.16 7.03 -25.99
C ALA B 69 -21.34 7.58 -25.23
N GLU B 70 -21.12 8.57 -24.35
CA GLU B 70 -22.17 9.14 -23.54
C GLU B 70 -23.34 9.54 -24.43
N ARG B 71 -23.03 10.24 -25.52
CA ARG B 71 -24.06 10.72 -26.41
C ARG B 71 -24.66 9.52 -27.15
N LEU B 72 -23.83 8.56 -27.56
CA LEU B 72 -24.40 7.43 -28.26
C LEU B 72 -25.43 6.74 -27.34
N LEU B 73 -25.07 6.50 -26.07
CA LEU B 73 -25.93 5.73 -25.18
C LEU B 73 -27.21 6.49 -24.91
N ARG B 74 -27.13 7.81 -24.98
CA ARG B 74 -28.29 8.64 -24.71
C ARG B 74 -29.27 8.56 -25.88
N GLU B 75 -28.78 8.44 -27.12
CA GLU B 75 -29.63 8.54 -28.30
C GLU B 75 -30.09 7.19 -28.86
N ALA B 76 -29.36 6.11 -28.55
CA ALA B 76 -29.51 4.82 -29.21
C ALA B 76 -30.35 3.83 -28.39
N ASN B 77 -31.01 2.92 -29.13
CA ASN B 77 -31.76 1.81 -28.58
C ASN B 77 -30.79 0.73 -28.10
N GLN B 78 -31.12 0.06 -26.99
CA GLN B 78 -30.29 -1.05 -26.53
C GLN B 78 -30.89 -2.38 -26.96
N MET B 79 -30.13 -3.06 -27.83
CA MET B 79 -30.47 -4.37 -28.32
C MET B 79 -29.80 -5.37 -27.37
N GLN B 80 -30.52 -5.69 -26.29
CA GLN B 80 -29.96 -6.44 -25.16
C GLN B 80 -30.21 -7.93 -25.36
N MET B 81 -31.36 -8.25 -25.94
CA MET B 81 -31.89 -9.60 -25.90
C MET B 81 -32.17 -10.08 -27.32
N ALA B 82 -31.82 -11.32 -27.62
CA ALA B 82 -32.15 -11.93 -28.91
C ALA B 82 -33.15 -13.06 -28.72
N ALA B 83 -34.03 -13.22 -29.70
CA ALA B 83 -35.10 -14.21 -29.65
C ALA B 83 -35.14 -14.97 -30.97
N PHE B 84 -35.71 -16.19 -30.91
CA PHE B 84 -35.72 -17.12 -32.02
C PHE B 84 -37.13 -17.71 -32.12
N TYR B 85 -37.77 -17.47 -33.27
CA TYR B 85 -39.10 -17.99 -33.54
C TYR B 85 -38.94 -18.95 -34.71
N ASN B 86 -39.75 -20.02 -34.67
CA ASN B 86 -39.71 -21.07 -35.64
C ASN B 86 -41.10 -21.69 -35.81
N PRO B 87 -41.33 -22.44 -36.90
CA PRO B 87 -42.65 -22.94 -37.21
C PRO B 87 -43.15 -23.89 -36.12
N SER B 88 -44.43 -23.81 -35.86
CA SER B 88 -45.07 -24.47 -34.74
C SER B 88 -45.81 -25.70 -35.25
N PRO B 89 -45.91 -26.78 -34.45
CA PRO B 89 -46.72 -27.93 -34.81
C PRO B 89 -48.11 -27.52 -35.32
N SER B 90 -48.66 -26.49 -34.70
CA SER B 90 -50.07 -26.15 -34.85
C SER B 90 -50.27 -25.14 -35.96
N GLY B 91 -49.23 -24.43 -36.39
CA GLY B 91 -49.30 -23.58 -37.57
C GLY B 91 -48.76 -22.19 -37.26
N GLY B 92 -48.06 -21.57 -38.22
CA GLY B 92 -47.37 -20.32 -37.93
C GLY B 92 -46.39 -20.47 -36.74
N ILE B 93 -45.91 -19.34 -36.22
CA ILE B 93 -44.65 -19.29 -35.49
C ILE B 93 -44.87 -19.35 -33.98
N GLU B 94 -43.87 -19.91 -33.28
CA GLU B 94 -43.79 -19.92 -31.83
C GLU B 94 -42.36 -19.60 -31.45
N ARG B 95 -42.17 -19.07 -30.25
CA ARG B 95 -40.83 -18.80 -29.74
C ARG B 95 -40.16 -20.07 -29.24
N THR B 96 -38.95 -20.37 -29.72
CA THR B 96 -38.24 -21.58 -29.30
C THR B 96 -37.21 -21.27 -28.20
N SER B 97 -36.55 -20.11 -28.27
CA SER B 97 -35.58 -19.74 -27.27
C SER B 97 -35.31 -18.24 -27.29
N ARG B 98 -34.68 -17.76 -26.22
CA ARG B 98 -34.12 -16.42 -26.16
C ARG B 98 -32.75 -16.47 -25.48
N ALA B 99 -31.95 -15.43 -25.66
CA ALA B 99 -30.60 -15.39 -25.15
C ALA B 99 -30.12 -13.93 -25.13
N PRO B 100 -29.00 -13.65 -24.44
CA PRO B 100 -28.36 -12.34 -24.55
C PRO B 100 -27.97 -12.12 -26.01
N ASP B 101 -28.12 -10.89 -26.50
CA ASP B 101 -27.71 -10.50 -27.83
C ASP B 101 -26.21 -10.72 -27.98
N VAL B 102 -25.49 -10.44 -26.92
CA VAL B 102 -24.04 -10.44 -26.93
C VAL B 102 -23.55 -11.47 -25.92
N THR B 103 -22.50 -12.21 -26.29
CA THR B 103 -21.94 -13.23 -25.43
C THR B 103 -20.51 -12.81 -25.10
N ALA B 104 -20.32 -12.05 -24.01
CA ALA B 104 -19.05 -11.39 -23.73
C ALA B 104 -19.08 -10.82 -22.31
N PRO B 105 -18.79 -11.66 -21.29
CA PRO B 105 -18.98 -11.23 -19.91
C PRO B 105 -17.96 -10.22 -19.37
N ASN B 106 -16.85 -10.03 -20.09
CA ASN B 106 -15.86 -9.00 -19.78
C ASN B 106 -16.45 -7.64 -20.12
N ALA B 107 -17.27 -7.56 -21.17
CA ALA B 107 -17.68 -6.31 -21.79
C ALA B 107 -18.16 -5.32 -20.74
N ARG B 108 -17.77 -4.06 -20.94
CA ARG B 108 -18.29 -3.00 -20.09
C ARG B 108 -19.78 -2.80 -20.40
N TRP B 109 -20.09 -2.80 -21.71
CA TRP B 109 -21.46 -2.72 -22.21
C TRP B 109 -21.78 -4.00 -22.99
N PRO B 110 -22.36 -5.02 -22.31
CA PRO B 110 -22.65 -6.31 -22.92
C PRO B 110 -23.98 -6.34 -23.69
N PHE B 111 -24.06 -5.48 -24.70
CA PHE B 111 -25.21 -5.43 -25.60
C PHE B 111 -24.79 -4.63 -26.81
N GLU B 112 -25.60 -4.70 -27.85
CA GLU B 112 -25.44 -3.80 -28.98
C GLU B 112 -26.37 -2.59 -28.79
N VAL B 113 -26.06 -1.50 -29.48
CA VAL B 113 -26.97 -0.38 -29.52
C VAL B 113 -27.23 -0.01 -30.97
N THR B 114 -28.45 0.45 -31.23
CA THR B 114 -28.91 0.66 -32.60
C THR B 114 -29.43 2.10 -32.74
N LEU B 115 -29.13 2.67 -33.90
CA LEU B 115 -29.35 4.08 -34.19
C LEU B 115 -29.07 4.29 -35.67
N HIS B 116 -29.75 5.21 -36.35
CA HIS B 116 -29.53 5.35 -37.78
C HIS B 116 -28.18 6.01 -38.05
N GLN B 117 -27.62 5.69 -39.23
CA GLN B 117 -26.26 6.02 -39.60
C GLN B 117 -26.10 7.54 -39.59
N GLY B 118 -27.12 8.26 -40.07
CA GLY B 118 -27.08 9.72 -40.00
C GLY B 118 -26.74 10.20 -38.59
N ALA B 119 -27.41 9.62 -37.61
CA ALA B 119 -27.29 10.10 -36.25
C ALA B 119 -25.98 9.63 -35.64
N ILE B 120 -25.43 8.51 -36.13
CA ILE B 120 -24.16 8.05 -35.60
C ILE B 120 -23.06 8.97 -36.10
N GLU B 121 -23.10 9.28 -37.38
CA GLU B 121 -22.17 10.17 -38.04
C GLU B 121 -22.17 11.52 -37.33
N ALA B 122 -23.37 11.99 -36.96
CA ALA B 122 -23.53 13.29 -36.34
C ALA B 122 -22.66 13.42 -35.10
N ILE B 123 -22.60 12.34 -34.33
CA ILE B 123 -21.80 12.37 -33.12
C ILE B 123 -20.36 12.76 -33.47
N PHE B 124 -19.87 12.22 -34.59
CA PHE B 124 -18.51 12.42 -35.05
C PHE B 124 -18.35 13.80 -35.70
N LEU B 125 -19.36 14.20 -36.48
CA LEU B 125 -19.28 15.43 -37.25
C LEU B 125 -19.33 16.65 -36.32
N ASP B 126 -20.22 16.59 -35.33
CA ASP B 126 -20.28 17.63 -34.31
C ASP B 126 -18.95 17.74 -33.56
N SER B 127 -18.29 16.60 -33.29
CA SER B 127 -17.01 16.62 -32.58
C SER B 127 -15.95 17.24 -33.48
N MET B 128 -16.01 16.87 -34.77
CA MET B 128 -15.08 17.37 -35.77
C MET B 128 -15.18 18.89 -35.84
N LYS B 129 -16.41 19.40 -35.90
CA LYS B 129 -16.65 20.82 -36.07
C LYS B 129 -16.09 21.59 -34.87
N ALA B 130 -16.26 21.01 -33.69
CA ALA B 130 -15.76 21.61 -32.45
C ALA B 130 -14.23 21.74 -32.50
N HIS B 131 -13.57 20.85 -33.29
CA HIS B 131 -12.12 20.84 -33.39
C HIS B 131 -11.65 21.40 -34.73
N GLY B 132 -12.53 22.12 -35.43
CA GLY B 132 -12.13 22.95 -36.57
C GLY B 132 -12.16 22.25 -37.94
N VAL B 133 -12.88 21.11 -38.04
CA VAL B 133 -12.93 20.31 -39.25
C VAL B 133 -14.37 20.06 -39.70
N ALA B 134 -14.66 20.33 -40.98
CA ALA B 134 -15.97 20.11 -41.60
C ALA B 134 -15.77 19.35 -42.91
N VAL B 135 -16.76 18.53 -43.25
CA VAL B 135 -16.73 17.80 -44.50
C VAL B 135 -16.88 18.79 -45.65
N GLU B 136 -15.99 18.70 -46.63
CA GLU B 136 -16.13 19.51 -47.83
C GLU B 136 -16.85 18.70 -48.90
N ARG B 137 -17.88 19.29 -49.53
CA ARG B 137 -18.75 18.52 -50.41
C ARG B 137 -19.63 19.46 -51.22
N PRO B 138 -20.10 19.08 -52.43
CA PRO B 138 -19.78 17.81 -53.06
C PRO B 138 -18.55 17.86 -53.95
N ILE B 139 -17.65 16.90 -53.75
CA ILE B 139 -16.33 16.88 -54.39
C ILE B 139 -15.99 15.44 -54.74
N ILE B 140 -15.35 15.20 -55.89
CA ILE B 140 -14.84 13.86 -56.20
C ILE B 140 -13.38 13.90 -56.65
N PRO B 141 -12.63 12.83 -56.38
CA PRO B 141 -11.30 12.69 -56.97
C PRO B 141 -11.47 12.28 -58.41
N THR B 142 -10.60 12.82 -59.28
CA THR B 142 -10.59 12.48 -60.68
C THR B 142 -9.27 11.85 -61.11
N SER B 143 -8.27 11.87 -60.25
CA SER B 143 -6.93 11.44 -60.63
C SER B 143 -6.10 11.27 -59.36
N LEU B 144 -5.22 10.26 -59.34
CA LEU B 144 -4.37 10.05 -58.16
C LEU B 144 -2.98 9.64 -58.61
N GLU B 145 -2.00 10.51 -58.37
CA GLU B 145 -0.65 10.31 -58.84
C GLU B 145 0.20 10.06 -57.61
N LEU B 146 1.25 9.24 -57.76
CA LEU B 146 2.10 8.90 -56.62
C LEU B 146 3.55 8.91 -57.07
N SER B 147 4.45 9.37 -56.20
CA SER B 147 5.84 9.64 -56.56
C SER B 147 6.57 8.34 -56.83
N ASP B 148 7.44 8.36 -57.83
CA ASP B 148 8.39 7.28 -58.11
C ASP B 148 9.51 7.28 -57.09
N SER B 149 9.92 8.47 -56.64
CA SER B 149 11.09 8.66 -55.81
C SER B 149 10.96 7.95 -54.47
N GLU B 150 11.76 6.87 -54.28
CA GLU B 150 11.84 6.13 -53.04
C GLU B 150 12.10 7.08 -51.87
N ASP B 151 13.00 8.06 -52.07
CA ASP B 151 13.36 8.97 -51.00
C ASP B 151 12.14 9.78 -50.56
N GLU B 152 11.31 10.20 -51.53
CA GLU B 152 10.07 10.92 -51.25
C GLU B 152 9.03 10.01 -50.57
N LEU B 153 8.93 8.75 -51.01
CA LEU B 153 7.96 7.81 -50.46
C LEU B 153 8.24 7.53 -49.00
N ARG B 154 9.53 7.48 -48.61
CA ARG B 154 9.94 7.10 -47.27
C ARG B 154 10.02 8.32 -46.34
N ASP B 155 9.98 9.54 -46.91
CA ASP B 155 10.13 10.77 -46.14
C ASP B 155 8.77 11.21 -45.60
N PRO B 156 8.47 11.09 -44.28
CA PRO B 156 7.14 11.45 -43.76
C PRO B 156 6.76 12.92 -43.87
N ASN B 157 7.72 13.78 -44.24
CA ASN B 157 7.45 15.20 -44.44
C ASN B 157 7.27 15.58 -45.92
N ALA B 158 7.55 14.67 -46.86
CA ALA B 158 7.25 14.91 -48.26
C ALA B 158 5.76 14.79 -48.50
N HIS B 159 5.31 15.36 -49.62
CA HIS B 159 3.95 15.21 -50.09
C HIS B 159 3.96 14.46 -51.42
N PRO B 160 4.07 13.11 -51.42
CA PRO B 160 4.10 12.34 -52.68
C PRO B 160 2.78 12.00 -53.33
N VAL B 161 1.66 12.25 -52.66
CA VAL B 161 0.38 11.90 -53.26
C VAL B 161 -0.28 13.15 -53.81
N LYS B 162 -0.53 13.16 -55.11
CA LYS B 162 -1.23 14.27 -55.75
C LYS B 162 -2.62 13.78 -56.13
N VAL B 163 -3.63 14.29 -55.44
CA VAL B 163 -5.00 13.91 -55.75
C VAL B 163 -5.67 15.12 -56.38
N THR B 164 -6.24 14.91 -57.56
CA THR B 164 -6.93 15.96 -58.29
C THR B 164 -8.41 15.82 -57.97
N LEU B 165 -9.01 16.93 -57.48
CA LEU B 165 -10.38 16.99 -57.06
C LEU B 165 -11.18 17.83 -58.05
N LYS B 166 -12.41 17.41 -58.32
CA LYS B 166 -13.35 18.20 -59.10
C LYS B 166 -14.51 18.54 -58.16
N TYR B 167 -14.82 19.84 -58.07
CA TYR B 167 -15.98 20.33 -57.33
C TYR B 167 -17.22 20.18 -58.19
N LEU B 168 -18.24 19.47 -57.67
CA LEU B 168 -19.44 19.19 -58.42
C LEU B 168 -20.40 20.36 -58.41
N ASP B 169 -20.12 21.37 -57.57
CA ASP B 169 -20.96 22.54 -57.47
C ASP B 169 -20.10 23.75 -57.10
N PRO B 170 -19.21 24.21 -57.99
CA PRO B 170 -18.23 25.23 -57.65
C PRO B 170 -18.84 26.64 -57.60
N PRO B 171 -18.29 27.59 -56.82
CA PRO B 171 -18.74 28.99 -56.91
C PRO B 171 -18.51 29.51 -58.34
N ALA B 172 -19.49 30.23 -58.92
CA ALA B 172 -19.41 30.64 -60.31
C ALA B 172 -18.22 31.61 -60.48
N GLY B 173 -17.65 31.64 -61.69
CA GLY B 173 -16.49 32.46 -61.98
C GLY B 173 -15.16 31.77 -61.68
N GLN B 174 -15.12 30.92 -60.64
CA GLN B 174 -13.90 30.29 -60.14
C GLN B 174 -13.70 28.87 -60.68
N SER B 175 -12.48 28.32 -60.49
CA SER B 175 -12.07 27.03 -61.06
C SER B 175 -12.77 25.85 -60.35
N ASP B 176 -13.06 24.78 -61.09
CA ASP B 176 -13.79 23.63 -60.55
C ASP B 176 -12.81 22.53 -60.12
N THR B 177 -11.50 22.85 -60.11
CA THR B 177 -10.47 21.85 -59.95
C THR B 177 -9.48 22.31 -58.86
N GLU B 178 -9.09 21.37 -58.00
CA GLU B 178 -8.05 21.58 -57.01
C GLU B 178 -7.09 20.40 -57.10
N ILE B 179 -5.79 20.67 -57.11
CA ILE B 179 -4.80 19.61 -56.99
C ILE B 179 -4.20 19.68 -55.60
N VAL B 180 -4.56 18.69 -54.77
CA VAL B 180 -4.06 18.57 -53.42
C VAL B 180 -2.82 17.70 -53.41
N SER B 181 -1.70 18.25 -52.93
CA SER B 181 -0.52 17.46 -52.60
C SER B 181 -0.62 17.06 -51.12
N ALA B 182 -0.65 15.75 -50.84
CA ALA B 182 -0.85 15.28 -49.48
C ALA B 182 0.32 14.43 -49.04
N LYS B 183 0.60 14.44 -47.73
CA LYS B 183 1.54 13.50 -47.15
C LYS B 183 0.94 12.11 -47.07
N PHE B 184 -0.34 12.02 -46.67
CA PHE B 184 -1.04 10.75 -46.56
C PHE B 184 -2.47 10.95 -47.07
N VAL B 185 -3.02 9.90 -47.72
CA VAL B 185 -4.39 9.91 -48.19
C VAL B 185 -5.05 8.64 -47.71
N LEU B 186 -6.34 8.74 -47.40
CA LEU B 186 -7.13 7.60 -46.98
C LEU B 186 -8.36 7.55 -47.87
N GLY B 187 -8.61 6.37 -48.41
CA GLY B 187 -9.85 6.06 -49.09
C GLY B 187 -10.85 5.44 -48.12
N ALA B 188 -11.83 6.25 -47.72
CA ALA B 188 -12.92 5.76 -46.90
C ALA B 188 -14.19 5.90 -47.72
N ASP B 189 -14.13 5.46 -48.99
CA ASP B 189 -15.17 5.82 -49.93
C ASP B 189 -16.05 4.62 -50.28
N GLY B 190 -16.15 3.65 -49.36
CA GLY B 190 -17.18 2.62 -49.40
C GLY B 190 -16.87 1.46 -50.36
N ALA B 191 -17.85 0.59 -50.54
CA ALA B 191 -17.64 -0.67 -51.23
C ALA B 191 -17.20 -0.44 -52.67
N HIS B 192 -17.56 0.72 -53.24
CA HIS B 192 -17.28 1.01 -54.63
C HIS B 192 -16.10 1.97 -54.74
N SER B 193 -15.24 1.99 -53.70
CA SER B 193 -14.11 2.90 -53.55
C SER B 193 -13.48 3.26 -54.87
N TRP B 194 -13.46 4.55 -55.15
CA TRP B 194 -12.73 5.08 -56.27
C TRP B 194 -11.25 4.97 -55.95
N VAL B 195 -10.90 5.11 -54.68
CA VAL B 195 -9.50 5.07 -54.29
C VAL B 195 -8.92 3.68 -54.53
N ARG B 196 -9.65 2.66 -54.07
CA ARG B 196 -9.18 1.29 -54.24
C ARG B 196 -8.90 1.03 -55.72
N LYS B 197 -9.87 1.37 -56.58
CA LYS B 197 -9.78 1.12 -58.02
C LYS B 197 -8.58 1.84 -58.63
N ALA B 198 -8.41 3.08 -58.20
CA ALA B 198 -7.32 3.91 -58.70
C ALA B 198 -5.99 3.28 -58.34
N LEU B 199 -5.88 2.69 -57.14
CA LEU B 199 -4.64 2.06 -56.68
C LEU B 199 -4.42 0.71 -57.36
N GLY B 200 -5.41 0.22 -58.10
CA GLY B 200 -5.24 -1.04 -58.81
C GLY B 200 -5.24 -2.26 -57.91
N ILE B 201 -6.04 -2.21 -56.84
CA ILE B 201 -6.13 -3.24 -55.81
C ILE B 201 -7.42 -4.03 -55.96
N THR B 202 -7.28 -5.35 -56.04
CA THR B 202 -8.41 -6.24 -56.23
C THR B 202 -9.15 -6.46 -54.93
N MET B 203 -10.43 -6.84 -55.05
CA MET B 203 -11.25 -7.32 -53.94
C MET B 203 -11.46 -8.84 -54.06
N ASP B 204 -10.80 -9.63 -53.20
CA ASP B 204 -10.76 -11.07 -53.36
C ASP B 204 -11.89 -11.70 -52.53
N GLY B 205 -12.49 -12.77 -53.05
CA GLY B 205 -13.47 -13.56 -52.32
C GLY B 205 -14.55 -14.14 -53.23
N GLU B 206 -15.57 -14.76 -52.63
CA GLU B 206 -16.70 -15.31 -53.38
C GLU B 206 -17.27 -14.21 -54.27
N GLN B 207 -17.62 -14.60 -55.51
CA GLN B 207 -18.18 -13.64 -56.44
C GLN B 207 -19.67 -13.44 -56.16
N THR B 208 -20.28 -14.36 -55.39
CA THR B 208 -21.70 -14.31 -55.11
C THR B 208 -22.00 -13.10 -54.23
N ASP B 209 -22.86 -12.23 -54.77
CA ASP B 209 -23.57 -11.22 -54.00
C ASP B 209 -24.92 -11.79 -53.57
N TYR B 210 -25.33 -11.45 -52.32
CA TYR B 210 -26.62 -11.83 -51.76
C TYR B 210 -27.54 -10.61 -51.70
N ILE B 211 -28.84 -10.88 -51.57
CA ILE B 211 -29.84 -9.82 -51.70
C ILE B 211 -30.74 -9.81 -50.49
N TRP B 212 -30.87 -8.63 -49.89
CA TRP B 212 -31.71 -8.43 -48.72
C TRP B 212 -32.65 -7.24 -48.93
N GLY B 213 -33.95 -7.47 -48.70
CA GLY B 213 -34.91 -6.39 -48.58
C GLY B 213 -34.87 -5.81 -47.17
N VAL B 214 -34.84 -4.49 -47.07
CA VAL B 214 -34.72 -3.86 -45.76
C VAL B 214 -35.79 -2.79 -45.65
N ILE B 215 -36.60 -2.83 -44.59
CA ILE B 215 -37.58 -1.79 -44.32
C ILE B 215 -37.44 -1.38 -42.87
N ASP B 216 -37.37 -0.08 -42.63
CA ASP B 216 -37.45 0.48 -41.30
C ASP B 216 -38.87 1.00 -41.12
N ILE B 217 -39.55 0.57 -40.06
CA ILE B 217 -40.93 0.97 -39.84
C ILE B 217 -41.15 1.30 -38.37
N ASP B 218 -42.28 1.97 -38.14
CA ASP B 218 -42.88 2.10 -36.85
C ASP B 218 -43.97 1.04 -36.75
N PRO B 219 -43.73 -0.06 -36.02
CA PRO B 219 -44.59 -1.23 -36.13
C PRO B 219 -45.95 -1.06 -35.47
N ASP B 220 -46.99 -1.49 -36.18
CA ASP B 220 -48.29 -1.81 -35.61
C ASP B 220 -48.31 -3.33 -35.37
N SER B 221 -48.00 -3.79 -34.15
CA SER B 221 -47.80 -5.22 -33.93
C SER B 221 -48.07 -5.63 -32.49
N ASP B 222 -48.67 -6.82 -32.34
CA ASP B 222 -48.84 -7.50 -31.06
C ASP B 222 -47.75 -8.56 -30.85
N PHE B 223 -46.65 -8.49 -31.60
CA PHE B 223 -45.57 -9.46 -31.47
C PHE B 223 -44.80 -9.20 -30.19
N PRO B 224 -44.75 -10.19 -29.26
CA PRO B 224 -44.13 -9.98 -27.95
C PRO B 224 -42.66 -9.57 -27.89
N ASP B 225 -41.89 -9.92 -28.92
CA ASP B 225 -40.43 -9.76 -28.86
C ASP B 225 -40.00 -8.75 -29.92
N VAL B 226 -40.88 -7.77 -30.15
CA VAL B 226 -40.63 -6.73 -31.14
C VAL B 226 -39.43 -5.87 -30.75
N ARG B 227 -39.00 -5.90 -29.48
CA ARG B 227 -37.88 -5.10 -29.00
C ARG B 227 -36.64 -5.97 -28.78
N CYS B 228 -36.68 -7.20 -29.32
CA CYS B 228 -35.52 -8.09 -29.34
C CYS B 228 -34.99 -8.23 -30.78
N LYS B 229 -33.69 -8.50 -30.89
CA LYS B 229 -33.18 -9.06 -32.14
C LYS B 229 -33.85 -10.42 -32.33
N THR B 230 -34.66 -10.56 -33.37
CA THR B 230 -35.50 -11.74 -33.49
C THR B 230 -35.28 -12.38 -34.85
N ALA B 231 -34.96 -13.67 -34.87
CA ALA B 231 -34.88 -14.43 -36.10
C ALA B 231 -36.18 -15.21 -36.24
N VAL B 232 -36.88 -14.98 -37.35
CA VAL B 232 -38.21 -15.56 -37.55
C VAL B 232 -38.22 -16.48 -38.76
N HIS B 233 -38.40 -17.80 -38.55
CA HIS B 233 -38.57 -18.74 -39.66
C HIS B 233 -40.00 -19.24 -39.62
N SER B 234 -40.80 -18.96 -40.66
CA SER B 234 -42.18 -19.46 -40.77
C SER B 234 -42.31 -20.40 -41.96
N HIS B 235 -43.46 -21.10 -42.06
CA HIS B 235 -43.77 -21.87 -43.26
C HIS B 235 -43.64 -20.96 -44.50
N ASN B 236 -43.98 -19.68 -44.34
CA ASN B 236 -44.15 -18.74 -45.44
C ASN B 236 -42.81 -18.09 -45.84
N GLY B 237 -41.86 -17.97 -44.90
CA GLY B 237 -40.50 -17.51 -45.18
C GLY B 237 -39.78 -16.95 -43.95
N SER B 238 -38.49 -16.63 -44.10
CA SER B 238 -37.65 -16.08 -43.05
C SER B 238 -37.63 -14.55 -43.04
N CYS B 239 -37.40 -13.95 -41.87
CA CYS B 239 -36.91 -12.58 -41.76
C CYS B 239 -36.34 -12.31 -40.37
N MET B 240 -35.86 -11.10 -40.12
CA MET B 240 -35.22 -10.79 -38.85
C MET B 240 -35.55 -9.36 -38.39
N ILE B 241 -35.83 -9.18 -37.11
CA ILE B 241 -36.07 -7.87 -36.51
C ILE B 241 -34.79 -7.30 -35.91
N ILE B 242 -34.39 -6.09 -36.29
CA ILE B 242 -33.43 -5.30 -35.54
C ILE B 242 -34.16 -4.12 -34.89
N PRO B 243 -34.47 -4.13 -33.59
CA PRO B 243 -35.09 -2.96 -32.97
C PRO B 243 -34.20 -1.73 -33.04
N ARG B 244 -34.84 -0.56 -33.21
CA ARG B 244 -34.15 0.71 -33.47
C ARG B 244 -34.59 1.79 -32.46
N GLU B 245 -34.15 3.03 -32.70
CA GLU B 245 -34.40 4.11 -31.77
C GLU B 245 -35.90 4.32 -31.59
N GLY B 246 -36.34 4.60 -30.36
CA GLY B 246 -37.74 4.81 -30.06
C GLY B 246 -38.54 3.53 -30.21
N ASP B 247 -39.59 3.57 -31.04
CA ASP B 247 -40.46 2.42 -31.30
C ASP B 247 -40.09 1.71 -32.60
N LEU B 248 -39.12 2.26 -33.35
CA LEU B 248 -38.85 1.82 -34.71
C LEU B 248 -38.21 0.44 -34.67
N ILE B 249 -38.44 -0.32 -35.74
CA ILE B 249 -37.68 -1.54 -36.00
C ILE B 249 -37.22 -1.54 -37.44
N ARG B 250 -36.20 -2.35 -37.68
CA ARG B 250 -35.79 -2.71 -39.03
C ARG B 250 -36.11 -4.17 -39.25
N LEU B 251 -36.66 -4.49 -40.42
CA LEU B 251 -36.82 -5.86 -40.88
C LEU B 251 -35.88 -6.12 -42.05
N TYR B 252 -34.97 -7.09 -41.88
CA TYR B 252 -34.23 -7.69 -42.98
C TYR B 252 -35.02 -8.87 -43.54
N ILE B 253 -35.24 -8.91 -44.85
CA ILE B 253 -35.84 -10.07 -45.50
C ILE B 253 -34.90 -10.61 -46.59
N GLN B 254 -34.45 -11.86 -46.44
CA GLN B 254 -33.58 -12.46 -47.44
C GLN B 254 -34.39 -12.75 -48.71
N LEU B 255 -33.81 -12.41 -49.86
CA LEU B 255 -34.45 -12.55 -51.16
C LEU B 255 -33.62 -13.49 -52.02
N ALA B 256 -34.23 -13.93 -53.11
CA ALA B 256 -33.60 -14.86 -54.04
C ALA B 256 -33.26 -14.13 -55.35
N ASP B 257 -32.37 -14.76 -56.13
CA ASP B 257 -32.04 -14.33 -57.48
C ASP B 257 -33.34 -14.12 -58.27
N ARG B 258 -34.28 -15.06 -58.11
CA ARG B 258 -35.59 -15.11 -58.77
C ARG B 258 -36.38 -13.80 -58.62
N ASP B 259 -36.35 -13.27 -57.39
CA ASP B 259 -37.16 -12.13 -56.96
C ASP B 259 -36.69 -10.85 -57.63
N VAL B 260 -35.46 -10.81 -58.17
CA VAL B 260 -34.86 -9.57 -58.64
C VAL B 260 -34.39 -9.67 -60.09
N LEU B 261 -34.55 -10.82 -60.76
CA LEU B 261 -34.12 -10.93 -62.15
C LEU B 261 -35.33 -10.78 -63.06
N ASP B 262 -35.06 -10.31 -64.29
CA ASP B 262 -36.04 -10.05 -65.32
C ASP B 262 -36.48 -11.34 -66.02
N PRO B 263 -37.75 -11.81 -65.87
CA PRO B 263 -38.21 -13.05 -66.51
C PRO B 263 -37.92 -13.13 -68.01
N ALA B 264 -37.86 -11.96 -68.70
CA ALA B 264 -37.46 -11.89 -70.09
C ALA B 264 -35.94 -11.82 -70.19
N THR B 265 -35.35 -10.62 -70.06
CA THR B 265 -33.97 -10.40 -70.48
C THR B 265 -32.96 -10.68 -69.37
N GLY B 266 -33.41 -11.36 -68.29
CA GLY B 266 -32.52 -11.83 -67.25
C GLY B 266 -31.54 -10.77 -66.75
N ARG B 267 -32.00 -9.54 -66.53
CA ARG B 267 -31.22 -8.43 -66.04
C ARG B 267 -31.58 -8.09 -64.58
N VAL B 268 -30.60 -7.64 -63.79
CA VAL B 268 -30.82 -7.26 -62.39
C VAL B 268 -31.73 -6.03 -62.33
N ASP B 269 -32.98 -6.19 -61.87
CA ASP B 269 -34.01 -5.14 -61.92
C ASP B 269 -34.59 -4.89 -60.52
N LYS B 270 -34.04 -3.90 -59.79
CA LYS B 270 -34.42 -3.67 -58.40
C LYS B 270 -35.85 -3.16 -58.25
N SER B 271 -36.46 -2.69 -59.33
CA SER B 271 -37.80 -2.13 -59.28
C SER B 271 -38.87 -3.22 -59.15
N ARG B 272 -38.46 -4.51 -59.16
CA ARG B 272 -39.41 -5.61 -59.08
C ARG B 272 -39.89 -5.77 -57.63
N VAL B 273 -39.08 -5.23 -56.71
CA VAL B 273 -39.28 -5.37 -55.30
C VAL B 273 -39.54 -4.00 -54.72
N SER B 274 -40.75 -3.85 -54.13
CA SER B 274 -41.16 -2.62 -53.48
C SER B 274 -41.15 -2.80 -51.97
N PRO B 275 -41.07 -1.71 -51.17
CA PRO B 275 -41.20 -1.83 -49.73
C PRO B 275 -42.57 -2.38 -49.34
N GLU B 276 -43.62 -2.01 -50.10
CA GLU B 276 -44.97 -2.50 -49.86
CA GLU B 276 -44.95 -2.51 -49.81
C GLU B 276 -44.94 -4.03 -49.88
N LYS B 277 -44.21 -4.60 -50.85
CA LYS B 277 -44.15 -6.05 -51.04
C LYS B 277 -43.37 -6.73 -49.91
N LEU B 278 -42.23 -6.11 -49.57
CA LEU B 278 -41.41 -6.62 -48.49
C LEU B 278 -42.25 -6.70 -47.21
N LEU B 279 -43.03 -5.65 -46.93
CA LEU B 279 -43.85 -5.62 -45.74
C LEU B 279 -44.93 -6.69 -45.81
N ALA B 280 -45.45 -6.98 -47.02
CA ALA B 280 -46.49 -7.99 -47.19
C ALA B 280 -45.94 -9.39 -46.86
N VAL B 281 -44.66 -9.62 -47.22
CA VAL B 281 -43.96 -10.85 -46.90
C VAL B 281 -43.82 -10.99 -45.38
N ALA B 282 -43.40 -9.90 -44.72
CA ALA B 282 -43.26 -9.89 -43.28
C ALA B 282 -44.60 -10.21 -42.61
N LYS B 283 -45.66 -9.52 -43.02
CA LYS B 283 -46.99 -9.72 -42.48
C LYS B 283 -47.28 -11.22 -42.42
N GLU B 284 -46.96 -11.95 -43.48
CA GLU B 284 -47.29 -13.37 -43.57
C GLU B 284 -46.40 -14.14 -42.61
N SER B 285 -45.11 -13.79 -42.57
CA SER B 285 -44.14 -14.51 -41.76
C SER B 285 -44.43 -14.37 -40.27
N PHE B 286 -45.16 -13.34 -39.85
CA PHE B 286 -45.33 -13.09 -38.42
C PHE B 286 -46.57 -13.79 -37.87
N LYS B 287 -47.35 -14.41 -38.76
CA LYS B 287 -48.61 -15.02 -38.35
C LYS B 287 -48.31 -16.12 -37.34
N PRO B 288 -49.06 -16.21 -36.21
CA PRO B 288 -50.32 -15.47 -36.02
C PRO B 288 -50.24 -14.03 -35.50
N PHE B 289 -49.05 -13.53 -35.24
CA PHE B 289 -48.91 -12.17 -34.74
C PHE B 289 -49.12 -11.21 -35.90
N SER B 290 -49.58 -10.00 -35.57
CA SER B 290 -49.74 -8.94 -36.56
C SER B 290 -48.39 -8.26 -36.79
N MET B 291 -48.28 -7.63 -37.95
CA MET B 291 -47.17 -6.76 -38.27
C MET B 291 -47.57 -5.86 -39.45
N GLY B 292 -47.62 -4.55 -39.19
CA GLY B 292 -47.95 -3.54 -40.16
C GLY B 292 -47.14 -2.30 -39.82
N ALA B 293 -47.24 -1.28 -40.66
CA ALA B 293 -46.54 -0.05 -40.40
C ALA B 293 -47.55 1.01 -40.00
N LYS B 294 -47.20 1.83 -38.99
CA LYS B 294 -48.08 2.90 -38.54
C LYS B 294 -48.11 4.02 -39.57
N ASN B 295 -47.02 4.25 -40.28
CA ASN B 295 -46.94 5.45 -41.10
C ASN B 295 -45.92 5.28 -42.22
N GLY B 296 -46.16 4.30 -43.09
CA GLY B 296 -45.27 4.00 -44.19
C GLY B 296 -43.85 3.65 -43.72
N PHE B 297 -42.86 4.00 -44.53
CA PHE B 297 -41.51 3.51 -44.33
C PHE B 297 -40.63 4.68 -43.91
N GLU B 298 -40.00 4.59 -42.71
CA GLU B 298 -38.94 5.53 -42.38
C GLU B 298 -37.84 5.44 -43.43
N TRP B 299 -37.56 4.22 -43.92
CA TRP B 299 -36.53 4.00 -44.91
C TRP B 299 -36.68 2.60 -45.50
N TRP B 300 -36.08 2.38 -46.68
CA TRP B 300 -36.00 1.03 -47.22
C TRP B 300 -34.90 0.98 -48.25
N THR B 301 -34.45 -0.25 -48.56
CA THR B 301 -33.53 -0.46 -49.66
C THR B 301 -33.56 -1.93 -50.07
N LEU B 302 -32.94 -2.19 -51.21
CA LEU B 302 -32.48 -3.51 -51.58
C LEU B 302 -30.97 -3.58 -51.39
N TYR B 303 -30.54 -4.28 -50.34
CA TYR B 303 -29.14 -4.30 -50.00
C TYR B 303 -28.52 -5.48 -50.75
N ILE B 304 -27.60 -5.16 -51.67
CA ILE B 304 -26.85 -6.18 -52.36
C ILE B 304 -25.43 -6.15 -51.81
N ILE B 305 -24.99 -7.32 -51.31
CA ILE B 305 -23.86 -7.38 -50.40
C ILE B 305 -23.13 -8.70 -50.59
N GLY B 306 -21.83 -8.59 -50.85
CA GLY B 306 -20.97 -9.77 -50.89
C GLY B 306 -19.88 -9.62 -49.83
N GLN B 307 -19.13 -10.70 -49.62
CA GLN B 307 -18.06 -10.70 -48.63
C GLN B 307 -16.72 -10.84 -49.35
N ARG B 308 -15.86 -9.82 -49.21
CA ARG B 308 -14.59 -9.78 -49.90
C ARG B 308 -13.60 -8.94 -49.11
N VAL B 309 -12.31 -9.12 -49.41
CA VAL B 309 -11.23 -8.38 -48.79
C VAL B 309 -10.28 -7.87 -49.86
N ALA B 310 -9.86 -6.63 -49.74
CA ALA B 310 -8.87 -6.11 -50.64
C ALA B 310 -7.55 -6.87 -50.46
N SER B 311 -6.81 -7.02 -51.56
CA SER B 311 -5.55 -7.72 -51.59
C SER B 311 -4.46 -6.92 -50.87
N ARG B 312 -4.66 -5.62 -50.68
CA ARG B 312 -3.69 -4.73 -50.04
C ARG B 312 -4.48 -3.59 -49.40
N PHE B 313 -4.09 -3.08 -48.21
CA PHE B 313 -4.80 -2.01 -47.55
C PHE B 313 -4.01 -0.69 -47.61
N SER B 314 -2.83 -0.72 -48.25
CA SER B 314 -2.11 0.50 -48.54
C SER B 314 -1.19 0.29 -49.71
N LEU B 315 -0.81 1.43 -50.32
CA LEU B 315 0.28 1.49 -51.26
C LEU B 315 1.37 2.38 -50.66
N HIS B 316 2.54 1.77 -50.40
CA HIS B 316 3.75 2.46 -49.93
C HIS B 316 3.56 3.16 -48.59
N GLU B 317 2.50 2.78 -47.84
CA GLU B 317 2.12 3.41 -46.60
C GLU B 317 1.87 4.91 -46.77
N ARG B 318 1.40 5.29 -47.94
CA ARG B 318 1.13 6.69 -48.23
C ARG B 318 -0.31 6.92 -48.63
N VAL B 319 -0.91 5.96 -49.35
CA VAL B 319 -2.34 5.90 -49.58
C VAL B 319 -2.90 4.65 -48.91
N PHE B 320 -3.91 4.81 -48.07
CA PHE B 320 -4.54 3.70 -47.38
C PHE B 320 -6.01 3.56 -47.80
N ILE B 321 -6.60 2.40 -47.51
CA ILE B 321 -8.03 2.24 -47.63
C ILE B 321 -8.56 1.62 -46.33
N ALA B 322 -9.85 1.92 -46.07
CA ALA B 322 -10.50 1.51 -44.85
C ALA B 322 -11.99 1.27 -45.06
N GLY B 323 -12.53 0.40 -44.21
CA GLY B 323 -13.95 0.12 -44.18
C GLY B 323 -14.38 -0.68 -45.40
N ASP B 324 -15.59 -0.40 -45.89
CA ASP B 324 -16.12 -1.15 -47.03
C ASP B 324 -15.21 -1.02 -48.24
N ALA B 325 -14.34 -0.01 -48.28
CA ALA B 325 -13.42 0.15 -49.39
C ALA B 325 -12.41 -1.01 -49.44
N CYS B 326 -12.19 -1.69 -48.30
CA CYS B 326 -11.25 -2.81 -48.33
C CYS B 326 -11.79 -4.09 -47.69
N HIS B 327 -13.01 -4.12 -47.17
CA HIS B 327 -13.65 -5.38 -46.80
C HIS B 327 -15.14 -5.15 -46.48
N THR B 328 -15.97 -6.11 -46.90
CA THR B 328 -17.42 -6.08 -46.72
C THR B 328 -17.86 -7.39 -46.04
N HIS B 329 -18.99 -7.31 -45.33
CA HIS B 329 -19.51 -8.40 -44.52
C HIS B 329 -21.03 -8.47 -44.65
N SER B 330 -21.57 -9.68 -44.58
CA SER B 330 -23.00 -9.84 -44.69
C SER B 330 -23.68 -9.29 -43.44
N PRO B 331 -24.98 -8.95 -43.56
CA PRO B 331 -25.79 -8.62 -42.39
C PRO B 331 -25.82 -9.68 -41.27
N LYS B 332 -25.83 -10.96 -41.64
CA LYS B 332 -25.82 -12.08 -40.72
C LYS B 332 -24.50 -12.21 -39.98
N ALA B 333 -23.44 -11.61 -40.53
CA ALA B 333 -22.13 -11.58 -39.87
C ALA B 333 -22.15 -10.60 -38.69
N GLY B 334 -23.14 -9.69 -38.71
CA GLY B 334 -23.40 -8.77 -37.62
C GLY B 334 -22.33 -7.70 -37.44
N GLN B 335 -21.57 -7.39 -38.49
CA GLN B 335 -20.47 -6.44 -38.34
C GLN B 335 -20.91 -5.02 -38.64
N GLY B 336 -21.95 -4.82 -39.46
CA GLY B 336 -22.30 -3.48 -39.91
C GLY B 336 -21.06 -2.62 -40.17
N MET B 337 -21.00 -1.47 -39.51
CA MET B 337 -19.95 -0.48 -39.74
C MET B 337 -18.86 -0.58 -38.68
N ASN B 338 -18.91 -1.62 -37.84
CA ASN B 338 -18.07 -1.70 -36.66
C ASN B 338 -16.59 -1.94 -36.99
N ALA B 339 -16.32 -2.89 -37.90
CA ALA B 339 -14.94 -3.15 -38.28
C ALA B 339 -14.41 -1.99 -39.09
N SER B 340 -15.28 -1.36 -39.89
CA SER B 340 -14.90 -0.17 -40.61
C SER B 340 -14.38 0.92 -39.65
N MET B 341 -15.14 1.25 -38.60
CA MET B 341 -14.70 2.28 -37.67
C MET B 341 -13.45 1.87 -36.88
N ASN B 342 -13.30 0.59 -36.57
CA ASN B 342 -12.11 0.14 -35.85
C ASN B 342 -10.88 0.13 -36.75
N ASP B 343 -11.06 0.10 -38.06
CA ASP B 343 -9.96 0.24 -38.99
C ASP B 343 -9.29 1.61 -38.79
N THR B 344 -10.07 2.69 -38.79
CA THR B 344 -9.48 4.03 -38.74
C THR B 344 -9.08 4.42 -37.31
N HIS B 345 -9.69 3.79 -36.30
CA HIS B 345 -9.22 3.97 -34.92
C HIS B 345 -7.81 3.39 -34.77
N ASN B 346 -7.53 2.35 -35.55
CA ASN B 346 -6.22 1.75 -35.64
C ASN B 346 -5.25 2.66 -36.39
N LEU B 347 -5.71 3.29 -37.47
CA LEU B 347 -4.82 3.99 -38.39
C LEU B 347 -4.38 5.35 -37.82
N ALA B 348 -5.33 6.09 -37.21
CA ALA B 348 -5.15 7.53 -37.03
C ALA B 348 -4.02 7.83 -36.04
N TRP B 349 -4.02 7.19 -34.87
CA TRP B 349 -2.95 7.42 -33.94
C TRP B 349 -1.59 7.14 -34.59
N LYS B 350 -1.54 6.16 -35.49
CA LYS B 350 -0.30 5.79 -36.15
C LYS B 350 0.12 6.87 -37.13
N LEU B 351 -0.85 7.40 -37.92
CA LEU B 351 -0.57 8.54 -38.79
C LEU B 351 -0.10 9.72 -37.95
N THR B 352 -0.83 9.97 -36.86
CA THR B 352 -0.53 11.07 -35.97
C THR B 352 0.92 11.02 -35.51
N HIS B 353 1.34 9.86 -34.99
CA HIS B 353 2.70 9.71 -34.48
C HIS B 353 3.74 9.95 -35.57
N VAL B 354 3.49 9.46 -36.80
CA VAL B 354 4.43 9.64 -37.88
C VAL B 354 4.60 11.14 -38.17
N LEU B 355 3.48 11.86 -38.21
CA LEU B 355 3.49 13.27 -38.58
C LEU B 355 4.16 14.11 -37.50
N ARG B 356 3.95 13.74 -36.24
CA ARG B 356 4.61 14.43 -35.15
C ARG B 356 6.10 14.08 -35.07
N GLY B 357 6.57 13.15 -35.88
CA GLY B 357 7.96 12.73 -35.84
C GLY B 357 8.29 11.80 -34.66
N TRP B 358 7.25 11.26 -34.00
CA TRP B 358 7.41 10.38 -32.85
C TRP B 358 7.67 8.95 -33.29
N ALA B 359 7.13 8.57 -34.46
CA ALA B 359 7.30 7.20 -34.93
C ALA B 359 7.85 7.20 -36.33
N ASP B 360 8.71 6.22 -36.60
CA ASP B 360 9.19 5.95 -37.94
C ASP B 360 7.99 5.57 -38.80
N ILE B 361 8.10 5.87 -40.10
CA ILE B 361 6.99 5.72 -41.03
C ILE B 361 6.57 4.27 -41.13
N SER B 362 7.51 3.35 -40.86
CA SER B 362 7.26 1.93 -41.03
C SER B 362 6.22 1.40 -40.05
N VAL B 363 5.89 2.18 -39.02
CA VAL B 363 4.90 1.73 -38.06
C VAL B 363 3.56 1.52 -38.77
N LEU B 364 3.34 2.29 -39.87
CA LEU B 364 2.09 2.26 -40.60
C LEU B 364 1.88 0.93 -41.29
N LYS B 365 2.94 0.14 -41.46
CA LYS B 365 2.78 -1.19 -42.01
C LYS B 365 1.90 -2.05 -41.09
N THR B 366 1.88 -1.72 -39.81
CA THR B 366 1.08 -2.48 -38.85
C THR B 366 -0.42 -2.33 -39.11
N TYR B 367 -0.84 -1.27 -39.80
CA TYR B 367 -2.24 -1.09 -40.13
C TYR B 367 -2.76 -2.25 -40.97
N GLU B 368 -2.12 -2.47 -42.13
CA GLU B 368 -2.50 -3.57 -43.02
C GLU B 368 -2.36 -4.89 -42.25
N PHE B 369 -1.22 -5.08 -41.58
CA PHE B 369 -0.91 -6.33 -40.91
C PHE B 369 -2.03 -6.72 -39.94
N GLU B 370 -2.50 -5.73 -39.16
CA GLU B 370 -3.47 -5.94 -38.12
C GLU B 370 -4.87 -6.07 -38.69
N ARG B 371 -5.29 -5.07 -39.50
CA ARG B 371 -6.69 -4.91 -39.90
C ARG B 371 -7.08 -5.82 -41.07
N ARG B 372 -6.15 -6.10 -41.97
CA ARG B 372 -6.45 -7.00 -43.08
C ARG B 372 -6.57 -8.43 -42.60
N LYS B 373 -5.75 -8.85 -41.60
CA LYS B 373 -5.84 -10.18 -41.02
C LYS B 373 -7.19 -10.37 -40.34
N TYR B 374 -7.62 -9.33 -39.61
CA TYR B 374 -8.90 -9.38 -38.93
C TYR B 374 -10.02 -9.60 -39.94
N ALA B 375 -9.96 -8.88 -41.06
CA ALA B 375 -11.03 -8.96 -42.04
C ALA B 375 -11.10 -10.36 -42.63
N GLN B 376 -9.92 -10.95 -42.88
CA GLN B 376 -9.84 -12.28 -43.45
C GLN B 376 -10.37 -13.31 -42.46
N ASP B 377 -9.98 -13.18 -41.19
CA ASP B 377 -10.44 -14.04 -40.12
C ASP B 377 -11.97 -14.01 -39.99
N LEU B 378 -12.60 -12.85 -40.17
CA LEU B 378 -14.05 -12.73 -40.11
C LEU B 378 -14.72 -13.56 -41.18
N ILE B 379 -14.24 -13.41 -42.41
CA ILE B 379 -14.87 -14.02 -43.56
C ILE B 379 -14.54 -15.50 -43.63
N ASP B 380 -13.34 -15.90 -43.17
CA ASP B 380 -12.96 -17.31 -43.09
C ASP B 380 -13.85 -18.04 -42.10
N PHE B 381 -14.14 -17.38 -40.98
CA PHE B 381 -15.05 -17.90 -39.97
C PHE B 381 -16.47 -17.95 -40.51
N ASP B 382 -16.93 -16.90 -41.21
CA ASP B 382 -18.28 -16.88 -41.75
C ASP B 382 -18.48 -18.02 -42.77
N LYS B 383 -17.51 -18.24 -43.67
CA LYS B 383 -17.63 -19.32 -44.67
C LYS B 383 -17.75 -20.68 -43.98
N LYS B 384 -16.83 -20.97 -43.05
CA LYS B 384 -16.77 -22.26 -42.37
C LYS B 384 -18.03 -22.51 -41.53
N PHE B 385 -18.53 -21.49 -40.82
CA PHE B 385 -19.37 -21.77 -39.67
C PHE B 385 -20.71 -21.04 -39.69
N SER B 386 -21.06 -20.26 -40.71
CA SER B 386 -22.24 -19.37 -40.58
C SER B 386 -23.55 -20.16 -40.69
N LYS B 387 -23.50 -21.34 -41.33
CA LYS B 387 -24.65 -22.24 -41.42
C LYS B 387 -25.15 -22.68 -40.04
N LEU B 388 -24.32 -22.59 -39.00
CA LEU B 388 -24.74 -22.91 -37.64
C LEU B 388 -25.65 -21.84 -37.02
N PHE B 389 -25.73 -20.62 -37.58
CA PHE B 389 -26.23 -19.45 -36.87
C PHE B 389 -27.36 -18.76 -37.63
N SER B 390 -28.23 -19.52 -38.30
CA SER B 390 -29.39 -18.95 -38.96
C SER B 390 -30.53 -18.72 -37.94
N GLY B 391 -30.51 -19.49 -36.83
CA GLY B 391 -31.48 -19.33 -35.77
C GLY B 391 -32.56 -20.41 -35.79
N LYS B 392 -32.36 -21.44 -36.62
CA LYS B 392 -33.12 -22.68 -36.51
C LYS B 392 -32.51 -23.51 -35.38
N PRO B 393 -33.29 -24.31 -34.65
CA PRO B 393 -32.78 -25.00 -33.45
C PRO B 393 -31.87 -26.17 -33.86
N ARG B 394 -30.86 -26.47 -33.03
CA ARG B 394 -30.11 -27.71 -33.18
C ARG B 394 -30.98 -28.87 -32.68
N THR B 395 -31.49 -29.67 -33.62
CA THR B 395 -32.37 -30.80 -33.36
C THR B 395 -31.59 -32.11 -33.30
N GLU B 396 -30.57 -32.24 -34.17
CA GLU B 396 -30.07 -33.53 -34.61
C GLU B 396 -28.76 -33.85 -33.91
N ASP B 397 -28.41 -35.13 -34.04
CA ASP B 397 -27.07 -35.67 -33.83
C ASP B 397 -26.12 -35.05 -34.87
N ASN B 398 -25.07 -34.36 -34.40
CA ASN B 398 -23.99 -33.91 -35.26
C ASN B 398 -24.54 -33.12 -36.46
N GLN B 399 -25.41 -32.15 -36.16
CA GLN B 399 -26.12 -31.38 -37.16
C GLN B 399 -25.18 -30.40 -37.89
N ASP B 400 -25.38 -30.28 -39.22
CA ASP B 400 -24.59 -29.43 -40.11
C ASP B 400 -23.15 -29.95 -40.16
N GLY B 401 -22.94 -31.23 -39.80
CA GLY B 401 -21.64 -31.85 -39.77
C GLY B 401 -20.71 -31.27 -38.71
N VAL B 402 -21.24 -30.92 -37.54
CA VAL B 402 -20.42 -30.39 -36.45
C VAL B 402 -20.96 -30.96 -35.14
N SER B 403 -20.07 -31.33 -34.22
CA SER B 403 -20.47 -31.98 -32.97
C SER B 403 -20.95 -30.91 -31.99
N HIS B 404 -21.48 -31.32 -30.83
CA HIS B 404 -21.91 -30.38 -29.81
C HIS B 404 -20.71 -29.57 -29.32
N GLU B 405 -19.54 -30.22 -29.15
CA GLU B 405 -18.33 -29.62 -28.61
C GLU B 405 -17.87 -28.48 -29.55
N GLU B 406 -17.81 -28.83 -30.84
CA GLU B 406 -17.36 -27.93 -31.88
C GLU B 406 -18.38 -26.80 -32.07
N PHE B 407 -19.69 -27.07 -31.95
CA PHE B 407 -20.72 -26.04 -32.04
C PHE B 407 -20.55 -25.00 -30.93
N LEU B 408 -20.28 -25.47 -29.70
CA LEU B 408 -20.18 -24.59 -28.55
C LEU B 408 -18.98 -23.66 -28.71
N GLU B 409 -17.89 -24.21 -29.25
CA GLU B 409 -16.67 -23.45 -29.45
C GLU B 409 -16.86 -22.40 -30.55
N ALA B 410 -17.59 -22.77 -31.62
CA ALA B 410 -17.91 -21.86 -32.70
C ALA B 410 -18.84 -20.74 -32.26
N PHE B 411 -19.88 -21.05 -31.45
CA PHE B 411 -20.76 -20.02 -30.94
C PHE B 411 -19.99 -19.02 -30.08
N GLN B 412 -18.96 -19.51 -29.35
CA GLN B 412 -18.07 -18.71 -28.52
C GLN B 412 -17.22 -17.77 -29.39
N THR B 413 -16.57 -18.35 -30.41
CA THR B 413 -15.77 -17.58 -31.33
C THR B 413 -16.64 -16.52 -32.02
N PHE B 414 -17.84 -16.90 -32.50
CA PHE B 414 -18.72 -16.00 -33.22
C PHE B 414 -19.09 -14.80 -32.36
N GLY B 415 -19.39 -15.09 -31.08
CA GLY B 415 -19.70 -14.08 -30.09
C GLY B 415 -18.55 -13.10 -29.88
N LEU B 416 -17.32 -13.63 -29.96
CA LEU B 416 -16.13 -12.80 -29.86
C LEU B 416 -15.95 -11.94 -31.13
N PHE B 417 -16.43 -12.43 -32.28
CA PHE B 417 -16.30 -11.63 -33.49
C PHE B 417 -17.31 -10.49 -33.46
N THR B 418 -18.55 -10.80 -33.10
CA THR B 418 -19.62 -9.82 -33.10
C THR B 418 -19.43 -8.82 -31.97
N SER B 419 -18.90 -9.22 -30.82
CA SER B 419 -18.67 -8.24 -29.76
C SER B 419 -17.58 -7.22 -30.14
N GLY B 420 -16.60 -7.62 -30.97
CA GLY B 420 -15.43 -6.80 -31.28
C GLY B 420 -14.32 -6.95 -30.23
N ILE B 421 -14.56 -7.81 -29.23
CA ILE B 421 -13.65 -7.95 -28.10
C ILE B 421 -12.60 -9.02 -28.39
N GLY B 422 -12.88 -9.90 -29.36
CA GLY B 422 -11.99 -11.02 -29.68
C GLY B 422 -10.68 -10.58 -30.33
N VAL B 423 -10.62 -9.37 -30.88
CA VAL B 423 -9.52 -8.92 -31.73
C VAL B 423 -8.21 -9.16 -31.01
N HIS B 424 -7.38 -9.99 -31.63
CA HIS B 424 -6.09 -10.36 -31.11
C HIS B 424 -5.09 -10.12 -32.22
N TYR B 425 -4.34 -9.03 -32.08
CA TYR B 425 -3.29 -8.69 -33.03
C TYR B 425 -2.04 -9.53 -32.81
N GLN B 426 -1.45 -9.97 -33.93
CA GLN B 426 -0.25 -10.82 -33.93
C GLN B 426 1.00 -9.99 -33.66
N PRO B 427 2.12 -10.63 -33.27
CA PRO B 427 3.36 -9.89 -32.99
C PRO B 427 3.81 -8.99 -34.13
N SER B 428 4.33 -7.83 -33.81
CA SER B 428 4.77 -6.83 -34.78
C SER B 428 5.68 -5.88 -34.04
N ALA B 429 6.09 -4.82 -34.71
CA ALA B 429 6.81 -3.76 -34.03
C ALA B 429 6.06 -3.23 -32.78
N ILE B 430 4.71 -3.20 -32.79
CA ILE B 430 3.96 -2.58 -31.71
C ILE B 430 3.25 -3.61 -30.84
N THR B 431 3.56 -4.90 -31.03
CA THR B 431 2.98 -5.99 -30.26
C THR B 431 4.10 -7.00 -29.95
N HIS B 432 4.66 -6.94 -28.72
CA HIS B 432 5.74 -7.81 -28.30
C HIS B 432 5.18 -8.79 -27.27
N ALA B 433 4.97 -10.03 -27.70
CA ALA B 433 4.36 -11.06 -26.90
C ALA B 433 5.42 -11.75 -26.07
N LYS B 434 5.67 -11.16 -24.91
CA LYS B 434 6.69 -11.60 -23.98
C LYS B 434 6.13 -11.35 -22.59
N HIS B 435 6.56 -12.12 -21.62
CA HIS B 435 6.21 -11.91 -20.23
C HIS B 435 4.71 -12.05 -20.00
N GLN B 436 4.02 -12.77 -20.90
CA GLN B 436 2.58 -12.95 -20.81
C GLN B 436 2.21 -13.56 -19.44
N ASP B 437 3.05 -14.45 -18.93
CA ASP B 437 2.75 -15.13 -17.68
C ASP B 437 2.51 -14.16 -16.52
N LEU B 438 3.06 -12.92 -16.57
CA LEU B 438 2.99 -11.98 -15.46
C LEU B 438 1.62 -11.32 -15.33
N ALA B 439 0.83 -11.34 -16.42
CA ALA B 439 -0.56 -10.91 -16.37
C ALA B 439 -1.36 -11.67 -17.42
N SER B 440 -1.62 -12.95 -17.11
CA SER B 440 -2.14 -13.92 -18.07
C SER B 440 -3.50 -13.48 -18.65
N THR B 441 -4.25 -12.63 -17.93
CA THR B 441 -5.55 -12.20 -18.40
C THR B 441 -5.43 -11.05 -19.39
N LEU B 442 -4.37 -10.26 -19.26
CA LEU B 442 -4.17 -9.10 -20.11
C LEU B 442 -3.41 -9.57 -21.34
N VAL B 443 -4.14 -10.28 -22.19
CA VAL B 443 -3.56 -10.86 -23.37
C VAL B 443 -2.96 -9.72 -24.20
N ILE B 444 -1.70 -9.94 -24.58
CA ILE B 444 -0.98 -9.00 -25.40
C ILE B 444 -1.54 -9.05 -26.82
N GLY B 445 -1.88 -7.88 -27.36
CA GLY B 445 -2.53 -7.77 -28.66
C GLY B 445 -4.04 -7.73 -28.58
N GLU B 446 -4.59 -7.93 -27.38
CA GLU B 446 -6.02 -7.76 -27.15
C GLU B 446 -6.25 -6.47 -26.35
N ARG B 447 -7.50 -6.02 -26.33
CA ARG B 447 -7.83 -4.76 -25.73
C ARG B 447 -7.66 -4.88 -24.22
N MET B 448 -7.29 -3.77 -23.56
CA MET B 448 -7.07 -3.74 -22.14
C MET B 448 -8.35 -4.18 -21.44
N VAL B 449 -8.23 -5.05 -20.42
CA VAL B 449 -9.39 -5.70 -19.85
C VAL B 449 -10.02 -4.77 -18.80
N PRO B 450 -11.33 -4.49 -18.91
CA PRO B 450 -12.05 -3.69 -17.93
C PRO B 450 -11.94 -4.28 -16.54
N HIS B 451 -11.63 -3.38 -15.57
CA HIS B 451 -11.76 -3.60 -14.14
C HIS B 451 -11.71 -2.22 -13.45
N VAL B 452 -12.31 -2.12 -12.26
CA VAL B 452 -12.39 -0.86 -11.54
C VAL B 452 -11.26 -0.77 -10.52
N PHE B 453 -10.58 0.37 -10.51
CA PHE B 453 -9.66 0.73 -9.43
C PHE B 453 -10.13 2.03 -8.78
N VAL B 454 -9.53 2.39 -7.63
CA VAL B 454 -9.87 3.64 -6.99
C VAL B 454 -8.63 4.51 -6.82
N ARG B 455 -8.80 5.81 -7.03
CA ARG B 455 -7.76 6.80 -6.82
C ARG B 455 -7.44 6.96 -5.34
N ALA B 456 -6.16 7.00 -4.98
CA ALA B 456 -5.75 7.16 -3.60
C ALA B 456 -6.12 8.54 -3.06
N ALA B 457 -6.12 9.54 -3.94
CA ALA B 457 -6.20 10.93 -3.54
C ALA B 457 -7.58 11.26 -2.99
N ASP B 458 -8.61 10.71 -3.63
CA ASP B 458 -9.98 11.15 -3.41
C ASP B 458 -10.95 9.97 -3.37
N ALA B 459 -10.48 8.75 -3.58
CA ALA B 459 -11.29 7.55 -3.41
C ALA B 459 -12.31 7.38 -4.53
N ARG B 460 -12.22 8.19 -5.58
CA ARG B 460 -13.15 8.02 -6.67
C ARG B 460 -12.78 6.77 -7.46
N PRO B 461 -13.73 5.89 -7.76
CA PRO B 461 -13.50 4.74 -8.62
C PRO B 461 -13.58 5.04 -10.11
N TYR B 462 -12.76 4.34 -10.89
CA TYR B 462 -12.72 4.47 -12.34
C TYR B 462 -12.47 3.10 -12.94
N ASP B 463 -13.17 2.77 -14.02
CA ASP B 463 -12.78 1.64 -14.82
C ASP B 463 -11.46 2.01 -15.46
N ILE B 464 -10.55 1.04 -15.55
CA ILE B 464 -9.23 1.33 -16.08
C ILE B 464 -9.40 1.90 -17.46
N GLN B 465 -10.46 1.51 -18.17
CA GLN B 465 -10.65 1.97 -19.54
C GLN B 465 -10.82 3.49 -19.57
N ASP B 466 -11.43 4.05 -18.53
CA ASP B 466 -11.66 5.48 -18.46
C ASP B 466 -10.37 6.23 -18.23
N VAL B 467 -9.27 5.58 -17.81
CA VAL B 467 -7.99 6.28 -17.69
C VAL B 467 -7.10 5.96 -18.89
N LEU B 468 -7.70 5.36 -19.92
CA LEU B 468 -7.01 5.04 -21.16
C LEU B 468 -7.73 5.65 -22.35
N PRO B 469 -7.82 7.02 -22.41
CA PRO B 469 -8.48 7.71 -23.52
C PRO B 469 -7.68 7.62 -24.80
N ALA B 470 -8.34 7.96 -25.91
CA ALA B 470 -7.69 8.04 -27.21
C ALA B 470 -7.13 9.46 -27.35
N ASP B 471 -6.01 9.69 -26.67
CA ASP B 471 -5.38 11.00 -26.61
C ASP B 471 -4.05 10.98 -27.35
N ALA B 472 -3.86 9.96 -28.18
CA ALA B 472 -2.63 9.82 -28.96
C ALA B 472 -1.41 9.56 -28.07
N ARG B 473 -1.62 9.24 -26.79
CA ARG B 473 -0.50 8.88 -25.93
C ARG B 473 -0.46 7.38 -25.66
N PHE B 474 0.78 6.85 -25.54
CA PHE B 474 0.98 5.53 -24.92
C PHE B 474 0.77 5.67 -23.41
N LYS B 475 0.29 4.59 -22.79
CA LYS B 475 0.05 4.58 -21.36
C LYS B 475 0.92 3.50 -20.76
N ILE B 476 1.72 3.85 -19.77
CA ILE B 476 2.53 2.91 -19.01
C ILE B 476 1.84 2.69 -17.67
N LEU B 477 1.21 1.53 -17.51
CA LEU B 477 0.64 1.13 -16.24
C LEU B 477 1.71 0.41 -15.44
N VAL B 478 2.11 1.00 -14.31
CA VAL B 478 3.07 0.39 -13.42
C VAL B 478 2.32 -0.20 -12.25
N PHE B 479 2.17 -1.52 -12.26
CA PHE B 479 1.59 -2.25 -11.15
C PHE B 479 2.68 -2.48 -10.11
N THR B 480 2.61 -1.74 -8.98
CA THR B 480 3.76 -1.58 -8.11
C THR B 480 3.88 -2.70 -7.09
N GLY B 481 2.84 -3.54 -6.96
CA GLY B 481 2.77 -4.54 -5.91
C GLY B 481 2.34 -3.95 -4.57
N VAL B 482 2.70 -4.61 -3.47
CA VAL B 482 2.30 -4.17 -2.14
C VAL B 482 3.24 -3.04 -1.69
N ILE B 483 2.84 -1.80 -1.97
CA ILE B 483 3.67 -0.63 -1.82
C ILE B 483 3.96 -0.32 -0.35
N THR B 484 3.13 -0.86 0.54
CA THR B 484 3.26 -0.69 1.98
C THR B 484 4.40 -1.54 2.56
N ASP B 485 4.86 -2.57 1.84
CA ASP B 485 5.99 -3.38 2.29
C ASP B 485 7.27 -2.63 1.91
N PRO B 486 8.09 -2.21 2.90
CA PRO B 486 9.29 -1.41 2.62
C PRO B 486 10.16 -1.88 1.45
N ALA B 487 10.35 -3.21 1.33
CA ALA B 487 11.17 -3.77 0.25
C ALA B 487 10.61 -3.42 -1.12
N GLN B 488 9.28 -3.51 -1.26
CA GLN B 488 8.59 -3.31 -2.54
C GLN B 488 8.40 -1.83 -2.83
N ALA B 489 8.39 -1.03 -1.76
CA ALA B 489 8.43 0.41 -1.87
C ALA B 489 9.79 0.86 -2.37
N ALA B 490 10.87 0.27 -1.88
CA ALA B 490 12.21 0.61 -2.32
C ALA B 490 12.37 0.23 -3.78
N ARG B 491 11.73 -0.89 -4.15
CA ARG B 491 11.74 -1.38 -5.53
C ARG B 491 11.08 -0.36 -6.45
N ALA B 492 9.89 0.10 -6.04
CA ALA B 492 9.13 1.07 -6.79
C ALA B 492 9.95 2.34 -7.02
N ALA B 493 10.65 2.79 -5.98
CA ALA B 493 11.39 4.05 -6.03
C ALA B 493 12.56 3.92 -7.01
N ALA B 494 13.21 2.75 -6.97
CA ALA B 494 14.31 2.44 -7.86
C ALA B 494 13.85 2.45 -9.31
N LEU B 495 12.70 1.82 -9.58
CA LEU B 495 12.16 1.81 -10.93
C LEU B 495 11.86 3.24 -11.40
N ALA B 496 11.26 4.06 -10.54
CA ALA B 496 10.96 5.45 -10.86
C ALA B 496 12.24 6.21 -11.22
N GLU B 497 13.34 6.04 -10.46
CA GLU B 497 14.61 6.67 -10.82
C GLU B 497 15.00 6.31 -12.25
N GLU B 498 14.87 5.02 -12.51
CA GLU B 498 15.35 4.40 -13.74
C GLU B 498 14.59 4.96 -14.93
N MET B 499 13.26 5.06 -14.81
CA MET B 499 12.42 5.54 -15.87
C MET B 499 12.65 7.03 -16.14
N ASP B 500 12.99 7.81 -15.12
CA ASP B 500 13.16 9.27 -15.25
C ASP B 500 14.61 9.65 -15.47
N ALA B 501 15.52 8.68 -15.50
CA ALA B 501 16.92 8.90 -15.81
C ALA B 501 17.06 9.36 -17.27
N PRO B 502 18.12 10.13 -17.61
CA PRO B 502 18.14 10.91 -18.85
C PRO B 502 18.23 10.02 -20.10
N GLY B 503 18.84 8.85 -19.95
CA GLY B 503 18.99 7.92 -21.05
C GLY B 503 17.83 6.94 -21.17
N SER B 504 16.77 7.06 -20.37
CA SER B 504 15.70 6.08 -20.45
C SER B 504 14.88 6.32 -21.71
N PHE B 505 14.06 5.32 -22.04
CA PHE B 505 13.21 5.39 -23.21
C PHE B 505 12.29 6.61 -23.14
N TYR B 506 11.82 6.94 -21.94
CA TYR B 506 10.85 7.99 -21.70
C TYR B 506 11.40 9.32 -22.19
N HIS B 507 12.64 9.67 -21.83
CA HIS B 507 13.24 10.95 -22.22
C HIS B 507 13.76 10.91 -23.67
N ARG B 508 14.36 9.78 -24.05
CA ARG B 508 14.98 9.62 -25.36
C ARG B 508 13.96 9.69 -26.49
N PHE B 509 12.71 9.29 -26.20
CA PHE B 509 11.65 9.26 -27.21
C PHE B 509 10.56 10.26 -26.88
N GLY B 510 10.78 11.11 -25.87
CA GLY B 510 9.77 12.02 -25.36
C GLY B 510 9.86 13.42 -25.98
N HIS B 511 10.82 13.68 -26.87
CA HIS B 511 10.78 14.87 -27.69
C HIS B 511 10.62 16.14 -26.87
N GLU B 512 11.39 16.27 -25.79
CA GLU B 512 11.52 17.53 -25.06
C GLU B 512 10.36 17.74 -24.08
N ASN B 513 9.19 17.13 -24.35
CA ASN B 513 8.15 17.05 -23.37
C ASN B 513 7.56 15.63 -23.34
N PRO B 514 8.16 14.71 -22.56
CA PRO B 514 7.78 13.31 -22.60
C PRO B 514 6.36 12.97 -22.16
N ALA B 515 5.75 13.82 -21.33
CA ALA B 515 4.40 13.53 -20.85
C ALA B 515 3.37 13.70 -21.96
N ARG B 516 3.74 14.35 -23.07
CA ARG B 516 2.86 14.43 -24.22
C ARG B 516 2.83 13.10 -24.98
N VAL B 517 3.87 12.27 -24.78
CA VAL B 517 3.98 10.99 -25.47
C VAL B 517 3.51 9.84 -24.59
N PHE B 518 3.87 9.90 -23.31
CA PHE B 518 3.77 8.79 -22.40
C PHE B 518 2.99 9.19 -21.15
N ASP B 519 1.90 8.46 -20.86
CA ASP B 519 1.06 8.71 -19.69
C ASP B 519 1.40 7.65 -18.67
N VAL B 520 2.02 8.04 -17.55
CA VAL B 520 2.49 7.06 -16.57
C VAL B 520 1.49 6.97 -15.42
N LEU B 521 1.01 5.76 -15.10
CA LEU B 521 0.12 5.55 -13.98
C LEU B 521 0.66 4.47 -13.04
N SER B 522 0.37 4.62 -11.72
CA SER B 522 0.66 3.61 -10.69
C SER B 522 -0.61 2.85 -10.42
N VAL B 523 -0.48 1.56 -10.15
CA VAL B 523 -1.56 0.80 -9.57
C VAL B 523 -1.00 -0.08 -8.47
N SER B 524 -1.18 0.35 -7.20
CA SER B 524 -0.56 -0.33 -6.07
C SER B 524 -1.57 -1.29 -5.44
N ALA B 525 -1.09 -2.44 -4.95
CA ALA B 525 -1.93 -3.47 -4.34
C ALA B 525 -2.03 -3.22 -2.85
N ALA B 526 -2.77 -2.18 -2.50
CA ALA B 526 -2.98 -1.83 -1.12
C ALA B 526 -4.24 -0.99 -1.03
N LYS B 527 -4.68 -0.71 0.20
CA LYS B 527 -5.93 -0.01 0.42
C LYS B 527 -5.65 1.43 0.84
N LYS B 528 -6.65 2.29 0.68
CA LYS B 528 -6.51 3.74 0.92
C LYS B 528 -6.24 4.03 2.40
N GLU B 529 -6.74 3.17 3.28
CA GLU B 529 -6.46 3.25 4.71
C GLU B 529 -4.96 3.31 4.95
N ASP B 530 -4.17 2.73 4.02
CA ASP B 530 -2.74 2.53 4.23
C ASP B 530 -1.89 3.30 3.22
N VAL B 531 -2.48 4.00 2.27
CA VAL B 531 -1.70 4.68 1.24
C VAL B 531 -2.34 6.05 0.95
N ASN B 532 -1.58 7.12 1.20
CA ASN B 532 -1.93 8.40 0.63
C ASN B 532 -1.21 8.60 -0.70
N TYR B 533 -1.77 9.45 -1.58
CA TYR B 533 -1.24 9.58 -2.95
C TYR B 533 0.22 10.03 -2.90
N THR B 534 0.59 10.77 -1.85
CA THR B 534 1.92 11.34 -1.72
C THR B 534 3.00 10.29 -1.34
N ASP B 535 2.56 9.10 -0.92
CA ASP B 535 3.44 7.99 -0.57
C ASP B 535 4.19 7.44 -1.78
N LEU B 536 3.73 7.69 -3.02
CA LEU B 536 4.38 7.08 -4.16
C LEU B 536 5.52 7.93 -4.66
N PRO B 537 6.47 7.34 -5.40
CA PRO B 537 7.54 8.14 -5.99
C PRO B 537 6.95 9.23 -6.87
N LYS B 538 7.68 10.34 -7.08
CA LYS B 538 7.12 11.47 -7.82
C LYS B 538 6.74 11.06 -9.23
N PHE B 539 7.57 10.21 -9.84
CA PHE B 539 7.39 9.79 -11.23
C PHE B 539 6.12 8.98 -11.40
N PHE B 540 5.65 8.38 -10.32
CA PHE B 540 4.43 7.57 -10.32
C PHE B 540 3.24 8.37 -9.80
N ARG B 541 3.41 9.69 -9.63
CA ARG B 541 2.31 10.57 -9.29
C ARG B 541 2.53 11.93 -9.96
N GLN B 542 2.74 11.93 -11.28
CA GLN B 542 3.11 13.16 -11.92
C GLN B 542 1.94 14.13 -11.81
N HIS B 543 0.72 13.59 -11.69
CA HIS B 543 -0.45 14.32 -11.23
C HIS B 543 -1.05 13.47 -10.12
N TRP B 544 -1.77 14.09 -9.18
CA TRP B 544 -2.30 13.35 -8.05
C TRP B 544 -3.25 12.24 -8.50
N SER B 545 -3.80 12.37 -9.70
CA SER B 545 -4.78 11.40 -10.17
C SER B 545 -4.13 10.14 -10.75
N LYS B 546 -2.81 10.12 -10.82
CA LYS B 546 -2.15 8.97 -11.41
C LYS B 546 -2.03 7.81 -10.43
N VAL B 547 -2.37 8.04 -9.15
CA VAL B 547 -2.11 7.02 -8.14
C VAL B 547 -3.38 6.23 -7.94
N LEU B 548 -3.44 5.03 -8.52
CA LEU B 548 -4.57 4.14 -8.34
C LEU B 548 -4.23 3.06 -7.33
N LEU B 549 -5.29 2.48 -6.73
CA LEU B 549 -5.19 1.41 -5.76
C LEU B 549 -6.12 0.27 -6.16
N ASP B 550 -5.71 -0.95 -5.82
CA ASP B 550 -6.59 -2.07 -5.96
C ASP B 550 -7.38 -2.18 -4.66
N ASP B 551 -8.54 -1.51 -4.64
CA ASP B 551 -9.34 -1.29 -3.44
C ASP B 551 -10.76 -1.01 -3.89
N THR B 552 -11.73 -1.07 -2.98
CA THR B 552 -13.11 -0.76 -3.31
C THR B 552 -13.41 0.72 -3.14
N ASP B 553 -14.48 1.20 -3.76
CA ASP B 553 -15.01 2.51 -3.42
C ASP B 553 -15.47 2.43 -1.96
N LEU B 554 -15.88 3.58 -1.41
CA LEU B 554 -16.12 3.72 0.02
C LEU B 554 -17.32 2.91 0.51
N TYR B 555 -18.28 2.60 -0.38
CA TYR B 555 -19.47 1.84 -0.03
C TYR B 555 -19.36 0.36 -0.42
N ALA B 556 -18.13 -0.05 -0.77
CA ALA B 556 -17.78 -1.40 -1.21
C ALA B 556 -18.76 -1.89 -2.28
N ARG B 557 -19.07 -1.05 -3.26
CA ARG B 557 -19.97 -1.42 -4.34
C ARG B 557 -19.18 -1.87 -5.57
N VAL B 558 -18.00 -1.28 -5.78
CA VAL B 558 -17.17 -1.64 -6.92
C VAL B 558 -15.73 -1.67 -6.47
N GLY B 559 -14.87 -2.20 -7.36
CA GLY B 559 -13.43 -2.24 -7.12
C GLY B 559 -13.03 -3.44 -6.26
N GLY B 560 -11.73 -3.53 -5.99
CA GLY B 560 -11.12 -4.70 -5.38
C GLY B 560 -10.88 -5.79 -6.42
N GLY B 561 -9.92 -6.67 -6.14
CA GLY B 561 -9.74 -7.91 -6.86
C GLY B 561 -9.13 -7.73 -8.25
N GLY B 562 -8.47 -6.58 -8.47
CA GLY B 562 -7.88 -6.23 -9.75
C GLY B 562 -6.61 -7.04 -10.06
N TYR B 563 -5.70 -7.14 -9.09
CA TYR B 563 -4.48 -7.89 -9.29
C TYR B 563 -4.85 -9.34 -9.56
N GLU B 564 -5.80 -9.87 -8.77
CA GLU B 564 -6.29 -11.23 -8.94
C GLU B 564 -6.92 -11.43 -10.33
N ARG B 565 -7.79 -10.52 -10.73
CA ARG B 565 -8.45 -10.58 -12.02
C ARG B 565 -7.44 -10.62 -13.18
N TYR B 566 -6.41 -9.81 -13.07
CA TYR B 566 -5.52 -9.61 -14.20
C TYR B 566 -4.46 -10.72 -14.23
N GLY B 567 -4.34 -11.44 -13.10
CA GLY B 567 -3.38 -12.53 -12.98
C GLY B 567 -1.98 -12.04 -12.57
N ILE B 568 -1.90 -10.88 -11.91
CA ILE B 568 -0.64 -10.30 -11.48
C ILE B 568 -0.35 -10.69 -10.04
N ASP B 569 0.86 -11.19 -9.80
CA ASP B 569 1.36 -11.48 -8.47
C ASP B 569 1.51 -10.14 -7.72
N ALA B 570 0.75 -9.98 -6.63
CA ALA B 570 0.77 -8.76 -5.85
C ALA B 570 2.13 -8.51 -5.19
N GLY B 571 2.94 -9.55 -5.04
CA GLY B 571 4.27 -9.42 -4.46
C GLY B 571 5.33 -8.97 -5.48
N LYS B 572 5.01 -9.00 -6.77
CA LYS B 572 6.01 -8.82 -7.82
C LYS B 572 5.69 -7.63 -8.72
N GLY B 573 4.41 -7.53 -9.10
CA GLY B 573 3.97 -6.46 -9.98
C GLY B 573 4.41 -6.69 -11.41
N ALA B 574 4.16 -5.70 -12.28
CA ALA B 574 4.50 -5.77 -13.68
C ALA B 574 4.29 -4.38 -14.31
N ILE B 575 4.90 -4.18 -15.49
CA ILE B 575 4.64 -3.02 -16.33
C ILE B 575 3.79 -3.46 -17.52
N VAL B 576 2.66 -2.81 -17.73
CA VAL B 576 1.80 -3.11 -18.87
C VAL B 576 1.71 -1.88 -19.75
N VAL B 577 2.10 -2.01 -21.03
CA VAL B 577 2.07 -0.88 -21.92
C VAL B 577 0.79 -0.98 -22.75
N VAL B 578 0.01 0.11 -22.77
CA VAL B 578 -1.20 0.18 -23.59
C VAL B 578 -1.00 1.23 -24.67
N ARG B 579 -1.28 0.82 -25.92
CA ARG B 579 -1.23 1.68 -27.10
C ARG B 579 -2.31 2.75 -27.02
N PRO B 580 -2.20 3.83 -27.83
CA PRO B 580 -3.21 4.87 -27.89
C PRO B 580 -4.63 4.44 -28.30
N ASP B 581 -4.73 3.28 -28.95
CA ASP B 581 -6.00 2.70 -29.37
C ASP B 581 -6.53 1.73 -28.34
N GLY B 582 -5.82 1.61 -27.21
CA GLY B 582 -6.31 0.88 -26.05
C GLY B 582 -6.01 -0.62 -26.08
N TYR B 583 -5.17 -1.08 -27.03
CA TYR B 583 -4.69 -2.45 -27.08
C TYR B 583 -3.41 -2.59 -26.25
N VAL B 584 -3.28 -3.71 -25.55
CA VAL B 584 -2.05 -4.03 -24.85
C VAL B 584 -0.92 -4.31 -25.84
N GLY B 585 0.16 -3.57 -25.72
CA GLY B 585 1.30 -3.71 -26.61
C GLY B 585 2.36 -4.65 -26.07
N THR B 586 2.65 -4.58 -24.77
CA THR B 586 3.58 -5.52 -24.17
C THR B 586 3.44 -5.55 -22.65
N ILE B 587 4.19 -6.45 -22.03
CA ILE B 587 4.25 -6.60 -20.60
C ILE B 587 5.70 -6.82 -20.21
N ALA B 588 6.10 -6.34 -19.06
CA ALA B 588 7.44 -6.62 -18.59
C ALA B 588 7.45 -6.60 -17.06
N PRO B 589 8.38 -7.32 -16.42
CA PRO B 589 8.53 -7.24 -14.96
C PRO B 589 9.10 -5.88 -14.59
N LEU B 590 9.08 -5.57 -13.29
CA LEU B 590 9.52 -4.29 -12.78
C LEU B 590 11.04 -4.13 -12.96
N HIS B 591 11.76 -5.23 -13.09
CA HIS B 591 13.20 -5.19 -13.32
C HIS B 591 13.51 -5.22 -14.83
N GLY B 592 12.47 -5.16 -15.68
CA GLY B 592 12.63 -5.44 -17.11
C GLY B 592 12.36 -4.19 -17.94
N LEU B 593 12.76 -3.04 -17.41
CA LEU B 593 12.67 -1.84 -18.19
C LEU B 593 13.33 -1.99 -19.57
N ARG B 594 14.38 -2.80 -19.69
CA ARG B 594 15.13 -2.89 -20.94
C ARG B 594 14.21 -3.45 -22.04
N ASP B 595 13.19 -4.25 -21.67
CA ASP B 595 12.23 -4.81 -22.61
C ASP B 595 11.18 -3.78 -23.05
N ILE B 596 10.84 -2.85 -22.16
CA ILE B 596 10.02 -1.70 -22.51
C ILE B 596 10.77 -0.82 -23.51
N ASP B 597 12.05 -0.58 -23.22
CA ASP B 597 12.93 0.20 -24.08
C ASP B 597 13.00 -0.45 -25.46
N ALA B 598 13.08 -1.79 -25.49
CA ALA B 598 13.13 -2.52 -26.75
C ALA B 598 11.82 -2.38 -27.51
N TYR B 599 10.70 -2.43 -26.78
CA TYR B 599 9.39 -2.23 -27.38
C TYR B 599 9.39 -0.91 -28.15
N PHE B 600 9.64 0.22 -27.47
CA PHE B 600 9.50 1.50 -28.14
C PHE B 600 10.57 1.67 -29.22
N SER B 601 11.75 1.05 -29.02
CA SER B 601 12.84 1.13 -29.97
C SER B 601 12.50 0.53 -31.33
N ALA B 602 11.60 -0.46 -31.36
CA ALA B 602 11.24 -1.12 -32.61
C ALA B 602 10.40 -0.24 -33.54
N PHE B 603 9.97 0.95 -33.12
CA PHE B 603 9.17 1.78 -34.01
C PHE B 603 9.27 3.29 -33.75
N MET B 604 9.77 3.72 -32.60
CA MET B 604 9.86 5.15 -32.33
C MET B 604 11.18 5.71 -32.87
N ALA B 605 11.13 6.96 -33.33
CA ALA B 605 12.32 7.68 -33.81
C ALA B 605 12.88 8.56 -32.70
N ALA B 606 14.23 8.62 -32.61
CA ALA B 606 14.93 9.41 -31.61
C ALA B 606 15.25 10.81 -32.17
N ILE C 5 -27.97 -1.67 25.64
CA ILE C 5 -27.02 -2.80 25.40
C ILE C 5 -26.21 -3.04 26.68
N ALA C 6 -26.53 -4.13 27.42
CA ALA C 6 -26.00 -4.34 28.78
C ALA C 6 -24.47 -4.31 28.75
N PRO C 7 -23.81 -3.66 29.75
CA PRO C 7 -22.35 -3.60 29.79
C PRO C 7 -21.76 -4.98 30.05
N LYS C 8 -20.65 -5.27 29.43
CA LYS C 8 -20.06 -6.60 29.51
C LYS C 8 -19.28 -6.70 30.83
N GLU C 9 -19.34 -7.83 31.55
CA GLU C 9 -18.64 -7.96 32.83
C GLU C 9 -17.57 -9.07 32.81
N THR C 10 -16.31 -8.71 33.03
CA THR C 10 -15.20 -9.64 32.90
C THR C 10 -14.29 -9.62 34.12
N GLU C 11 -13.37 -10.59 34.19
CA GLU C 11 -12.32 -10.63 35.19
C GLU C 11 -10.95 -10.69 34.51
N VAL C 12 -9.93 -10.43 35.31
CA VAL C 12 -8.55 -10.51 34.87
C VAL C 12 -7.64 -10.45 36.08
N ASP C 13 -6.44 -11.02 35.96
CA ASP C 13 -5.51 -11.02 37.09
C ASP C 13 -4.91 -9.62 37.19
N VAL C 14 -4.39 -9.10 36.07
CA VAL C 14 -3.80 -7.78 36.06
C VAL C 14 -4.32 -6.94 34.89
N LEU C 15 -4.81 -5.75 35.20
CA LEU C 15 -5.20 -4.75 34.23
C LEU C 15 -4.22 -3.58 34.26
N ILE C 16 -3.66 -3.22 33.11
CA ILE C 16 -2.72 -2.11 33.01
C ILE C 16 -3.35 -0.98 32.22
N VAL C 17 -3.34 0.22 32.79
CA VAL C 17 -3.89 1.40 32.16
C VAL C 17 -2.73 2.26 31.69
N GLY C 18 -2.48 2.22 30.37
CA GLY C 18 -1.48 3.03 29.70
C GLY C 18 -0.41 2.16 29.06
N ALA C 19 -0.10 2.42 27.78
CA ALA C 19 0.82 1.60 27.02
C ALA C 19 2.03 2.42 26.62
N GLY C 20 2.56 3.14 27.60
CA GLY C 20 3.84 3.78 27.42
C GLY C 20 4.93 2.86 27.94
N PRO C 21 6.17 3.37 28.09
CA PRO C 21 7.30 2.56 28.54
C PRO C 21 7.05 1.71 29.79
N ALA C 22 6.54 2.34 30.85
CA ALA C 22 6.27 1.59 32.07
C ALA C 22 5.28 0.49 31.77
N GLY C 23 4.22 0.86 31.06
CA GLY C 23 3.11 -0.02 30.72
C GLY C 23 3.57 -1.28 29.98
N VAL C 24 4.44 -1.10 28.97
CA VAL C 24 4.78 -2.19 28.06
C VAL C 24 5.85 -3.06 28.71
N MET C 25 6.77 -2.45 29.46
CA MET C 25 7.67 -3.24 30.27
C MET C 25 6.85 -4.20 31.14
N CYS C 26 5.82 -3.67 31.81
CA CYS C 26 5.05 -4.48 32.74
C CYS C 26 4.30 -5.56 31.97
N ALA C 27 3.63 -5.17 30.90
CA ALA C 27 2.78 -6.09 30.15
C ALA C 27 3.64 -7.19 29.57
N ASN C 28 4.82 -6.83 29.08
CA ASN C 28 5.67 -7.83 28.47
C ASN C 28 6.15 -8.80 29.54
N ALA C 29 6.63 -8.27 30.66
CA ALA C 29 7.18 -9.11 31.71
C ALA C 29 6.12 -10.10 32.20
N LEU C 30 4.88 -9.62 32.34
CA LEU C 30 3.82 -10.49 32.81
C LEU C 30 3.49 -11.53 31.74
N ALA C 31 3.49 -11.12 30.46
CA ALA C 31 3.19 -12.03 29.37
C ALA C 31 4.26 -13.12 29.32
N MET C 32 5.52 -12.75 29.47
CA MET C 32 6.60 -13.74 29.34
C MET C 32 6.54 -14.73 30.50
N ALA C 33 5.96 -14.31 31.63
CA ALA C 33 5.77 -15.18 32.78
C ALA C 33 4.42 -15.88 32.73
N GLY C 34 3.70 -15.75 31.61
CA GLY C 34 2.45 -16.45 31.42
C GLY C 34 1.34 -15.99 32.36
N VAL C 35 1.37 -14.72 32.79
CA VAL C 35 0.34 -14.17 33.66
C VAL C 35 -0.83 -13.65 32.82
N ASN C 36 -2.03 -13.77 33.36
CA ASN C 36 -3.22 -13.25 32.71
C ASN C 36 -3.27 -11.74 32.85
N VAL C 37 -2.87 -11.02 31.80
CA VAL C 37 -2.75 -9.58 31.85
C VAL C 37 -3.44 -8.94 30.65
N ARG C 38 -4.09 -7.80 30.88
CA ARG C 38 -4.64 -7.01 29.80
C ARG C 38 -4.05 -5.61 29.93
N ILE C 39 -3.93 -4.90 28.81
CA ILE C 39 -3.41 -3.54 28.81
C ILE C 39 -4.16 -2.71 27.77
N ILE C 40 -4.54 -1.49 28.21
CA ILE C 40 -5.40 -0.61 27.46
C ILE C 40 -4.69 0.72 27.26
N ASP C 41 -5.17 1.49 26.30
CA ASP C 41 -4.66 2.83 26.08
C ASP C 41 -5.76 3.67 25.42
N GLN C 42 -5.76 4.99 25.64
CA GLN C 42 -6.84 5.82 25.12
C GLN C 42 -6.54 6.33 23.72
N ARG C 43 -5.27 6.26 23.31
CA ARG C 43 -4.85 6.69 21.99
C ARG C 43 -5.28 5.65 20.95
N PRO C 44 -5.95 6.05 19.83
CA PRO C 44 -6.40 5.09 18.83
C PRO C 44 -5.25 4.37 18.14
N VAL C 45 -4.13 5.06 17.94
CA VAL C 45 -2.95 4.39 17.40
C VAL C 45 -1.77 4.69 18.32
N LYS C 46 -0.76 3.81 18.23
CA LYS C 46 0.52 3.87 18.93
C LYS C 46 1.25 5.17 18.58
N VAL C 47 2.12 5.64 19.50
CA VAL C 47 2.97 6.79 19.18
C VAL C 47 4.04 6.41 18.15
N ALA C 48 4.21 7.32 17.18
CA ALA C 48 4.98 7.04 15.99
C ALA C 48 6.39 7.64 16.13
N ALA C 49 6.59 8.64 17.02
CA ALA C 49 7.77 9.47 16.92
C ALA C 49 8.06 10.14 18.26
N GLY C 50 9.35 10.47 18.47
CA GLY C 50 9.77 11.45 19.46
C GLY C 50 9.53 11.02 20.90
N GLN C 51 9.37 12.02 21.80
CA GLN C 51 9.21 11.83 23.23
C GLN C 51 10.52 11.28 23.83
N ALA C 52 10.42 10.49 24.90
CA ALA C 52 11.59 9.84 25.49
C ALA C 52 12.44 9.20 24.37
N ASP C 53 13.76 9.26 24.51
CA ASP C 53 14.63 8.75 23.46
C ASP C 53 15.95 8.20 24.01
N GLY C 54 16.28 8.37 25.29
CA GLY C 54 17.54 7.87 25.85
C GLY C 54 17.38 6.60 26.69
N ILE C 55 18.24 5.63 26.49
CA ILE C 55 18.27 4.43 27.33
C ILE C 55 19.60 4.36 28.07
N GLN C 56 19.55 4.11 29.39
CA GLN C 56 20.73 4.10 30.23
C GLN C 56 21.37 2.71 30.31
N PRO C 57 22.69 2.64 30.61
CA PRO C 57 23.39 1.37 30.81
C PRO C 57 22.64 0.27 31.56
N ARG C 58 22.07 0.59 32.73
CA ARG C 58 21.43 -0.44 33.53
C ARG C 58 20.19 -0.93 32.79
N THR C 59 19.51 -0.02 32.09
CA THR C 59 18.27 -0.37 31.40
C THR C 59 18.58 -1.32 30.26
N ILE C 60 19.74 -1.13 29.60
CA ILE C 60 20.20 -2.07 28.59
C ILE C 60 20.38 -3.46 29.20
N GLU C 61 21.02 -3.53 30.36
CA GLU C 61 21.20 -4.78 31.08
C GLU C 61 19.83 -5.41 31.34
N VAL C 62 18.85 -4.58 31.76
CA VAL C 62 17.52 -5.11 32.02
C VAL C 62 16.88 -5.68 30.75
N LEU C 63 16.93 -4.93 29.65
CA LEU C 63 16.35 -5.45 28.42
C LEU C 63 17.06 -6.75 28.02
N GLN C 64 18.37 -6.81 28.30
CA GLN C 64 19.12 -8.01 28.03
C GLN C 64 18.50 -9.19 28.76
N SER C 65 18.06 -8.96 30.01
CA SER C 65 17.49 -10.03 30.83
C SER C 65 16.19 -10.57 30.22
N TYR C 66 15.57 -9.81 29.28
CA TYR C 66 14.31 -10.20 28.62
C TYR C 66 14.60 -10.69 27.20
N GLY C 67 15.86 -10.65 26.79
CA GLY C 67 16.23 -10.95 25.42
C GLY C 67 15.94 -9.81 24.45
N LEU C 68 15.85 -8.55 24.93
CA LEU C 68 15.39 -7.45 24.09
C LEU C 68 16.52 -6.48 23.76
N ALA C 69 17.64 -6.59 24.46
CA ALA C 69 18.74 -5.65 24.24
C ALA C 69 19.35 -5.80 22.86
N GLU C 70 19.48 -7.05 22.38
CA GLU C 70 20.06 -7.32 21.07
C GLU C 70 19.41 -6.44 20.02
N ARG C 71 18.07 -6.41 20.00
CA ARG C 71 17.34 -5.62 19.04
C ARG C 71 17.57 -4.13 19.31
N LEU C 72 17.55 -3.73 20.58
CA LEU C 72 17.78 -2.32 20.84
C LEU C 72 19.14 -1.90 20.27
N LEU C 73 20.19 -2.67 20.52
CA LEU C 73 21.54 -2.28 20.14
C LEU C 73 21.68 -2.26 18.62
N ARG C 74 20.87 -3.07 17.95
CA ARG C 74 20.90 -3.15 16.51
C ARG C 74 20.25 -1.90 15.92
N GLU C 75 19.21 -1.34 16.54
CA GLU C 75 18.44 -0.25 15.96
C GLU C 75 18.86 1.15 16.44
N ALA C 76 19.52 1.24 17.61
CA ALA C 76 19.70 2.50 18.32
C ALA C 76 21.08 3.09 18.12
N ASN C 77 21.13 4.43 18.23
CA ASN C 77 22.37 5.18 18.16
C ASN C 77 23.11 5.06 19.49
N GLN C 78 24.45 4.98 19.46
CA GLN C 78 25.21 4.96 20.68
C GLN C 78 25.76 6.35 21.00
N MET C 79 25.27 6.89 22.12
CA MET C 79 25.71 8.16 22.70
C MET C 79 26.88 7.84 23.59
N GLN C 80 28.09 7.78 23.02
CA GLN C 80 29.27 7.28 23.72
C GLN C 80 29.99 8.45 24.38
N MET C 81 29.99 9.58 23.69
CA MET C 81 30.90 10.66 24.01
C MET C 81 30.10 11.94 24.23
N ALA C 82 30.47 12.71 25.27
CA ALA C 82 29.85 14.01 25.51
C ALA C 82 30.87 15.11 25.29
N ALA C 83 30.39 16.24 24.77
CA ALA C 83 31.24 17.38 24.51
C ALA C 83 30.63 18.65 25.10
N PHE C 84 31.50 19.64 25.36
CA PHE C 84 31.11 20.86 26.04
C PHE C 84 31.66 22.04 25.23
N TYR C 85 30.74 22.88 24.73
CA TYR C 85 31.09 24.09 24.01
C TYR C 85 30.66 25.26 24.90
N ASN C 86 31.47 26.32 24.87
CA ASN C 86 31.28 27.48 25.70
C ASN C 86 31.80 28.72 25.01
N PRO C 87 31.39 29.92 25.48
CA PRO C 87 31.67 31.17 24.80
C PRO C 87 33.16 31.40 24.62
N SER C 88 33.47 31.87 23.43
CA SER C 88 34.81 31.89 22.91
C SER C 88 35.29 33.33 22.99
N PRO C 89 36.61 33.57 23.17
CA PRO C 89 37.20 34.89 23.03
C PRO C 89 36.62 35.70 21.88
N SER C 90 36.34 35.03 20.74
CA SER C 90 36.02 35.72 19.50
C SER C 90 34.52 35.99 19.36
N GLY C 91 33.68 35.23 20.09
CA GLY C 91 32.24 35.33 20.00
C GLY C 91 31.66 33.97 19.63
N GLY C 92 30.48 33.64 20.14
CA GLY C 92 29.98 32.29 19.93
C GLY C 92 30.99 31.23 20.39
N ILE C 93 30.90 29.98 19.95
CA ILE C 93 31.31 28.86 20.78
C ILE C 93 32.64 28.30 20.34
N GLU C 94 33.36 27.70 21.30
CA GLU C 94 34.52 26.85 21.07
C GLU C 94 34.39 25.65 22.02
N ARG C 95 35.05 24.54 21.70
CA ARG C 95 34.99 23.36 22.55
C ARG C 95 35.96 23.50 23.72
N THR C 96 35.48 23.30 24.96
CA THR C 96 36.34 23.39 26.13
C THR C 96 36.80 22.01 26.60
N SER C 97 35.97 20.97 26.48
CA SER C 97 36.36 19.64 26.89
C SER C 97 35.43 18.59 26.28
N ARG C 98 35.84 17.32 26.39
CA ARG C 98 34.99 16.17 26.09
C ARG C 98 35.24 15.09 27.13
N ALA C 99 34.28 14.17 27.23
CA ALA C 99 34.31 13.14 28.26
C ALA C 99 33.40 11.98 27.84
N PRO C 100 33.52 10.82 28.50
CA PRO C 100 32.59 9.73 28.26
C PRO C 100 31.21 10.22 28.67
N ASP C 101 30.18 9.86 27.90
CA ASP C 101 28.78 10.19 28.21
C ASP C 101 28.44 9.58 29.56
N VAL C 102 28.96 8.38 29.79
CA VAL C 102 28.64 7.64 30.98
C VAL C 102 29.93 7.41 31.74
N THR C 103 29.84 7.62 33.06
CA THR C 103 30.95 7.42 33.96
C THR C 103 30.54 6.29 34.90
N ALA C 104 30.96 5.06 34.55
CA ALA C 104 30.50 3.84 35.21
C ALA C 104 31.28 2.64 34.66
N PRO C 105 32.47 2.37 35.23
CA PRO C 105 33.33 1.28 34.72
C PRO C 105 32.88 -0.14 35.06
N ASN C 106 31.85 -0.30 35.92
CA ASN C 106 31.16 -1.57 36.11
C ASN C 106 30.45 -1.99 34.82
N ALA C 107 29.82 -0.99 34.20
CA ALA C 107 28.77 -1.21 33.22
C ALA C 107 29.21 -2.17 32.14
N ARG C 108 28.30 -3.04 31.75
CA ARG C 108 28.54 -3.92 30.63
C ARG C 108 28.54 -3.09 29.34
N TRP C 109 27.59 -2.16 29.26
CA TRP C 109 27.48 -1.21 28.17
C TRP C 109 27.62 0.20 28.72
N PRO C 110 28.86 0.74 28.73
CA PRO C 110 29.15 2.06 29.32
C PRO C 110 28.88 3.22 28.37
N PHE C 111 27.63 3.32 27.95
CA PHE C 111 27.17 4.42 27.11
C PHE C 111 25.66 4.43 27.18
N GLU C 112 25.08 5.52 26.70
CA GLU C 112 23.63 5.53 26.50
C GLU C 112 23.33 5.16 25.05
N VAL C 113 22.10 4.72 24.79
CA VAL C 113 21.66 4.55 23.41
C VAL C 113 20.36 5.33 23.22
N THR C 114 20.20 5.85 22.00
CA THR C 114 19.10 6.73 21.70
C THR C 114 18.34 6.19 20.50
N LEU C 115 17.03 6.41 20.53
CA LEU C 115 16.08 5.83 19.59
C LEU C 115 14.71 6.40 19.93
N HIS C 116 13.83 6.60 18.95
CA HIS C 116 12.56 7.24 19.26
C HIS C 116 11.65 6.27 20.02
N GLN C 117 10.74 6.87 20.79
CA GLN C 117 9.92 6.15 21.77
C GLN C 117 9.06 5.13 21.02
N GLY C 118 8.54 5.51 19.85
CA GLY C 118 7.78 4.55 19.06
C GLY C 118 8.54 3.24 18.86
N ALA C 119 9.83 3.36 18.51
CA ALA C 119 10.63 2.20 18.17
C ALA C 119 11.02 1.44 19.42
N ILE C 120 11.12 2.14 20.57
CA ILE C 120 11.47 1.46 21.81
C ILE C 120 10.29 0.59 22.25
N GLU C 121 9.10 1.18 22.17
CA GLU C 121 7.85 0.51 22.51
C GLU C 121 7.67 -0.73 21.65
N ALA C 122 8.01 -0.60 20.38
CA ALA C 122 7.83 -1.68 19.42
C ALA C 122 8.57 -2.92 19.90
N ILE C 123 9.75 -2.74 20.46
CA ILE C 123 10.52 -3.89 20.93
C ILE C 123 9.68 -4.67 21.93
N PHE C 124 8.94 -3.96 22.77
CA PHE C 124 8.14 -4.56 23.81
C PHE C 124 6.84 -5.11 23.23
N LEU C 125 6.24 -4.36 22.31
CA LEU C 125 4.93 -4.72 21.74
C LEU C 125 5.06 -6.00 20.91
N ASP C 126 6.11 -6.07 20.09
CA ASP C 126 6.38 -7.26 19.31
C ASP C 126 6.60 -8.46 20.22
N SER C 127 7.29 -8.26 21.37
CA SER C 127 7.51 -9.36 22.30
C SER C 127 6.20 -9.78 22.93
N MET C 128 5.37 -8.77 23.26
CA MET C 128 4.05 -9.00 23.86
C MET C 128 3.20 -9.84 22.92
N LYS C 129 3.18 -9.48 21.64
CA LYS C 129 2.37 -10.13 20.61
C LYS C 129 2.78 -11.61 20.54
N ALA C 130 4.09 -11.86 20.57
CA ALA C 130 4.63 -13.20 20.47
C ALA C 130 4.18 -14.04 21.65
N HIS C 131 3.85 -13.39 22.79
CA HIS C 131 3.46 -14.07 24.02
C HIS C 131 1.97 -13.87 24.28
N GLY C 132 1.22 -13.50 23.25
CA GLY C 132 -0.24 -13.60 23.23
C GLY C 132 -0.98 -12.38 23.79
N VAL C 133 -0.30 -11.21 23.85
CA VAL C 133 -0.85 -10.01 24.48
C VAL C 133 -0.75 -8.81 23.52
N ALA C 134 -1.87 -8.08 23.40
CA ALA C 134 -1.96 -6.92 22.51
C ALA C 134 -2.60 -5.76 23.27
N VAL C 135 -2.20 -4.54 22.92
CA VAL C 135 -2.80 -3.36 23.53
C VAL C 135 -4.22 -3.25 23.01
N GLU C 136 -5.18 -3.09 23.91
CA GLU C 136 -6.56 -2.83 23.52
C GLU C 136 -6.80 -1.33 23.58
N ARG C 137 -7.36 -0.76 22.50
CA ARG C 137 -7.41 0.69 22.35
C ARG C 137 -8.38 1.03 21.22
N PRO C 138 -9.03 2.20 21.22
CA PRO C 138 -8.94 3.19 22.28
C PRO C 138 -9.98 3.00 23.39
N ILE C 139 -9.50 2.99 24.64
CA ILE C 139 -10.29 2.67 25.81
C ILE C 139 -9.86 3.58 26.95
N ILE C 140 -10.80 4.05 27.77
CA ILE C 140 -10.47 4.78 29.00
C ILE C 140 -11.20 4.21 30.20
N PRO C 141 -10.59 4.30 31.39
CA PRO C 141 -11.32 4.03 32.62
C PRO C 141 -12.22 5.22 32.90
N THR C 142 -13.43 4.95 33.41
CA THR C 142 -14.36 5.99 33.79
C THR C 142 -14.70 5.92 35.28
N SER C 143 -14.25 4.87 35.97
CA SER C 143 -14.64 4.66 37.35
C SER C 143 -13.75 3.59 37.96
N LEU C 144 -13.37 3.75 39.23
CA LEU C 144 -12.53 2.74 39.89
C LEU C 144 -13.01 2.56 41.32
N GLU C 145 -13.58 1.39 41.61
CA GLU C 145 -14.17 1.07 42.90
C GLU C 145 -13.27 0.03 43.53
N LEU C 146 -13.16 0.02 44.86
CA LEU C 146 -12.25 -0.85 45.57
C LEU C 146 -12.93 -1.35 46.84
N SER C 147 -12.72 -2.63 47.18
CA SER C 147 -13.49 -3.30 48.22
C SER C 147 -13.17 -2.72 49.59
N ASP C 148 -14.20 -2.59 50.44
CA ASP C 148 -14.06 -2.27 51.85
C ASP C 148 -13.47 -3.43 52.63
N SER C 149 -13.86 -4.66 52.25
CA SER C 149 -13.56 -5.86 53.01
C SER C 149 -12.05 -6.09 53.11
N GLU C 150 -11.49 -5.93 54.31
CA GLU C 150 -10.09 -6.19 54.58
C GLU C 150 -9.71 -7.60 54.15
N ASP C 151 -10.61 -8.57 54.40
CA ASP C 151 -10.34 -9.96 54.05
C ASP C 151 -10.15 -10.09 52.53
N GLU C 152 -10.96 -9.37 51.74
CA GLU C 152 -10.85 -9.34 50.29
C GLU C 152 -9.59 -8.61 49.83
N LEU C 153 -9.22 -7.51 50.51
CA LEU C 153 -8.03 -6.75 50.15
C LEU C 153 -6.77 -7.57 50.33
N ARG C 154 -6.73 -8.44 51.35
CA ARG C 154 -5.55 -9.22 51.70
C ARG C 154 -5.53 -10.56 50.98
N ASP C 155 -6.65 -10.94 50.34
CA ASP C 155 -6.78 -12.23 49.67
C ASP C 155 -6.25 -12.10 48.23
N PRO C 156 -5.06 -12.66 47.88
CA PRO C 156 -4.52 -12.49 46.53
C PRO C 156 -5.32 -13.14 45.41
N ASN C 157 -6.35 -13.93 45.76
CA ASN C 157 -7.22 -14.56 44.77
C ASN C 157 -8.56 -13.82 44.60
N ALA C 158 -8.86 -12.86 45.48
CA ALA C 158 -10.05 -12.04 45.27
C ALA C 158 -9.80 -11.06 44.12
N HIS C 159 -10.90 -10.53 43.58
CA HIS C 159 -10.84 -9.46 42.61
C HIS C 159 -11.48 -8.20 43.19
N PRO C 160 -10.80 -7.43 44.05
CA PRO C 160 -11.43 -6.29 44.72
C PRO C 160 -11.44 -4.99 43.94
N VAL C 161 -10.74 -4.92 42.80
CA VAL C 161 -10.76 -3.70 42.01
C VAL C 161 -11.77 -3.84 40.86
N LYS C 162 -12.79 -2.97 40.84
CA LYS C 162 -13.73 -2.92 39.73
C LYS C 162 -13.43 -1.65 38.94
N VAL C 163 -12.92 -1.82 37.72
CA VAL C 163 -12.62 -0.71 36.86
C VAL C 163 -13.65 -0.71 35.74
N THR C 164 -14.33 0.40 35.55
CA THR C 164 -15.29 0.54 34.47
C THR C 164 -14.58 1.21 33.30
N LEU C 165 -14.63 0.54 32.12
CA LEU C 165 -13.96 0.98 30.93
C LEU C 165 -14.99 1.46 29.92
N LYS C 166 -14.66 2.56 29.23
CA LYS C 166 -15.48 3.02 28.12
C LYS C 166 -14.67 2.87 26.84
N TYR C 167 -15.25 2.18 25.85
CA TYR C 167 -14.67 2.04 24.53
C TYR C 167 -14.98 3.27 23.71
N LEU C 168 -13.92 3.92 23.21
CA LEU C 168 -14.09 5.18 22.48
C LEU C 168 -14.46 4.92 21.03
N ASP C 169 -14.38 3.67 20.58
CA ASP C 169 -14.67 3.32 19.19
C ASP C 169 -15.16 1.87 19.13
N PRO C 170 -16.33 1.54 19.71
CA PRO C 170 -16.79 0.15 19.80
C PRO C 170 -17.31 -0.38 18.46
N PRO C 171 -17.22 -1.71 18.20
CA PRO C 171 -17.86 -2.29 16.99
C PRO C 171 -19.37 -2.06 17.10
N ALA C 172 -20.02 -1.71 15.97
CA ALA C 172 -21.44 -1.36 15.98
C ALA C 172 -22.27 -2.55 16.50
N GLY C 173 -23.42 -2.24 17.09
CA GLY C 173 -24.27 -3.25 17.71
C GLY C 173 -23.93 -3.54 19.17
N GLN C 174 -22.62 -3.57 19.53
CA GLN C 174 -22.14 -3.96 20.85
C GLN C 174 -21.94 -2.78 21.82
N SER C 175 -21.82 -3.12 23.11
CA SER C 175 -21.86 -2.18 24.23
C SER C 175 -20.58 -1.34 24.32
N ASP C 176 -20.69 -0.11 24.86
CA ASP C 176 -19.53 0.79 24.94
C ASP C 176 -18.85 0.69 26.31
N THR C 177 -19.31 -0.25 27.15
CA THR C 177 -18.90 -0.31 28.53
C THR C 177 -18.54 -1.77 28.87
N GLU C 178 -17.39 -1.92 29.55
CA GLU C 178 -17.01 -3.18 30.17
C GLU C 178 -16.64 -2.90 31.62
N ILE C 179 -17.12 -3.76 32.52
CA ILE C 179 -16.76 -3.64 33.92
C ILE C 179 -15.81 -4.78 34.26
N VAL C 180 -14.55 -4.42 34.42
CA VAL C 180 -13.50 -5.39 34.65
C VAL C 180 -13.26 -5.51 36.16
N SER C 181 -13.45 -6.73 36.69
CA SER C 181 -13.02 -7.05 38.03
C SER C 181 -11.59 -7.59 37.98
N ALA C 182 -10.65 -6.93 38.64
CA ALA C 182 -9.24 -7.28 38.57
C ALA C 182 -8.70 -7.63 39.96
N LYS C 183 -7.72 -8.53 40.00
CA LYS C 183 -6.96 -8.80 41.22
C LYS C 183 -6.00 -7.66 41.51
N PHE C 184 -5.34 -7.15 40.46
CA PHE C 184 -4.39 -6.05 40.59
C PHE C 184 -4.58 -5.11 39.41
N VAL C 185 -4.40 -3.80 39.63
CA VAL C 185 -4.43 -2.82 38.55
C VAL C 185 -3.20 -1.97 38.65
N LEU C 186 -2.68 -1.55 37.50
CA LEU C 186 -1.53 -0.66 37.44
C LEU C 186 -1.89 0.55 36.59
N GLY C 187 -1.62 1.73 37.15
CA GLY C 187 -1.71 2.98 36.42
C GLY C 187 -0.35 3.34 35.82
N ALA C 188 -0.23 3.15 34.50
CA ALA C 188 0.96 3.59 33.78
C ALA C 188 0.53 4.66 32.81
N ASP C 189 -0.26 5.62 33.28
CA ASP C 189 -0.97 6.49 32.37
C ASP C 189 -0.39 7.90 32.39
N GLY C 190 0.90 8.01 32.75
CA GLY C 190 1.68 9.22 32.49
C GLY C 190 1.47 10.29 33.54
N ALA C 191 2.06 11.45 33.28
CA ALA C 191 2.13 12.51 34.25
C ALA C 191 0.74 12.96 34.70
N HIS C 192 -0.27 12.77 33.84
CA HIS C 192 -1.61 13.27 34.11
C HIS C 192 -2.51 12.10 34.51
N SER C 193 -1.89 11.04 35.07
CA SER C 193 -2.55 9.80 35.41
C SER C 193 -3.99 10.00 35.89
N TRP C 194 -4.92 9.35 35.19
CA TRP C 194 -6.29 9.27 35.65
C TRP C 194 -6.33 8.38 36.88
N VAL C 195 -5.45 7.37 36.90
CA VAL C 195 -5.47 6.41 37.99
C VAL C 195 -5.06 7.09 39.30
N ARG C 196 -3.97 7.87 39.23
CA ARG C 196 -3.47 8.54 40.42
C ARG C 196 -4.58 9.39 41.01
N LYS C 197 -5.24 10.21 40.16
CA LYS C 197 -6.28 11.14 40.60
C LYS C 197 -7.46 10.38 41.23
N ALA C 198 -7.82 9.27 40.60
CA ALA C 198 -8.91 8.45 41.05
C ALA C 198 -8.61 7.89 42.44
N LEU C 199 -7.35 7.48 42.69
CA LEU C 199 -6.91 6.96 43.98
C LEU C 199 -6.79 8.06 45.04
N GLY C 200 -6.87 9.33 44.64
CA GLY C 200 -6.82 10.42 45.59
C GLY C 200 -5.44 10.65 46.19
N ILE C 201 -4.40 10.40 45.38
CA ILE C 201 -3.00 10.53 45.73
C ILE C 201 -2.41 11.80 45.13
N THR C 202 -1.80 12.62 46.00
CA THR C 202 -1.21 13.87 45.60
C THR C 202 0.13 13.66 44.92
N MET C 203 0.55 14.67 44.13
CA MET C 203 1.90 14.79 43.61
C MET C 203 2.66 15.89 44.37
N ASP C 204 3.62 15.53 45.24
CA ASP C 204 4.27 16.51 46.10
C ASP C 204 5.56 17.00 45.44
N GLY C 205 5.90 18.28 45.65
CA GLY C 205 7.15 18.86 45.21
C GLY C 205 7.00 20.30 44.68
N GLU C 206 8.07 20.84 44.08
CA GLU C 206 8.03 22.20 43.55
C GLU C 206 6.88 22.33 42.56
N GLN C 207 6.17 23.46 42.62
CA GLN C 207 5.06 23.67 41.71
C GLN C 207 5.57 24.19 40.38
N THR C 208 6.82 24.63 40.32
CA THR C 208 7.39 25.20 39.10
C THR C 208 7.54 24.10 38.05
N ASP C 209 6.85 24.33 36.92
CA ASP C 209 7.10 23.63 35.68
C ASP C 209 8.07 24.45 34.83
N TYR C 210 8.98 23.75 34.13
CA TYR C 210 9.94 24.37 33.22
C TYR C 210 9.60 24.05 31.77
N ILE C 211 10.10 24.88 30.86
CA ILE C 211 9.71 24.77 29.46
C ILE C 211 10.92 24.54 28.56
N TRP C 212 10.79 23.52 27.71
CA TRP C 212 11.84 23.17 26.76
C TRP C 212 11.26 23.08 25.34
N GLY C 213 11.90 23.76 24.40
CA GLY C 213 11.69 23.47 23.00
C GLY C 213 12.50 22.26 22.57
N VAL C 214 11.87 21.38 21.81
CA VAL C 214 12.54 20.20 21.33
C VAL C 214 12.27 20.08 19.83
N ILE C 215 13.34 19.91 19.05
CA ILE C 215 13.20 19.64 17.63
C ILE C 215 14.12 18.47 17.31
N ASP C 216 13.57 17.50 16.59
CA ASP C 216 14.36 16.44 16.01
C ASP C 216 14.58 16.79 14.55
N ILE C 217 15.84 16.80 14.10
CA ILE C 217 16.15 17.16 12.72
C ILE C 217 17.21 16.21 12.16
N ASP C 218 17.31 16.25 10.84
CA ASP C 218 18.44 15.76 10.10
C ASP C 218 19.35 16.96 9.82
N PRO C 219 20.49 17.09 10.53
CA PRO C 219 21.23 18.33 10.53
C PRO C 219 22.01 18.57 9.24
N ASP C 220 21.91 19.81 8.76
CA ASP C 220 22.84 20.34 7.78
C ASP C 220 23.87 21.15 8.57
N SER C 221 25.05 20.56 8.84
CA SER C 221 25.97 21.22 9.76
C SER C 221 27.42 20.80 9.55
N ASP C 222 28.33 21.77 9.74
CA ASP C 222 29.77 21.52 9.82
C ASP C 222 30.24 21.41 11.28
N PHE C 223 29.33 21.16 12.22
CA PHE C 223 29.67 21.11 13.64
C PHE C 223 30.36 19.78 13.92
N PRO C 224 31.62 19.81 14.39
CA PRO C 224 32.41 18.58 14.55
C PRO C 224 31.86 17.52 15.50
N ASP C 225 31.07 17.94 16.49
CA ASP C 225 30.66 17.05 17.57
C ASP C 225 29.14 16.81 17.51
N VAL C 226 28.63 16.79 16.28
CA VAL C 226 27.23 16.58 16.00
C VAL C 226 26.79 15.18 16.44
N ARG C 227 27.72 14.24 16.65
CA ARG C 227 27.39 12.88 17.05
C ARG C 227 27.75 12.64 18.51
N CYS C 228 28.02 13.74 19.23
CA CYS C 228 28.20 13.69 20.68
C CYS C 228 27.01 14.31 21.39
N LYS C 229 26.73 13.85 22.62
CA LYS C 229 25.92 14.65 23.53
C LYS C 229 26.68 15.94 23.80
N THR C 230 26.13 17.07 23.37
CA THR C 230 26.88 18.30 23.40
C THR C 230 26.10 19.36 24.15
N ALA C 231 26.74 19.98 25.14
CA ALA C 231 26.16 21.11 25.82
C ALA C 231 26.77 22.37 25.22
N VAL C 232 25.91 23.25 24.70
CA VAL C 232 26.37 24.46 24.03
C VAL C 232 25.90 25.70 24.79
N HIS C 233 26.83 26.46 25.38
CA HIS C 233 26.49 27.75 25.96
C HIS C 233 27.14 28.81 25.08
N SER C 234 26.32 29.66 24.45
CA SER C 234 26.80 30.79 23.66
C SER C 234 26.39 32.10 24.33
N HIS C 235 26.90 33.23 23.82
CA HIS C 235 26.44 34.53 24.28
C HIS C 235 24.92 34.61 24.11
N ASN C 236 24.35 33.94 23.10
CA ASN C 236 22.95 34.08 22.71
C ASN C 236 22.04 33.17 23.53
N GLY C 237 22.56 32.03 23.99
CA GLY C 237 21.82 31.13 24.86
C GLY C 237 22.32 29.70 24.79
N SER C 238 21.70 28.85 25.60
CA SER C 238 22.06 27.46 25.76
C SER C 238 21.22 26.58 24.86
N CYS C 239 21.83 25.50 24.37
CA CYS C 239 21.05 24.33 23.96
C CYS C 239 21.89 23.06 24.09
N MET C 240 21.26 21.92 23.77
CA MET C 240 21.96 20.66 23.92
C MET C 240 21.62 19.72 22.76
N ILE C 241 22.63 19.02 22.22
CA ILE C 241 22.44 18.03 21.18
C ILE C 241 22.31 16.65 21.79
N ILE C 242 21.23 15.93 21.46
CA ILE C 242 21.17 14.50 21.70
C ILE C 242 21.22 13.77 20.36
N PRO C 243 22.35 13.19 19.94
CA PRO C 243 22.36 12.43 18.69
C PRO C 243 21.39 11.25 18.75
N ARG C 244 20.76 10.97 17.59
CA ARG C 244 19.68 10.00 17.47
C ARG C 244 20.01 8.98 16.38
N GLU C 245 19.03 8.10 16.09
CA GLU C 245 19.23 7.05 15.12
C GLU C 245 19.61 7.62 13.76
N GLY C 246 20.54 6.95 13.07
CA GLY C 246 21.01 7.40 11.77
C GLY C 246 21.82 8.69 11.88
N ASP C 247 21.42 9.70 11.08
CA ASP C 247 22.03 11.01 11.06
C ASP C 247 21.27 12.03 11.91
N LEU C 248 20.13 11.62 12.51
CA LEU C 248 19.23 12.54 13.20
C LEU C 248 19.89 13.00 14.49
N ILE C 249 19.53 14.22 14.90
CA ILE C 249 19.79 14.73 16.23
C ILE C 249 18.53 15.33 16.81
N ARG C 250 18.52 15.42 18.13
CA ARG C 250 17.54 16.21 18.85
C ARG C 250 18.24 17.42 19.45
N LEU C 251 17.59 18.59 19.36
CA LEU C 251 18.01 19.78 20.06
C LEU C 251 17.00 20.14 21.14
N TYR C 252 17.45 20.11 22.41
CA TYR C 252 16.72 20.72 23.51
C TYR C 252 17.12 22.18 23.65
N ILE C 253 16.12 23.09 23.69
CA ILE C 253 16.37 24.50 23.94
C ILE C 253 15.55 24.97 25.13
N GLN C 254 16.21 25.45 26.20
CA GLN C 254 15.49 25.93 27.36
C GLN C 254 14.83 27.26 27.02
N LEU C 255 13.57 27.41 27.46
CA LEU C 255 12.75 28.58 27.20
C LEU C 255 12.34 29.22 28.52
N ALA C 256 11.79 30.44 28.42
CA ALA C 256 11.41 31.22 29.59
C ALA C 256 9.89 31.31 29.68
N ASP C 257 9.38 31.66 30.89
CA ASP C 257 7.97 31.92 31.11
C ASP C 257 7.50 32.95 30.08
N ARG C 258 8.34 33.98 29.86
CA ARG C 258 8.11 35.11 28.98
C ARG C 258 7.79 34.68 27.54
N ASP C 259 8.52 33.65 27.06
CA ASP C 259 8.43 33.18 25.68
C ASP C 259 7.08 32.50 25.41
N VAL C 260 6.35 32.09 26.45
CA VAL C 260 5.18 31.25 26.29
C VAL C 260 3.94 31.92 26.90
N LEU C 261 4.03 33.10 27.52
CA LEU C 261 2.86 33.72 28.12
C LEU C 261 2.29 34.78 27.18
N ASP C 262 0.96 34.98 27.30
CA ASP C 262 0.19 35.88 26.45
C ASP C 262 0.34 37.34 26.94
N PRO C 263 0.99 38.25 26.17
CA PRO C 263 1.17 39.64 26.60
C PRO C 263 -0.11 40.32 27.08
N ALA C 264 -1.28 39.93 26.52
CA ALA C 264 -2.57 40.43 26.97
C ALA C 264 -3.07 39.57 28.13
N THR C 265 -3.68 38.41 27.83
CA THR C 265 -4.50 37.70 28.80
C THR C 265 -3.68 36.72 29.64
N GLY C 266 -2.35 36.86 29.61
CA GLY C 266 -1.45 36.15 30.52
C GLY C 266 -1.76 34.67 30.71
N ARG C 267 -2.03 33.97 29.60
CA ARG C 267 -2.30 32.52 29.61
C ARG C 267 -1.14 31.79 28.91
N VAL C 268 -0.88 30.54 29.33
CA VAL C 268 0.12 29.69 28.68
C VAL C 268 -0.31 29.38 27.24
N ASP C 269 0.39 29.93 26.22
CA ASP C 269 0.02 29.85 24.81
C ASP C 269 1.18 29.25 23.99
N LYS C 270 1.12 27.94 23.75
CA LYS C 270 2.21 27.22 23.11
C LYS C 270 2.38 27.60 21.63
N SER C 271 1.39 28.26 21.03
CA SER C 271 1.47 28.64 19.63
C SER C 271 2.42 29.82 19.41
N ARG C 272 3.00 30.37 20.48
CA ARG C 272 3.88 31.53 20.33
C ARG C 272 5.25 31.06 19.86
N VAL C 273 5.55 29.79 20.14
CA VAL C 273 6.85 29.22 19.86
C VAL C 273 6.66 28.11 18.84
N SER C 274 7.33 28.29 17.71
CA SER C 274 7.26 27.38 16.58
C SER C 274 8.58 26.64 16.46
N PRO C 275 8.61 25.48 15.76
CA PRO C 275 9.86 24.79 15.52
C PRO C 275 10.80 25.64 14.67
N GLU C 276 10.23 26.42 13.74
CA GLU C 276 11.02 27.30 12.89
C GLU C 276 11.83 28.26 13.77
N LYS C 277 11.19 28.75 14.85
CA LYS C 277 11.81 29.71 15.75
C LYS C 277 12.88 29.04 16.61
N LEU C 278 12.54 27.86 17.12
CA LEU C 278 13.50 27.08 17.89
C LEU C 278 14.77 26.86 17.09
N LEU C 279 14.61 26.49 15.81
CA LEU C 279 15.76 26.22 14.97
C LEU C 279 16.55 27.49 14.73
N ALA C 280 15.88 28.64 14.64
CA ALA C 280 16.54 29.93 14.42
C ALA C 280 17.41 30.31 15.63
N VAL C 281 16.94 29.94 16.83
CA VAL C 281 17.68 30.15 18.07
C VAL C 281 18.93 29.28 18.05
N ALA C 282 18.76 28.00 17.68
CA ALA C 282 19.90 27.09 17.57
C ALA C 282 20.94 27.62 16.57
N LYS C 283 20.48 28.01 15.39
CA LYS C 283 21.36 28.56 14.36
C LYS C 283 22.29 29.60 14.98
N GLU C 284 21.74 30.51 15.82
CA GLU C 284 22.52 31.58 16.38
C GLU C 284 23.52 31.01 17.39
N SER C 285 23.04 30.09 18.22
CA SER C 285 23.84 29.52 19.29
C SER C 285 25.04 28.73 18.75
N PHE C 286 24.98 28.23 17.51
CA PHE C 286 26.03 27.36 17.01
C PHE C 286 27.13 28.14 16.29
N LYS C 287 26.95 29.44 16.17
CA LYS C 287 27.93 30.25 15.45
C LYS C 287 29.28 30.14 16.14
N PRO C 288 30.40 29.98 15.38
CA PRO C 288 30.41 30.09 13.91
C PRO C 288 30.03 28.85 13.09
N PHE C 289 29.70 27.75 13.74
CA PHE C 289 29.33 26.55 13.02
C PHE C 289 27.92 26.74 12.47
N SER C 290 27.65 26.05 11.36
CA SER C 290 26.35 26.07 10.75
C SER C 290 25.44 25.07 11.47
N MET C 291 24.13 25.33 11.38
CA MET C 291 23.14 24.39 11.87
C MET C 291 21.79 24.73 11.23
N GLY C 292 21.34 23.82 10.38
CA GLY C 292 20.04 23.91 9.74
C GLY C 292 19.46 22.51 9.64
N ALA C 293 18.25 22.42 9.10
CA ALA C 293 17.62 21.13 8.90
C ALA C 293 17.60 20.79 7.42
N LYS C 294 17.90 19.53 7.09
CA LYS C 294 17.90 19.11 5.70
C LYS C 294 16.46 18.97 5.18
N ASN C 295 15.49 18.65 6.04
CA ASN C 295 14.18 18.32 5.50
C ASN C 295 13.07 18.57 6.52
N GLY C 296 12.93 19.83 6.98
CA GLY C 296 12.01 20.17 8.05
C GLY C 296 12.27 19.38 9.33
N PHE C 297 11.19 19.10 10.06
CA PHE C 297 11.30 18.58 11.39
C PHE C 297 10.79 17.15 11.40
N GLU C 298 11.63 16.17 11.78
CA GLU C 298 11.12 14.83 12.02
C GLU C 298 10.05 14.90 13.11
N TRP C 299 10.27 15.76 14.12
CA TRP C 299 9.36 15.90 15.23
C TRP C 299 9.67 17.18 15.99
N TRP C 300 8.70 17.66 16.77
CA TRP C 300 8.97 18.77 17.67
C TRP C 300 7.89 18.81 18.74
N THR C 301 8.22 19.47 19.85
CA THR C 301 7.22 19.79 20.86
C THR C 301 7.73 20.93 21.72
N LEU C 302 6.81 21.44 22.53
CA LEU C 302 7.11 22.22 23.71
C LEU C 302 6.89 21.35 24.93
N TYR C 303 8.00 20.94 25.55
CA TYR C 303 7.92 20.01 26.67
C TYR C 303 7.80 20.85 27.93
N ILE C 304 6.65 20.68 28.61
CA ILE C 304 6.49 21.30 29.92
C ILE C 304 6.58 20.23 31.00
N ILE C 305 7.50 20.41 31.95
CA ILE C 305 7.96 19.33 32.79
C ILE C 305 8.35 19.89 34.16
N GLY C 306 7.77 19.28 35.20
CA GLY C 306 8.17 19.58 36.57
C GLY C 306 8.67 18.32 37.26
N GLN C 307 9.18 18.47 38.49
CA GLN C 307 9.70 17.35 39.24
C GLN C 307 8.85 17.15 40.47
N ARG C 308 8.21 15.99 40.60
CA ARG C 308 7.34 15.71 41.73
C ARG C 308 7.27 14.21 41.97
N VAL C 309 6.77 13.84 43.16
CA VAL C 309 6.62 12.44 43.54
C VAL C 309 5.26 12.25 44.17
N ALA C 310 4.61 11.17 43.78
CA ALA C 310 3.35 10.82 44.40
C ALA C 310 3.60 10.48 45.86
N SER C 311 2.61 10.84 46.70
CA SER C 311 2.69 10.61 48.12
C SER C 311 2.62 9.13 48.45
N ARG C 312 2.06 8.31 47.53
CA ARG C 312 1.92 6.86 47.70
C ARG C 312 1.99 6.24 46.30
N PHE C 313 2.57 5.03 46.16
CA PHE C 313 2.67 4.36 44.88
C PHE C 313 1.73 3.16 44.80
N SER C 314 0.99 2.89 45.88
CA SER C 314 -0.11 1.94 45.82
C SER C 314 -1.18 2.29 46.83
N LEU C 315 -2.38 1.76 46.59
CA LEU C 315 -3.44 1.67 47.56
C LEU C 315 -3.72 0.19 47.87
N HIS C 316 -3.45 -0.19 49.13
CA HIS C 316 -3.70 -1.53 49.67
C HIS C 316 -2.95 -2.63 48.91
N GLU C 317 -1.90 -2.26 48.18
CA GLU C 317 -1.14 -3.18 47.33
C GLU C 317 -2.04 -3.88 46.31
N ARG C 318 -3.09 -3.19 45.87
CA ARG C 318 -4.02 -3.76 44.89
C ARG C 318 -4.12 -2.91 43.64
N VAL C 319 -4.02 -1.59 43.78
CA VAL C 319 -3.80 -0.67 42.68
C VAL C 319 -2.44 0.02 42.86
N PHE C 320 -1.62 -0.04 41.81
CA PHE C 320 -0.30 0.58 41.81
C PHE C 320 -0.23 1.71 40.78
N ILE C 321 0.76 2.59 40.93
CA ILE C 321 1.10 3.52 39.88
C ILE C 321 2.61 3.43 39.60
N ALA C 322 2.97 3.79 38.37
CA ALA C 322 4.33 3.67 37.90
C ALA C 322 4.65 4.72 36.85
N GLY C 323 5.95 5.05 36.80
CA GLY C 323 6.47 5.98 35.82
C GLY C 323 6.00 7.41 36.12
N ASP C 324 5.75 8.18 35.05
CA ASP C 324 5.38 9.57 35.21
C ASP C 324 4.10 9.71 36.04
N ALA C 325 3.32 8.65 36.16
CA ALA C 325 2.11 8.70 36.96
C ALA C 325 2.42 8.90 38.46
N CYS C 326 3.65 8.58 38.87
CA CYS C 326 4.01 8.78 40.26
C CYS C 326 5.36 9.48 40.46
N HIS C 327 6.08 9.84 39.40
CA HIS C 327 7.25 10.69 39.54
C HIS C 327 7.80 11.14 38.20
N THR C 328 8.17 12.41 38.13
CA THR C 328 8.63 13.07 36.92
C THR C 328 9.99 13.69 37.22
N HIS C 329 10.81 13.83 36.16
CA HIS C 329 12.18 14.32 36.25
C HIS C 329 12.49 15.27 35.10
N SER C 330 13.32 16.28 35.36
CA SER C 330 13.67 17.22 34.31
C SER C 330 14.54 16.52 33.29
N PRO C 331 14.61 17.05 32.07
CA PRO C 331 15.52 16.54 31.04
C PRO C 331 16.99 16.52 31.45
N LYS C 332 17.41 17.56 32.19
CA LYS C 332 18.77 17.72 32.68
C LYS C 332 19.11 16.69 33.75
N ALA C 333 18.09 16.08 34.38
CA ALA C 333 18.28 14.99 35.33
C ALA C 333 18.71 13.70 34.61
N GLY C 334 18.48 13.67 33.30
CA GLY C 334 18.99 12.60 32.46
C GLY C 334 18.24 11.28 32.62
N GLN C 335 17.00 11.30 33.09
CA GLN C 335 16.32 10.05 33.42
C GLN C 335 15.48 9.57 32.27
N GLY C 336 14.97 10.49 31.44
CA GLY C 336 13.93 10.14 30.48
C GLY C 336 12.96 9.08 31.04
N MET C 337 12.83 7.95 30.34
CA MET C 337 11.83 6.93 30.64
C MET C 337 12.47 5.77 31.43
N ASN C 338 13.75 5.93 31.83
CA ASN C 338 14.50 4.83 32.39
C ASN C 338 14.00 4.41 33.77
N ALA C 339 13.73 5.38 34.67
CA ALA C 339 13.22 5.05 35.98
C ALA C 339 11.79 4.52 35.86
N SER C 340 11.02 5.05 34.91
CA SER C 340 9.69 4.54 34.64
C SER C 340 9.74 3.05 34.31
N MET C 341 10.58 2.64 33.35
CA MET C 341 10.67 1.22 33.00
C MET C 341 11.20 0.37 34.16
N ASN C 342 12.11 0.89 34.97
CA ASN C 342 12.64 0.09 36.07
C ASN C 342 11.64 -0.03 37.22
N ASP C 343 10.65 0.87 37.29
CA ASP C 343 9.56 0.73 38.23
C ASP C 343 8.82 -0.58 37.96
N THR C 344 8.40 -0.84 36.70
CA THR C 344 7.57 -2.00 36.42
C THR C 344 8.41 -3.29 36.31
N HIS C 345 9.71 -3.18 36.03
CA HIS C 345 10.60 -4.33 36.11
C HIS C 345 10.69 -4.83 37.56
N ASN C 346 10.58 -3.88 38.49
CA ASN C 346 10.55 -4.16 39.91
C ASN C 346 9.21 -4.78 40.28
N LEU C 347 8.10 -4.28 39.73
CA LEU C 347 6.77 -4.66 40.18
C LEU C 347 6.37 -6.05 39.69
N ALA C 348 6.69 -6.38 38.43
CA ALA C 348 6.01 -7.46 37.74
C ALA C 348 6.35 -8.82 38.35
N TRP C 349 7.64 -9.10 38.55
CA TRP C 349 8.01 -10.37 39.15
C TRP C 349 7.31 -10.54 40.50
N LYS C 350 7.11 -9.42 41.23
CA LYS C 350 6.50 -9.47 42.53
C LYS C 350 5.02 -9.80 42.39
N LEU C 351 4.32 -9.14 41.44
CA LEU C 351 2.93 -9.48 41.14
C LEU C 351 2.83 -10.95 40.73
N THR C 352 3.76 -11.34 39.84
CA THR C 352 3.78 -12.70 39.34
C THR C 352 3.82 -13.70 40.50
N HIS C 353 4.76 -13.51 41.42
CA HIS C 353 4.93 -14.42 42.54
C HIS C 353 3.67 -14.50 43.41
N VAL C 354 3.04 -13.36 43.67
CA VAL C 354 1.84 -13.34 44.48
C VAL C 354 0.75 -14.17 43.80
N LEU C 355 0.60 -14.01 42.47
CA LEU C 355 -0.48 -14.66 41.73
C LEU C 355 -0.25 -16.16 41.65
N ARG C 356 1.01 -16.56 41.50
CA ARG C 356 1.31 -17.97 41.47
C ARG C 356 1.21 -18.60 42.85
N GLY C 357 0.94 -17.81 43.90
CA GLY C 357 0.86 -18.30 45.26
C GLY C 357 2.24 -18.59 45.88
N TRP C 358 3.32 -18.11 45.25
CA TRP C 358 4.67 -18.33 45.71
C TRP C 358 5.05 -17.34 46.80
N ALA C 359 4.49 -16.13 46.76
CA ALA C 359 4.84 -15.10 47.72
C ALA C 359 3.58 -14.56 48.39
N ASP C 360 3.72 -14.23 49.68
CA ASP C 360 2.68 -13.56 50.43
C ASP C 360 2.50 -12.18 49.79
N ILE C 361 1.26 -11.67 49.89
CA ILE C 361 0.88 -10.45 49.20
C ILE C 361 1.68 -9.26 49.71
N SER C 362 2.19 -9.36 50.94
CA SER C 362 2.93 -8.29 51.58
C SER C 362 4.24 -7.97 50.88
N VAL C 363 4.69 -8.86 50.00
CA VAL C 363 5.93 -8.62 49.29
C VAL C 363 5.78 -7.38 48.41
N LEU C 364 4.53 -7.06 48.01
CA LEU C 364 4.26 -5.96 47.10
C LEU C 364 4.50 -4.64 47.80
N LYS C 365 4.55 -4.63 49.13
CA LYS C 365 4.90 -3.43 49.85
C LYS C 365 6.29 -2.95 49.47
N THR C 366 7.15 -3.89 49.05
CA THR C 366 8.51 -3.55 48.70
C THR C 366 8.57 -2.68 47.45
N TYR C 367 7.54 -2.72 46.59
CA TYR C 367 7.52 -1.88 45.40
C TYR C 367 7.59 -0.39 45.76
N GLU C 368 6.64 0.04 46.60
CA GLU C 368 6.62 1.43 47.02
C GLU C 368 7.91 1.75 47.78
N PHE C 369 8.27 0.87 48.73
CA PHE C 369 9.44 1.07 49.58
C PHE C 369 10.70 1.34 48.75
N GLU C 370 10.88 0.54 47.69
CA GLU C 370 12.09 0.58 46.88
C GLU C 370 12.04 1.74 45.89
N ARG C 371 10.95 1.81 45.10
CA ARG C 371 10.89 2.68 43.93
C ARG C 371 10.55 4.12 44.28
N ARG C 372 9.74 4.33 45.32
CA ARG C 372 9.39 5.68 45.74
C ARG C 372 10.58 6.38 46.38
N LYS C 373 11.39 5.63 47.12
CA LYS C 373 12.60 6.17 47.74
C LYS C 373 13.58 6.59 46.67
N TYR C 374 13.75 5.74 45.66
CA TYR C 374 14.64 6.06 44.57
C TYR C 374 14.21 7.36 43.89
N ALA C 375 12.90 7.53 43.68
CA ALA C 375 12.41 8.71 42.98
C ALA C 375 12.72 9.96 43.80
N GLN C 376 12.55 9.86 45.13
CA GLN C 376 12.80 10.97 46.03
C GLN C 376 14.28 11.30 46.05
N ASP C 377 15.12 10.25 46.11
CA ASP C 377 16.58 10.43 46.08
C ASP C 377 17.04 11.15 44.80
N LEU C 378 16.41 10.86 43.65
CA LEU C 378 16.75 11.52 42.39
C LEU C 378 16.50 13.02 42.48
N ILE C 379 15.30 13.38 42.96
CA ILE C 379 14.86 14.76 42.98
C ILE C 379 15.55 15.53 44.10
N ASP C 380 15.83 14.88 45.25
CA ASP C 380 16.59 15.49 46.33
C ASP C 380 18.01 15.84 45.86
N PHE C 381 18.60 14.93 45.08
CA PHE C 381 19.91 15.16 44.49
C PHE C 381 19.86 16.27 43.45
N ASP C 382 18.84 16.28 42.58
CA ASP C 382 18.70 17.33 41.58
C ASP C 382 18.57 18.73 42.23
N LYS C 383 17.76 18.86 43.29
CA LYS C 383 17.57 20.14 43.91
C LYS C 383 18.88 20.65 44.50
N LYS C 384 19.57 19.79 45.28
CA LYS C 384 20.82 20.16 45.96
C LYS C 384 21.92 20.49 44.95
N PHE C 385 22.06 19.70 43.87
CA PHE C 385 23.33 19.65 43.19
C PHE C 385 23.26 19.89 41.68
N SER C 386 22.10 20.22 41.09
CA SER C 386 22.00 20.25 39.62
C SER C 386 22.69 21.49 39.01
N LYS C 387 22.84 22.56 39.82
CA LYS C 387 23.57 23.78 39.48
C LYS C 387 25.03 23.47 39.06
N LEU C 388 25.59 22.36 39.52
CA LEU C 388 26.96 21.97 39.20
C LEU C 388 27.10 21.42 37.78
N PHE C 389 26.00 21.04 37.12
CA PHE C 389 26.07 20.16 35.96
C PHE C 389 25.40 20.76 34.73
N SER C 390 25.56 22.07 34.50
CA SER C 390 25.00 22.70 33.30
C SER C 390 25.93 22.51 32.12
N GLY C 391 27.24 22.31 32.40
CA GLY C 391 28.25 22.08 31.37
C GLY C 391 29.07 23.34 31.08
N LYS C 392 28.90 24.38 31.91
CA LYS C 392 29.85 25.49 32.00
C LYS C 392 31.04 25.01 32.83
N PRO C 393 32.28 25.44 32.54
CA PRO C 393 33.46 24.81 33.14
C PRO C 393 33.59 25.24 34.61
N ARG C 394 34.09 24.36 35.48
CA ARG C 394 34.51 24.78 36.80
C ARG C 394 35.83 25.55 36.68
N THR C 395 35.74 26.87 36.85
CA THR C 395 36.88 27.77 36.73
C THR C 395 37.47 28.09 38.10
N GLU C 396 36.61 28.25 39.11
CA GLU C 396 36.91 29.03 40.30
C GLU C 396 37.29 28.14 41.49
N ASP C 397 37.86 28.83 42.48
CA ASP C 397 37.95 28.40 43.87
C ASP C 397 36.52 28.22 44.42
N ASN C 398 36.20 27.00 44.87
CA ASN C 398 34.97 26.73 45.61
C ASN C 398 33.74 27.27 44.88
N GLN C 399 33.65 26.95 43.58
CA GLN C 399 32.60 27.44 42.69
C GLN C 399 31.25 26.81 43.03
N ASP C 400 30.20 27.66 42.96
CA ASP C 400 28.81 27.30 43.27
C ASP C 400 28.69 26.91 44.74
N GLY C 401 29.64 27.38 45.57
CA GLY C 401 29.68 27.10 46.99
C GLY C 401 29.94 25.62 47.31
N VAL C 402 30.77 24.93 46.53
CA VAL C 402 31.18 23.57 46.88
C VAL C 402 32.65 23.39 46.49
N SER C 403 33.37 22.61 47.30
CA SER C 403 34.80 22.40 47.15
C SER C 403 35.08 21.41 46.01
N HIS C 404 36.35 21.22 45.67
CA HIS C 404 36.74 20.23 44.67
C HIS C 404 36.30 18.83 45.13
N GLU C 405 36.50 18.52 46.42
CA GLU C 405 36.23 17.19 46.97
C GLU C 405 34.74 16.89 46.85
N GLU C 406 33.91 17.87 47.25
CA GLU C 406 32.46 17.75 47.24
C GLU C 406 31.94 17.70 45.81
N PHE C 407 32.55 18.46 44.88
CA PHE C 407 32.17 18.40 43.47
C PHE C 407 32.40 17.02 42.89
N LEU C 408 33.55 16.42 43.21
CA LEU C 408 33.95 15.14 42.66
C LEU C 408 33.01 14.05 43.16
N GLU C 409 32.59 14.15 44.43
CA GLU C 409 31.70 13.18 45.03
C GLU C 409 30.31 13.29 44.40
N ALA C 410 29.86 14.52 44.15
CA ALA C 410 28.57 14.78 43.53
C ALA C 410 28.57 14.33 42.06
N PHE C 411 29.64 14.59 41.30
CA PHE C 411 29.72 14.13 39.90
C PHE C 411 29.69 12.61 39.83
N GLN C 412 30.25 11.94 40.85
CA GLN C 412 30.28 10.48 40.98
C GLN C 412 28.87 9.96 41.26
N THR C 413 28.20 10.55 42.27
CA THR C 413 26.84 10.20 42.61
C THR C 413 25.95 10.43 41.40
N PHE C 414 26.08 11.60 40.74
CA PHE C 414 25.24 11.94 39.60
C PHE C 414 25.37 10.91 38.49
N GLY C 415 26.62 10.48 38.24
CA GLY C 415 26.95 9.48 37.25
C GLY C 415 26.27 8.16 37.57
N LEU C 416 26.19 7.84 38.87
CA LEU C 416 25.51 6.64 39.31
C LEU C 416 23.99 6.77 39.17
N PHE C 417 23.44 7.99 39.26
CA PHE C 417 22.00 8.15 39.06
C PHE C 417 21.66 7.97 37.59
N THR C 418 22.44 8.63 36.72
CA THR C 418 22.15 8.60 35.30
C THR C 418 22.48 7.23 34.71
N SER C 419 23.50 6.52 35.19
CA SER C 419 23.77 5.20 34.64
C SER C 419 22.65 4.21 34.98
N GLY C 420 21.96 4.40 36.13
CA GLY C 420 20.96 3.46 36.62
C GLY C 420 21.59 2.34 37.47
N ILE C 421 22.90 2.41 37.65
CA ILE C 421 23.64 1.36 38.32
C ILE C 421 23.73 1.63 39.83
N GLY C 422 23.49 2.88 40.24
CA GLY C 422 23.66 3.27 41.63
C GLY C 422 22.59 2.70 42.56
N VAL C 423 21.45 2.29 42.01
CA VAL C 423 20.25 1.94 42.76
C VAL C 423 20.62 0.97 43.88
N HIS C 424 20.41 1.44 45.11
CA HIS C 424 20.75 0.67 46.30
C HIS C 424 19.50 0.60 47.17
N TYR C 425 18.84 -0.58 47.12
CA TYR C 425 17.62 -0.79 47.90
C TYR C 425 17.95 -1.08 49.36
N GLN C 426 17.16 -0.48 50.25
CA GLN C 426 17.34 -0.58 51.70
C GLN C 426 16.82 -1.92 52.22
N PRO C 427 17.23 -2.35 53.44
CA PRO C 427 16.75 -3.62 53.99
C PRO C 427 15.22 -3.75 54.00
N SER C 428 14.72 -4.96 53.71
CA SER C 428 13.30 -5.23 53.64
C SER C 428 13.15 -6.73 53.72
N ALA C 429 11.93 -7.22 53.53
CA ALA C 429 11.70 -8.65 53.37
C ALA C 429 12.59 -9.27 52.28
N ILE C 430 12.92 -8.54 51.20
CA ILE C 430 13.61 -9.14 50.07
C ILE C 430 15.04 -8.64 49.95
N THR C 431 15.51 -7.91 50.99
CA THR C 431 16.87 -7.39 51.02
C THR C 431 17.42 -7.55 52.43
N HIS C 432 18.24 -8.59 52.65
CA HIS C 432 18.80 -8.87 53.97
C HIS C 432 20.29 -8.52 53.92
N ALA C 433 20.64 -7.42 54.58
CA ALA C 433 22.01 -6.94 54.54
C ALA C 433 22.78 -7.60 55.69
N LYS C 434 23.32 -8.77 55.38
CA LYS C 434 24.06 -9.61 56.30
C LYS C 434 25.18 -10.26 55.50
N HIS C 435 26.30 -10.56 56.14
CA HIS C 435 27.39 -11.28 55.51
C HIS C 435 27.98 -10.50 54.34
N GLN C 436 27.79 -9.18 54.31
CA GLN C 436 28.32 -8.35 53.23
C GLN C 436 29.83 -8.56 53.09
N ASP C 437 30.48 -8.71 54.24
CA ASP C 437 31.89 -9.01 54.40
C ASP C 437 32.41 -10.05 53.40
N LEU C 438 31.58 -11.05 53.07
CA LEU C 438 32.01 -12.25 52.35
C LEU C 438 32.12 -12.01 50.85
N ALA C 439 31.51 -10.93 50.35
CA ALA C 439 31.63 -10.52 48.96
C ALA C 439 31.37 -9.03 48.87
N SER C 440 32.37 -8.26 49.34
CA SER C 440 32.21 -6.83 49.58
C SER C 440 31.83 -6.08 48.30
N THR C 441 32.13 -6.63 47.12
CA THR C 441 31.83 -5.97 45.86
C THR C 441 30.38 -6.18 45.44
N LEU C 442 29.79 -7.29 45.89
CA LEU C 442 28.42 -7.63 45.51
C LEU C 442 27.51 -7.00 46.54
N VAL C 443 27.40 -5.68 46.44
CA VAL C 443 26.64 -4.93 47.42
C VAL C 443 25.21 -5.45 47.41
N ILE C 444 24.72 -5.77 48.60
CA ILE C 444 23.37 -6.27 48.76
C ILE C 444 22.39 -5.11 48.53
N GLY C 445 21.39 -5.34 47.68
CA GLY C 445 20.43 -4.31 47.31
C GLY C 445 20.81 -3.59 46.02
N GLU C 446 22.02 -3.85 45.51
CA GLU C 446 22.47 -3.34 44.23
C GLU C 446 22.48 -4.46 43.20
N ARG C 447 22.56 -4.13 41.93
CA ARG C 447 22.41 -5.12 40.88
C ARG C 447 23.66 -5.99 40.88
N MET C 448 23.47 -7.25 40.47
CA MET C 448 24.56 -8.20 40.42
C MET C 448 25.66 -7.66 39.51
N VAL C 449 26.92 -7.78 39.95
CA VAL C 449 28.02 -7.09 39.28
C VAL C 449 28.49 -7.95 38.11
N PRO C 450 28.55 -7.37 36.88
CA PRO C 450 29.07 -8.06 35.71
C PRO C 450 30.48 -8.55 35.93
N HIS C 451 30.70 -9.83 35.58
CA HIS C 451 32.00 -10.47 35.41
C HIS C 451 31.78 -11.73 34.57
N VAL C 452 32.83 -12.15 33.85
CA VAL C 452 32.73 -13.32 32.99
C VAL C 452 33.24 -14.57 33.72
N PHE C 453 32.44 -15.64 33.62
CA PHE C 453 32.84 -16.98 34.01
C PHE C 453 32.75 -17.90 32.79
N VAL C 454 33.14 -19.16 32.97
CA VAL C 454 33.23 -20.12 31.88
C VAL C 454 32.56 -21.40 32.33
N ARG C 455 31.78 -22.01 31.45
CA ARG C 455 31.15 -23.29 31.73
C ARG C 455 32.18 -24.42 31.69
N ALA C 456 32.12 -25.34 32.65
CA ALA C 456 33.02 -26.47 32.71
C ALA C 456 32.78 -27.45 31.55
N ALA C 457 31.53 -27.55 31.11
CA ALA C 457 31.10 -28.59 30.19
C ALA C 457 31.66 -28.36 28.79
N ASP C 458 31.71 -27.08 28.38
CA ASP C 458 31.98 -26.76 26.99
C ASP C 458 32.91 -25.56 26.83
N ALA C 459 33.32 -24.92 27.93
CA ALA C 459 34.31 -23.85 27.93
C ALA C 459 33.76 -22.57 27.33
N ARG C 460 32.44 -22.49 27.13
CA ARG C 460 31.89 -21.25 26.64
C ARG C 460 31.84 -20.23 27.75
N PRO C 461 32.30 -18.98 27.51
CA PRO C 461 32.21 -17.90 28.48
C PRO C 461 30.86 -17.21 28.49
N TYR C 462 30.44 -16.73 29.65
CA TYR C 462 29.21 -16.03 29.84
C TYR C 462 29.43 -14.95 30.89
N ASP C 463 28.89 -13.75 30.65
CA ASP C 463 28.82 -12.78 31.72
C ASP C 463 27.79 -13.34 32.69
N ILE C 464 28.05 -13.15 33.98
CA ILE C 464 27.14 -13.72 34.96
C ILE C 464 25.74 -13.17 34.71
N GLN C 465 25.65 -11.96 34.16
CA GLN C 465 24.35 -11.35 33.97
C GLN C 465 23.53 -12.16 32.98
N ASP C 466 24.22 -12.81 32.02
CA ASP C 466 23.51 -13.58 31.02
C ASP C 466 22.96 -14.88 31.60
N VAL C 467 23.40 -15.30 32.79
CA VAL C 467 22.78 -16.47 33.42
C VAL C 467 21.79 -16.03 34.50
N LEU C 468 21.45 -14.74 34.49
CA LEU C 468 20.49 -14.16 35.41
C LEU C 468 19.38 -13.46 34.64
N PRO C 469 18.60 -14.23 33.83
CA PRO C 469 17.52 -13.68 33.03
C PRO C 469 16.33 -13.28 33.90
N ALA C 470 15.42 -12.49 33.31
CA ALA C 470 14.17 -12.12 33.95
C ALA C 470 13.16 -13.23 33.64
N ASP C 471 13.31 -14.35 34.34
CA ASP C 471 12.50 -15.53 34.10
C ASP C 471 11.57 -15.76 35.30
N ALA C 472 11.45 -14.74 36.16
CA ALA C 472 10.61 -14.83 37.34
C ALA C 472 11.15 -15.86 38.35
N ARG C 473 12.39 -16.32 38.18
CA ARG C 473 13.01 -17.20 39.17
C ARG C 473 14.05 -16.44 40.00
N PHE C 474 14.16 -16.83 41.28
CA PHE C 474 15.32 -16.48 42.09
C PHE C 474 16.49 -17.35 41.63
N LYS C 475 17.70 -16.78 41.74
CA LYS C 475 18.90 -17.50 41.40
C LYS C 475 19.74 -17.65 42.67
N ILE C 476 20.14 -18.89 42.96
CA ILE C 476 21.06 -19.20 44.02
C ILE C 476 22.43 -19.47 43.41
N LEU C 477 23.36 -18.50 43.53
CA LEU C 477 24.72 -18.69 43.08
C LEU C 477 25.54 -19.28 44.22
N VAL C 478 26.00 -20.52 44.06
CA VAL C 478 26.77 -21.17 45.09
C VAL C 478 28.23 -21.14 44.64
N PHE C 479 28.99 -20.23 45.25
CA PHE C 479 30.43 -20.14 45.04
C PHE C 479 31.11 -21.18 45.91
N THR C 480 31.61 -22.25 45.29
CA THR C 480 31.92 -23.49 46.01
C THR C 480 33.33 -23.46 46.60
N GLY C 481 34.13 -22.48 46.19
CA GLY C 481 35.53 -22.44 46.58
C GLY C 481 36.40 -23.34 45.70
N VAL C 482 37.58 -23.72 46.20
CA VAL C 482 38.52 -24.53 45.44
C VAL C 482 38.09 -26.01 45.50
N ILE C 483 37.27 -26.40 44.50
CA ILE C 483 36.52 -27.63 44.50
C ILE C 483 37.45 -28.85 44.34
N THR C 484 38.68 -28.61 43.86
CA THR C 484 39.69 -29.64 43.69
C THR C 484 40.33 -30.07 45.02
N ASP C 485 40.22 -29.23 46.07
CA ASP C 485 40.70 -29.60 47.40
C ASP C 485 39.67 -30.53 48.04
N PRO C 486 40.02 -31.80 48.35
CA PRO C 486 39.06 -32.77 48.89
C PRO C 486 38.14 -32.26 50.00
N ALA C 487 38.71 -31.48 50.93
CA ALA C 487 37.95 -30.94 52.07
C ALA C 487 36.81 -30.05 51.59
N GLN C 488 37.09 -29.21 50.58
CA GLN C 488 36.16 -28.22 50.08
C GLN C 488 35.15 -28.85 49.11
N ALA C 489 35.56 -29.96 48.51
CA ALA C 489 34.69 -30.79 47.72
C ALA C 489 33.67 -31.47 48.63
N ALA C 490 34.13 -31.99 49.78
CA ALA C 490 33.24 -32.65 50.73
C ALA C 490 32.26 -31.63 51.28
N ARG C 491 32.73 -30.38 51.45
CA ARG C 491 31.92 -29.29 51.95
C ARG C 491 30.80 -28.99 50.96
N ALA C 492 31.16 -28.87 49.68
CA ALA C 492 30.21 -28.64 48.61
C ALA C 492 29.13 -29.71 48.61
N ALA C 493 29.52 -30.98 48.77
CA ALA C 493 28.61 -32.11 48.68
C ALA C 493 27.62 -32.07 49.85
N ALA C 494 28.14 -31.71 51.04
CA ALA C 494 27.36 -31.57 52.25
C ALA C 494 26.31 -30.49 52.07
N LEU C 495 26.71 -29.33 51.52
CA LEU C 495 25.77 -28.26 51.29
C LEU C 495 24.68 -28.69 50.32
N ALA C 496 25.06 -29.40 49.24
CA ALA C 496 24.12 -29.90 48.27
C ALA C 496 23.09 -30.83 48.92
N GLU C 497 23.52 -31.75 49.80
CA GLU C 497 22.59 -32.61 50.52
C GLU C 497 21.58 -31.76 51.28
N GLU C 498 22.12 -30.73 51.94
CA GLU C 498 21.38 -29.90 52.88
C GLU C 498 20.28 -29.17 52.14
N MET C 499 20.63 -28.58 50.99
CA MET C 499 19.69 -27.81 50.20
C MET C 499 18.60 -28.70 49.61
N ASP C 500 18.92 -29.96 49.28
CA ASP C 500 18.00 -30.87 48.62
C ASP C 500 17.28 -31.77 49.62
N ALA C 501 17.59 -31.64 50.92
CA ALA C 501 16.88 -32.37 51.97
C ALA C 501 15.43 -31.88 52.05
N PRO C 502 14.49 -32.73 52.54
CA PRO C 502 13.07 -32.52 52.32
C PRO C 502 12.51 -31.30 53.04
N GLY C 503 13.12 -30.95 54.18
CA GLY C 503 12.67 -29.83 54.97
C GLY C 503 13.36 -28.52 54.60
N SER C 504 14.24 -28.51 53.60
CA SER C 504 14.95 -27.28 53.27
C SER C 504 14.01 -26.25 52.64
N PHE C 505 14.50 -25.00 52.56
CA PHE C 505 13.73 -23.90 51.99
C PHE C 505 13.33 -24.20 50.56
N TYR C 506 14.22 -24.86 49.83
CA TYR C 506 14.07 -25.14 48.42
C TYR C 506 12.80 -25.94 48.17
N HIS C 507 12.62 -27.02 48.94
CA HIS C 507 11.49 -27.93 48.77
C HIS C 507 10.23 -27.36 49.42
N ARG C 508 10.39 -26.74 50.60
CA ARG C 508 9.27 -26.22 51.38
C ARG C 508 8.56 -25.08 50.64
N PHE C 509 9.29 -24.35 49.80
CA PHE C 509 8.75 -23.23 49.07
C PHE C 509 8.68 -23.48 47.57
N GLY C 510 8.99 -24.71 47.16
CA GLY C 510 9.18 -25.07 45.78
C GLY C 510 7.93 -25.64 45.12
N HIS C 511 6.83 -25.82 45.89
CA HIS C 511 5.53 -26.07 45.28
C HIS C 511 5.58 -27.24 44.32
N GLU C 512 6.26 -28.33 44.70
CA GLU C 512 6.17 -29.61 43.98
C GLU C 512 7.15 -29.66 42.81
N ASN C 513 7.52 -28.49 42.27
CA ASN C 513 8.59 -28.40 41.29
C ASN C 513 9.48 -27.22 41.64
N PRO C 514 10.46 -27.40 42.55
CA PRO C 514 11.26 -26.27 43.03
C PRO C 514 12.14 -25.55 42.02
N ALA C 515 12.53 -26.23 40.94
CA ALA C 515 13.40 -25.61 39.96
C ALA C 515 12.66 -24.53 39.16
N ARG C 516 11.33 -24.49 39.27
CA ARG C 516 10.54 -23.43 38.65
C ARG C 516 10.68 -22.15 39.45
N VAL C 517 11.06 -22.26 40.71
CA VAL C 517 11.16 -21.13 41.63
C VAL C 517 12.62 -20.70 41.76
N PHE C 518 13.51 -21.68 41.87
CA PHE C 518 14.89 -21.46 42.29
C PHE C 518 15.85 -22.04 41.26
N ASP C 519 16.71 -21.18 40.71
CA ASP C 519 17.69 -21.57 39.70
C ASP C 519 19.02 -21.69 40.41
N VAL C 520 19.55 -22.91 40.54
CA VAL C 520 20.75 -23.13 41.30
C VAL C 520 21.94 -23.20 40.37
N LEU C 521 22.98 -22.39 40.63
CA LEU C 521 24.23 -22.45 39.87
C LEU C 521 25.43 -22.66 40.81
N SER C 522 26.45 -23.37 40.31
CA SER C 522 27.75 -23.50 40.94
C SER C 522 28.69 -22.52 40.28
N VAL C 523 29.59 -21.95 41.08
CA VAL C 523 30.73 -21.25 40.52
C VAL C 523 31.95 -21.63 41.34
N SER C 524 32.77 -22.55 40.78
CA SER C 524 33.90 -23.11 41.52
C SER C 524 35.17 -22.36 41.17
N ALA C 525 36.08 -22.24 42.13
CA ALA C 525 37.34 -21.53 41.94
C ALA C 525 38.39 -22.53 41.50
N ALA C 526 38.23 -23.05 40.30
CA ALA C 526 39.24 -23.91 39.71
C ALA C 526 39.13 -23.81 38.21
N LYS C 527 40.08 -24.43 37.51
CA LYS C 527 40.18 -24.29 36.06
C LYS C 527 39.68 -25.56 35.38
N LYS C 528 39.33 -25.45 34.09
CA LYS C 528 38.68 -26.53 33.35
C LYS C 528 39.61 -27.73 33.18
N GLU C 529 40.92 -27.46 33.11
CA GLU C 529 41.94 -28.49 33.07
C GLU C 529 41.75 -29.45 34.26
N ASP C 530 41.15 -28.99 35.36
CA ASP C 530 41.09 -29.80 36.58
C ASP C 530 39.65 -30.16 36.99
N VAL C 531 38.65 -29.67 36.26
CA VAL C 531 37.27 -29.90 36.67
C VAL C 531 36.43 -30.22 35.45
N ASN C 532 35.87 -31.44 35.44
CA ASN C 532 34.77 -31.72 34.54
C ASN C 532 33.44 -31.41 35.22
N TYR C 533 32.40 -31.13 34.41
CA TYR C 533 31.11 -30.70 34.94
C TYR C 533 30.56 -31.79 35.85
N THR C 534 30.91 -33.06 35.59
CA THR C 534 30.38 -34.19 36.35
C THR C 534 30.99 -34.31 37.76
N ASP C 535 32.08 -33.60 38.01
CA ASP C 535 32.75 -33.58 39.31
C ASP C 535 31.92 -32.89 40.38
N LEU C 536 30.91 -32.10 40.02
CA LEU C 536 30.16 -31.41 41.04
C LEU C 536 29.03 -32.26 41.59
N PRO C 537 28.54 -31.96 42.79
CA PRO C 537 27.36 -32.63 43.30
C PRO C 537 26.19 -32.46 42.33
N LYS C 538 25.26 -33.42 42.29
CA LYS C 538 24.18 -33.40 41.30
C LYS C 538 23.35 -32.13 41.43
N PHE C 539 23.12 -31.71 42.68
CA PHE C 539 22.29 -30.55 42.99
C PHE C 539 22.92 -29.27 42.47
N PHE C 540 24.23 -29.27 42.26
CA PHE C 540 24.95 -28.14 41.71
C PHE C 540 25.18 -28.27 40.20
N ARG C 541 24.55 -29.27 39.58
CA ARG C 541 24.62 -29.41 38.13
C ARG C 541 23.31 -29.99 37.61
N GLN C 542 22.19 -29.33 37.99
CA GLN C 542 20.90 -29.90 37.67
C GLN C 542 20.77 -30.00 36.16
N HIS C 543 21.45 -29.10 35.43
CA HIS C 543 21.73 -29.21 34.01
C HIS C 543 23.22 -29.01 33.86
N TRP C 544 23.83 -29.55 32.80
CA TRP C 544 25.27 -29.46 32.66
C TRP C 544 25.75 -28.02 32.60
N SER C 545 24.87 -27.09 32.24
CA SER C 545 25.26 -25.70 32.06
C SER C 545 25.34 -24.95 33.38
N LYS C 546 24.93 -25.58 34.48
CA LYS C 546 24.90 -24.87 35.73
C LYS C 546 26.30 -24.83 36.37
N VAL C 547 27.26 -25.54 35.77
CA VAL C 547 28.58 -25.63 36.37
C VAL C 547 29.47 -24.57 35.76
N LEU C 548 29.67 -23.47 36.47
CA LEU C 548 30.57 -22.41 36.03
C LEU C 548 31.89 -22.51 36.80
N LEU C 549 32.94 -21.94 36.18
CA LEU C 549 34.30 -21.92 36.71
C LEU C 549 34.83 -20.49 36.65
N ASP C 550 35.68 -20.18 37.62
CA ASP C 550 36.42 -18.93 37.59
C ASP C 550 37.69 -19.21 36.81
N ASP C 551 37.61 -19.02 35.50
CA ASP C 551 38.64 -19.41 34.57
C ASP C 551 38.43 -18.60 33.29
N THR C 552 39.45 -18.57 32.41
CA THR C 552 39.36 -17.83 31.15
C THR C 552 38.75 -18.69 30.05
N ASP C 553 38.25 -18.06 28.99
CA ASP C 553 37.93 -18.77 27.77
C ASP C 553 39.24 -19.35 27.24
N LEU C 554 39.15 -20.14 26.18
CA LEU C 554 40.27 -20.95 25.72
C LEU C 554 41.41 -20.11 25.14
N TYR C 555 41.14 -18.89 24.68
CA TYR C 555 42.15 -18.02 24.10
C TYR C 555 42.64 -16.95 25.08
N ALA C 556 42.26 -17.13 26.37
CA ALA C 556 42.58 -16.22 27.46
C ALA C 556 42.24 -14.77 27.06
N ARG C 557 41.05 -14.57 26.50
CA ARG C 557 40.60 -13.24 26.11
C ARG C 557 39.70 -12.64 27.20
N VAL C 558 38.93 -13.49 27.86
CA VAL C 558 37.97 -13.05 28.85
C VAL C 558 37.98 -14.05 30.00
N GLY C 559 37.38 -13.65 31.13
CA GLY C 559 37.22 -14.53 32.27
C GLY C 559 38.45 -14.52 33.16
N GLY C 560 38.37 -15.31 34.24
CA GLY C 560 39.36 -15.30 35.30
C GLY C 560 39.10 -14.16 36.26
N GLY C 561 39.64 -14.28 37.49
CA GLY C 561 39.72 -13.19 38.44
C GLY C 561 38.37 -12.81 39.06
N GLY C 562 37.39 -13.74 38.98
CA GLY C 562 36.04 -13.50 39.43
C GLY C 562 35.90 -13.46 40.95
N TYR C 563 36.49 -14.45 41.61
CA TYR C 563 36.43 -14.50 43.07
C TYR C 563 37.12 -13.25 43.61
N GLU C 564 38.28 -12.90 43.06
CA GLU C 564 39.00 -11.70 43.46
C GLU C 564 38.18 -10.44 43.22
N ARG C 565 37.59 -10.31 42.04
CA ARG C 565 36.76 -9.16 41.70
C ARG C 565 35.59 -8.98 42.68
N TYR C 566 34.96 -10.09 43.06
CA TYR C 566 33.75 -10.02 43.85
C TYR C 566 34.08 -9.89 45.34
N GLY C 567 35.34 -10.16 45.69
CA GLY C 567 35.80 -10.06 47.06
C GLY C 567 35.56 -11.34 47.87
N ILE C 568 35.40 -12.49 47.18
CA ILE C 568 35.10 -13.76 47.82
C ILE C 568 36.38 -14.54 48.09
N ASP C 569 36.52 -14.99 49.34
CA ASP C 569 37.62 -15.85 49.75
C ASP C 569 37.44 -17.19 49.04
N ALA C 570 38.40 -17.56 48.19
CA ALA C 570 38.31 -18.77 47.39
C ALA C 570 38.34 -20.02 48.27
N GLY C 571 38.87 -19.89 49.50
CA GLY C 571 38.99 -21.02 50.41
C GLY C 571 37.70 -21.30 51.17
N LYS C 572 36.74 -20.35 51.14
CA LYS C 572 35.53 -20.45 51.96
C LYS C 572 34.27 -20.45 51.10
N GLY C 573 34.23 -19.55 50.12
CA GLY C 573 33.09 -19.46 49.22
C GLY C 573 31.93 -18.73 49.89
N ALA C 574 30.80 -18.69 49.21
CA ALA C 574 29.63 -17.99 49.70
C ALA C 574 28.41 -18.37 48.86
N ILE C 575 27.22 -18.16 49.42
CA ILE C 575 25.97 -18.27 48.69
C ILE C 575 25.45 -16.86 48.43
N VAL C 576 25.18 -16.53 47.17
CA VAL C 576 24.68 -15.22 46.80
C VAL C 576 23.32 -15.39 46.15
N VAL C 577 22.29 -14.74 46.72
CA VAL C 577 20.94 -14.88 46.19
C VAL C 577 20.67 -13.68 45.32
N VAL C 578 20.25 -13.90 44.06
CA VAL C 578 19.86 -12.84 43.18
C VAL C 578 18.36 -12.95 42.91
N ARG C 579 17.65 -11.81 43.10
CA ARG C 579 16.23 -11.68 42.81
C ARG C 579 15.96 -11.82 41.31
N PRO C 580 14.69 -12.06 40.91
CA PRO C 580 14.31 -12.15 39.50
C PRO C 580 14.56 -10.92 38.63
N ASP C 581 14.70 -9.76 39.31
CA ASP C 581 14.98 -8.50 38.67
C ASP C 581 16.48 -8.22 38.61
N GLY C 582 17.28 -9.18 39.09
CA GLY C 582 18.72 -9.13 38.94
C GLY C 582 19.44 -8.37 40.05
N TYR C 583 18.73 -7.99 41.12
CA TYR C 583 19.34 -7.34 42.28
C TYR C 583 19.76 -8.41 43.30
N VAL C 584 20.90 -8.18 43.96
CA VAL C 584 21.35 -9.07 45.02
C VAL C 584 20.44 -8.94 46.24
N GLY C 585 19.88 -10.07 46.68
CA GLY C 585 18.96 -10.08 47.80
C GLY C 585 19.66 -10.33 49.15
N THR C 586 20.62 -11.26 49.17
CA THR C 586 21.38 -11.51 50.38
C THR C 586 22.63 -12.32 50.05
N ILE C 587 23.44 -12.54 51.09
CA ILE C 587 24.65 -13.33 50.98
C ILE C 587 24.73 -14.19 52.23
N ALA C 588 25.34 -15.36 52.13
CA ALA C 588 25.53 -16.18 53.31
C ALA C 588 26.75 -17.08 53.10
N PRO C 589 27.42 -17.52 54.19
CA PRO C 589 28.51 -18.48 54.09
C PRO C 589 27.92 -19.83 53.72
N LEU C 590 28.80 -20.76 53.35
CA LEU C 590 28.40 -22.09 52.91
C LEU C 590 27.79 -22.88 54.07
N HIS C 591 28.12 -22.49 55.32
CA HIS C 591 27.54 -23.14 56.49
C HIS C 591 26.28 -22.40 56.95
N GLY C 592 25.82 -21.40 56.20
CA GLY C 592 24.80 -20.47 56.67
C GLY C 592 23.51 -20.60 55.86
N LEU C 593 23.21 -21.81 55.42
CA LEU C 593 21.93 -22.07 54.80
C LEU C 593 20.77 -21.53 55.64
N ARG C 594 20.89 -21.55 56.98
CA ARG C 594 19.74 -21.17 57.82
C ARG C 594 19.36 -19.71 57.55
N ASP C 595 20.32 -18.88 57.12
CA ASP C 595 20.12 -17.47 56.80
C ASP C 595 19.47 -17.30 55.42
N ILE C 596 19.76 -18.21 54.48
CA ILE C 596 19.04 -18.28 53.22
C ILE C 596 17.57 -18.67 53.46
N ASP C 597 17.37 -19.65 54.33
CA ASP C 597 16.05 -20.09 54.71
C ASP C 597 15.26 -18.93 55.31
N ALA C 598 15.95 -18.13 56.15
CA ALA C 598 15.32 -16.98 56.79
C ALA C 598 14.96 -15.93 55.74
N TYR C 599 15.84 -15.75 54.75
CA TYR C 599 15.58 -14.84 53.65
C TYR C 599 14.23 -15.17 53.02
N PHE C 600 14.08 -16.38 52.50
CA PHE C 600 12.88 -16.70 51.75
C PHE C 600 11.67 -16.73 52.68
N SER C 601 11.89 -17.08 53.96
CA SER C 601 10.82 -17.16 54.96
C SER C 601 10.15 -15.82 55.20
N ALA C 602 10.88 -14.71 55.00
CA ALA C 602 10.32 -13.40 55.24
C ALA C 602 9.27 -12.98 54.21
N PHE C 603 9.07 -13.75 53.12
CA PHE C 603 8.10 -13.33 52.12
C PHE C 603 7.47 -14.46 51.31
N MET C 604 8.05 -15.65 51.30
CA MET C 604 7.45 -16.74 50.53
C MET C 604 6.38 -17.48 51.37
N ALA C 605 5.33 -17.96 50.71
CA ALA C 605 4.27 -18.72 51.34
C ALA C 605 4.50 -20.22 51.11
N ALA C 606 4.14 -21.04 52.11
CA ALA C 606 4.17 -22.51 52.03
C ALA C 606 2.83 -23.07 51.51
N ILE D 5 -41.44 58.79 -21.51
CA ILE D 5 -41.66 57.49 -22.23
C ILE D 5 -42.55 56.60 -21.36
N ALA D 6 -43.83 56.42 -21.74
CA ALA D 6 -44.83 55.76 -20.90
C ALA D 6 -44.33 54.39 -20.44
N PRO D 7 -44.54 54.02 -19.15
CA PRO D 7 -44.09 52.71 -18.64
C PRO D 7 -44.89 51.61 -19.32
N LYS D 8 -44.20 50.51 -19.62
CA LYS D 8 -44.79 49.42 -20.36
C LYS D 8 -45.65 48.58 -19.41
N GLU D 9 -46.84 48.12 -19.80
CA GLU D 9 -47.68 47.33 -18.91
C GLU D 9 -47.94 45.92 -19.45
N THR D 10 -47.48 44.87 -18.76
CA THR D 10 -47.55 43.50 -19.27
C THR D 10 -48.21 42.56 -18.27
N GLU D 11 -48.50 41.34 -18.73
CA GLU D 11 -48.95 40.25 -17.90
C GLU D 11 -48.02 39.05 -18.02
N VAL D 12 -48.18 38.10 -17.09
CA VAL D 12 -47.40 36.89 -17.08
C VAL D 12 -47.99 35.94 -16.04
N ASP D 13 -47.82 34.65 -16.25
CA ASP D 13 -48.36 33.68 -15.33
C ASP D 13 -47.46 33.64 -14.09
N VAL D 14 -46.14 33.51 -14.30
CA VAL D 14 -45.19 33.47 -13.19
C VAL D 14 -44.01 34.40 -13.45
N LEU D 15 -43.75 35.29 -12.49
CA LEU D 15 -42.57 36.13 -12.50
C LEU D 15 -41.65 35.71 -11.37
N ILE D 16 -40.37 35.45 -11.69
CA ILE D 16 -39.39 35.06 -10.70
C ILE D 16 -38.37 36.16 -10.51
N VAL D 17 -38.12 36.53 -9.25
CA VAL D 17 -37.20 37.60 -8.94
C VAL D 17 -35.99 36.96 -8.31
N GLY D 18 -34.94 36.85 -9.11
CA GLY D 18 -33.66 36.33 -8.69
C GLY D 18 -33.27 35.09 -9.49
N ALA D 19 -32.06 35.09 -10.06
CA ALA D 19 -31.61 34.03 -10.95
C ALA D 19 -30.42 33.32 -10.34
N GLY D 20 -30.55 33.03 -9.05
CA GLY D 20 -29.64 32.13 -8.38
C GLY D 20 -30.18 30.72 -8.47
N PRO D 21 -29.59 29.80 -7.70
CA PRO D 21 -30.00 28.41 -7.70
C PRO D 21 -31.49 28.15 -7.58
N ALA D 22 -32.12 28.74 -6.57
CA ALA D 22 -33.54 28.52 -6.38
C ALA D 22 -34.29 29.02 -7.61
N GLY D 23 -33.91 30.23 -8.05
CA GLY D 23 -34.57 30.87 -9.18
C GLY D 23 -34.51 30.04 -10.48
N VAL D 24 -33.34 29.45 -10.78
CA VAL D 24 -33.13 28.80 -12.08
C VAL D 24 -33.72 27.41 -12.04
N MET D 25 -33.63 26.73 -10.90
CA MET D 25 -34.36 25.50 -10.73
C MET D 25 -35.83 25.75 -11.05
N CYS D 26 -36.41 26.82 -10.49
CA CYS D 26 -37.83 27.07 -10.68
C CYS D 26 -38.10 27.42 -12.13
N ALA D 27 -37.29 28.31 -12.71
CA ALA D 27 -37.53 28.81 -14.05
C ALA D 27 -37.42 27.65 -15.03
N ASN D 28 -36.44 26.76 -14.80
CA ASN D 28 -36.24 25.66 -15.70
C ASN D 28 -37.45 24.75 -15.62
N ALA D 29 -37.85 24.41 -14.40
CA ALA D 29 -38.95 23.48 -14.20
C ALA D 29 -40.21 23.99 -14.88
N LEU D 30 -40.47 25.30 -14.73
CA LEU D 30 -41.64 25.89 -15.35
C LEU D 30 -41.51 25.88 -16.88
N ALA D 31 -40.32 26.16 -17.38
CA ALA D 31 -40.07 26.17 -18.81
C ALA D 31 -40.28 24.78 -19.41
N MET D 32 -39.77 23.76 -18.75
CA MET D 32 -39.86 22.39 -19.25
C MET D 32 -41.33 21.94 -19.23
N ALA D 33 -42.14 22.52 -18.34
CA ALA D 33 -43.57 22.22 -18.30
C ALA D 33 -44.37 23.18 -19.18
N GLY D 34 -43.69 24.00 -19.96
CA GLY D 34 -44.36 24.87 -20.91
C GLY D 34 -45.20 25.96 -20.25
N VAL D 35 -44.82 26.40 -19.04
CA VAL D 35 -45.54 27.45 -18.32
C VAL D 35 -45.03 28.83 -18.77
N ASN D 36 -45.91 29.80 -18.79
CA ASN D 36 -45.50 31.15 -19.16
C ASN D 36 -44.76 31.81 -17.99
N VAL D 37 -43.42 31.85 -18.08
CA VAL D 37 -42.59 32.29 -16.96
C VAL D 37 -41.56 33.32 -17.40
N ARG D 38 -41.33 34.33 -16.55
CA ARG D 38 -40.28 35.30 -16.78
C ARG D 38 -39.39 35.27 -15.55
N ILE D 39 -38.10 35.61 -15.70
CA ILE D 39 -37.18 35.65 -14.57
C ILE D 39 -36.18 36.79 -14.76
N ILE D 40 -35.99 37.56 -13.68
CA ILE D 40 -35.22 38.79 -13.72
C ILE D 40 -34.13 38.71 -12.67
N ASP D 41 -33.13 39.59 -12.83
CA ASP D 41 -32.02 39.63 -11.90
C ASP D 41 -31.37 41.00 -12.01
N GLN D 42 -30.78 41.50 -10.91
CA GLN D 42 -30.30 42.87 -10.87
C GLN D 42 -28.85 42.96 -11.30
N ARG D 43 -28.15 41.80 -11.33
CA ARG D 43 -26.77 41.74 -11.75
C ARG D 43 -26.69 41.93 -13.28
N PRO D 44 -25.84 42.85 -13.80
CA PRO D 44 -25.76 43.09 -15.25
C PRO D 44 -25.34 41.88 -16.06
N VAL D 45 -24.43 41.09 -15.53
CA VAL D 45 -24.02 39.85 -16.19
C VAL D 45 -24.12 38.71 -15.17
N LYS D 46 -24.20 37.47 -15.68
CA LYS D 46 -24.23 36.25 -14.88
C LYS D 46 -22.95 36.10 -14.05
N VAL D 47 -23.09 35.54 -12.84
CA VAL D 47 -21.96 35.35 -11.94
C VAL D 47 -21.08 34.23 -12.47
N ALA D 48 -19.76 34.40 -12.31
CA ALA D 48 -18.78 33.45 -12.77
C ALA D 48 -18.35 32.51 -11.63
N ALA D 49 -18.52 32.94 -10.39
CA ALA D 49 -17.78 32.35 -9.28
C ALA D 49 -18.54 32.53 -7.98
N GLY D 50 -18.32 31.58 -7.06
CA GLY D 50 -18.50 31.82 -5.64
C GLY D 50 -19.69 31.08 -5.05
N GLN D 51 -19.72 31.02 -3.73
CA GLN D 51 -20.97 30.89 -3.02
C GLN D 51 -21.32 29.39 -3.01
N ALA D 52 -22.44 29.00 -3.64
CA ALA D 52 -22.71 27.61 -3.96
C ALA D 52 -21.43 26.94 -4.47
N ASP D 53 -21.25 25.72 -3.99
CA ASP D 53 -20.10 24.91 -4.38
C ASP D 53 -20.60 23.45 -4.42
N GLY D 54 -21.37 23.03 -3.41
CA GLY D 54 -21.65 21.65 -3.08
C GLY D 54 -23.05 21.21 -3.50
N ILE D 55 -23.14 20.06 -4.14
CA ILE D 55 -24.42 19.48 -4.49
C ILE D 55 -24.54 18.15 -3.75
N GLN D 56 -25.68 17.96 -3.08
CA GLN D 56 -25.91 16.78 -2.27
C GLN D 56 -26.51 15.62 -3.06
N PRO D 57 -26.36 14.37 -2.57
CA PRO D 57 -26.95 13.19 -3.18
C PRO D 57 -28.36 13.31 -3.71
N ARG D 58 -29.28 13.83 -2.87
CA ARG D 58 -30.66 13.88 -3.28
C ARG D 58 -30.80 14.89 -4.42
N THR D 59 -30.00 15.96 -4.36
CA THR D 59 -30.07 17.02 -5.36
C THR D 59 -29.64 16.47 -6.73
N ILE D 60 -28.64 15.57 -6.72
CA ILE D 60 -28.22 14.91 -7.95
C ILE D 60 -29.37 14.08 -8.52
N GLU D 61 -30.07 13.34 -7.64
CA GLU D 61 -31.26 12.60 -8.03
C GLU D 61 -32.28 13.53 -8.69
N VAL D 62 -32.46 14.72 -8.10
CA VAL D 62 -33.41 15.68 -8.63
C VAL D 62 -32.97 16.17 -10.00
N LEU D 63 -31.70 16.55 -10.16
CA LEU D 63 -31.25 16.98 -11.48
C LEU D 63 -31.44 15.85 -12.49
N GLN D 64 -31.25 14.61 -12.03
CA GLN D 64 -31.45 13.47 -12.90
C GLN D 64 -32.87 13.47 -13.44
N SER D 65 -33.83 13.81 -12.56
CA SER D 65 -35.24 13.84 -12.94
C SER D 65 -35.53 14.87 -14.04
N TYR D 66 -34.61 15.84 -14.27
CA TYR D 66 -34.75 16.87 -15.28
C TYR D 66 -33.86 16.55 -16.48
N GLY D 67 -33.12 15.44 -16.43
CA GLY D 67 -32.12 15.14 -17.42
C GLY D 67 -30.83 15.95 -17.29
N LEU D 68 -30.52 16.51 -16.11
CA LEU D 68 -29.44 17.46 -15.99
C LEU D 68 -28.26 16.89 -15.22
N ALA D 69 -28.45 15.78 -14.53
CA ALA D 69 -27.39 15.20 -13.72
C ALA D 69 -26.21 14.72 -14.59
N GLU D 70 -26.51 14.15 -15.77
CA GLU D 70 -25.47 13.65 -16.65
C GLU D 70 -24.41 14.74 -16.84
N ARG D 71 -24.87 15.96 -17.18
CA ARG D 71 -23.95 17.06 -17.41
C ARG D 71 -23.28 17.47 -16.10
N LEU D 72 -24.02 17.49 -15.00
CA LEU D 72 -23.38 17.84 -13.74
C LEU D 72 -22.22 16.89 -13.48
N LEU D 73 -22.46 15.57 -13.60
CA LEU D 73 -21.45 14.61 -13.19
C LEU D 73 -20.27 14.65 -14.15
N ARG D 74 -20.48 15.14 -15.37
CA ARG D 74 -19.43 15.25 -16.35
C ARG D 74 -18.52 16.42 -15.98
N GLU D 75 -19.07 17.50 -15.42
CA GLU D 75 -18.30 18.72 -15.19
C GLU D 75 -17.72 18.81 -13.78
N ALA D 76 -18.31 18.11 -12.80
CA ALA D 76 -18.10 18.41 -11.38
C ALA D 76 -17.11 17.46 -10.70
N ASN D 77 -16.44 18.00 -9.67
CA ASN D 77 -15.51 17.27 -8.83
C ASN D 77 -16.33 16.40 -7.86
N GLN D 78 -15.86 15.18 -7.56
CA GLN D 78 -16.55 14.35 -6.59
C GLN D 78 -15.85 14.44 -5.23
N MET D 79 -16.59 15.00 -4.27
CA MET D 79 -16.21 15.02 -2.87
C MET D 79 -16.67 13.72 -2.22
N GLN D 80 -15.83 12.68 -2.32
CA GLN D 80 -16.22 11.30 -1.97
C GLN D 80 -15.90 11.00 -0.52
N MET D 81 -14.76 11.57 -0.10
CA MET D 81 -14.14 11.19 1.14
C MET D 81 -13.93 12.44 1.99
N ALA D 82 -14.23 12.31 3.30
CA ALA D 82 -13.97 13.39 4.24
C ALA D 82 -12.87 12.96 5.19
N ALA D 83 -12.05 13.93 5.55
CA ALA D 83 -10.94 13.71 6.45
C ALA D 83 -10.99 14.73 7.59
N PHE D 84 -10.40 14.36 8.73
CA PHE D 84 -10.46 15.13 9.94
C PHE D 84 -9.04 15.24 10.50
N TYR D 85 -8.53 16.48 10.57
CA TYR D 85 -7.22 16.77 11.14
C TYR D 85 -7.48 17.58 12.40
N ASN D 86 -6.61 17.37 13.40
CA ASN D 86 -6.77 17.93 14.72
C ASN D 86 -5.42 18.08 15.37
N PRO D 87 -5.34 18.92 16.43
CA PRO D 87 -4.05 19.17 17.08
C PRO D 87 -3.49 17.88 17.65
N SER D 88 -2.18 17.79 17.49
CA SER D 88 -1.45 16.64 17.93
C SER D 88 -1.00 16.90 19.37
N PRO D 89 -0.93 15.84 20.22
CA PRO D 89 -0.35 15.98 21.55
C PRO D 89 0.94 16.82 21.54
N SER D 90 1.77 16.63 20.49
CA SER D 90 3.13 17.14 20.49
C SER D 90 3.21 18.54 19.87
N GLY D 91 2.22 18.88 19.02
CA GLY D 91 2.20 20.11 18.24
C GLY D 91 2.11 19.80 16.75
N GLY D 92 1.48 20.70 16.00
CA GLY D 92 1.15 20.42 14.61
C GLY D 92 -0.14 19.61 14.54
N ILE D 93 -0.73 19.59 13.33
CA ILE D 93 -1.93 18.82 13.09
C ILE D 93 -1.57 17.40 12.67
N GLU D 94 -2.46 16.46 12.98
CA GLU D 94 -2.37 15.08 12.53
C GLU D 94 -3.76 14.68 12.05
N ARG D 95 -3.81 13.67 11.18
CA ARG D 95 -5.09 13.11 10.78
C ARG D 95 -5.64 12.18 11.87
N THR D 96 -6.88 12.41 12.34
CA THR D 96 -7.47 11.57 13.37
C THR D 96 -8.41 10.53 12.75
N SER D 97 -9.13 10.87 11.68
CA SER D 97 -10.02 9.90 11.06
C SER D 97 -10.34 10.30 9.63
N ARG D 98 -10.87 9.33 8.88
CA ARG D 98 -11.47 9.59 7.59
C ARG D 98 -12.75 8.78 7.49
N ALA D 99 -13.65 9.23 6.60
CA ALA D 99 -14.94 8.60 6.46
C ALA D 99 -15.51 8.98 5.09
N PRO D 100 -16.59 8.30 4.64
CA PRO D 100 -17.34 8.75 3.48
C PRO D 100 -17.86 10.15 3.77
N ASP D 101 -17.85 11.03 2.76
CA ASP D 101 -18.39 12.36 2.86
C ASP D 101 -19.87 12.31 3.27
N VAL D 102 -20.56 11.31 2.77
CA VAL D 102 -21.99 11.19 2.86
C VAL D 102 -22.34 9.90 3.58
N THR D 103 -23.35 9.95 4.42
CA THR D 103 -23.85 8.77 5.14
C THR D 103 -25.26 8.49 4.63
N ALA D 104 -25.38 7.58 3.68
CA ALA D 104 -26.64 7.32 2.97
C ALA D 104 -26.47 6.12 2.05
N PRO D 105 -26.66 4.90 2.57
CA PRO D 105 -26.53 3.71 1.72
C PRO D 105 -27.65 3.48 0.71
N ASN D 106 -28.78 4.21 0.83
CA ASN D 106 -29.81 4.26 -0.18
C ASN D 106 -29.27 4.90 -1.45
N ALA D 107 -28.52 5.99 -1.24
CA ALA D 107 -28.26 7.00 -2.24
C ALA D 107 -27.77 6.36 -3.53
N ARG D 108 -28.27 6.91 -4.63
CA ARG D 108 -27.84 6.46 -5.93
C ARG D 108 -26.41 6.94 -6.15
N TRP D 109 -26.14 8.18 -5.77
CA TRP D 109 -24.82 8.80 -5.81
C TRP D 109 -24.46 9.19 -4.38
N PRO D 110 -23.74 8.30 -3.68
CA PRO D 110 -23.39 8.50 -2.28
C PRO D 110 -22.14 9.35 -2.10
N PHE D 111 -22.20 10.58 -2.61
CA PHE D 111 -21.13 11.53 -2.46
C PHE D 111 -21.71 12.90 -2.78
N GLU D 112 -20.94 13.94 -2.44
CA GLU D 112 -21.29 15.26 -2.91
C GLU D 112 -20.48 15.52 -4.17
N VAL D 113 -20.95 16.49 -4.98
CA VAL D 113 -20.12 16.98 -6.06
C VAL D 113 -20.01 18.50 -5.92
N THR D 114 -18.87 19.02 -6.35
CA THR D 114 -18.58 20.42 -6.25
C THR D 114 -18.25 21.00 -7.62
N LEU D 115 -18.58 22.28 -7.78
CA LEU D 115 -18.45 22.96 -9.06
C LEU D 115 -18.77 24.42 -8.81
N HIS D 116 -18.19 25.35 -9.59
CA HIS D 116 -18.44 26.75 -9.31
C HIS D 116 -19.87 27.12 -9.68
N GLN D 117 -20.37 28.15 -8.96
CA GLN D 117 -21.77 28.51 -9.00
C GLN D 117 -22.16 28.83 -10.43
N GLY D 118 -21.27 29.58 -11.12
CA GLY D 118 -21.51 29.92 -12.51
C GLY D 118 -21.85 28.67 -13.33
N ALA D 119 -21.07 27.62 -13.15
CA ALA D 119 -21.21 26.45 -13.99
C ALA D 119 -22.43 25.62 -13.57
N ILE D 120 -22.84 25.72 -12.31
CA ILE D 120 -24.03 24.99 -11.87
C ILE D 120 -25.25 25.64 -12.51
N GLU D 121 -25.29 26.97 -12.42
CA GLU D 121 -26.35 27.79 -12.98
C GLU D 121 -26.47 27.50 -14.48
N ALA D 122 -25.32 27.42 -15.15
CA ALA D 122 -25.28 27.22 -16.59
C ALA D 122 -26.08 25.99 -16.99
N ILE D 123 -25.99 24.92 -16.19
CA ILE D 123 -26.72 23.72 -16.53
C ILE D 123 -28.20 24.03 -16.67
N PHE D 124 -28.69 24.88 -15.77
CA PHE D 124 -30.09 25.26 -15.72
C PHE D 124 -30.43 26.28 -16.82
N LEU D 125 -29.51 27.23 -17.03
CA LEU D 125 -29.76 28.33 -17.93
C LEU D 125 -29.78 27.83 -19.37
N ASP D 126 -28.83 26.98 -19.74
CA ASP D 126 -28.80 26.38 -21.05
C ASP D 126 -30.06 25.54 -21.28
N SER D 127 -30.59 24.86 -20.25
CA SER D 127 -31.82 24.09 -20.40
C SER D 127 -33.00 25.04 -20.63
N MET D 128 -32.99 26.14 -19.87
CA MET D 128 -34.03 27.14 -19.96
C MET D 128 -34.05 27.75 -21.37
N LYS D 129 -32.86 28.06 -21.91
CA LYS D 129 -32.70 28.68 -23.21
C LYS D 129 -33.28 27.77 -24.29
N ALA D 130 -33.04 26.46 -24.15
CA ALA D 130 -33.51 25.49 -25.10
C ALA D 130 -35.03 25.43 -25.08
N HIS D 131 -35.66 25.85 -23.96
CA HIS D 131 -37.12 25.83 -23.80
C HIS D 131 -37.68 27.25 -23.83
N GLY D 132 -36.91 28.19 -24.36
CA GLY D 132 -37.42 29.50 -24.78
C GLY D 132 -37.42 30.57 -23.68
N VAL D 133 -36.61 30.37 -22.62
CA VAL D 133 -36.61 31.24 -21.44
C VAL D 133 -35.21 31.71 -21.08
N ALA D 134 -35.06 33.04 -20.93
CA ALA D 134 -33.78 33.69 -20.69
C ALA D 134 -33.93 34.64 -19.52
N VAL D 135 -32.85 34.77 -18.73
CA VAL D 135 -32.85 35.73 -17.64
C VAL D 135 -32.86 37.14 -18.25
N GLU D 136 -33.77 37.97 -17.77
CA GLU D 136 -33.80 39.37 -18.16
C GLU D 136 -33.07 40.18 -17.09
N ARG D 137 -32.14 41.03 -17.50
CA ARG D 137 -31.25 41.69 -16.55
C ARG D 137 -30.51 42.84 -17.23
N PRO D 138 -30.07 43.91 -16.53
CA PRO D 138 -30.30 44.08 -15.08
C PRO D 138 -31.60 44.81 -14.76
N ILE D 139 -32.41 44.21 -13.87
CA ILE D 139 -33.75 44.70 -13.55
C ILE D 139 -33.97 44.52 -12.05
N ILE D 140 -34.64 45.51 -11.42
CA ILE D 140 -35.07 45.36 -10.03
C ILE D 140 -36.53 45.72 -9.85
N PRO D 141 -37.22 45.10 -8.89
CA PRO D 141 -38.53 45.53 -8.47
C PRO D 141 -38.36 46.78 -7.65
N THR D 142 -39.28 47.73 -7.83
CA THR D 142 -39.32 48.95 -7.05
C THR D 142 -40.63 49.06 -6.25
N SER D 143 -41.58 48.16 -6.50
CA SER D 143 -42.88 48.28 -5.87
C SER D 143 -43.64 46.97 -6.03
N LEU D 144 -44.42 46.57 -5.01
CA LEU D 144 -45.21 45.35 -5.13
C LEU D 144 -46.57 45.57 -4.49
N GLU D 145 -47.62 45.59 -5.30
CA GLU D 145 -48.97 45.72 -4.82
C GLU D 145 -49.64 44.37 -4.94
N LEU D 146 -50.59 44.09 -4.03
CA LEU D 146 -51.32 42.85 -4.05
C LEU D 146 -52.80 43.16 -3.79
N SER D 147 -53.69 42.42 -4.46
CA SER D 147 -55.10 42.74 -4.51
C SER D 147 -55.74 42.53 -3.14
N ASP D 148 -56.68 43.43 -2.80
CA ASP D 148 -57.56 43.28 -1.63
C ASP D 148 -58.59 42.18 -1.87
N SER D 149 -59.07 42.09 -3.13
CA SER D 149 -60.23 41.31 -3.51
C SER D 149 -60.02 39.82 -3.25
N GLU D 150 -60.72 39.26 -2.26
CA GLU D 150 -60.67 37.84 -1.95
C GLU D 150 -60.96 37.00 -3.19
N ASP D 151 -61.93 37.45 -4.00
CA ASP D 151 -62.32 36.72 -5.20
C ASP D 151 -61.13 36.61 -6.15
N GLU D 152 -60.38 37.72 -6.30
CA GLU D 152 -59.19 37.75 -7.15
C GLU D 152 -58.06 36.91 -6.56
N LEU D 153 -57.89 36.93 -5.23
CA LEU D 153 -56.81 36.20 -4.58
C LEU D 153 -56.99 34.71 -4.76
N ARG D 154 -58.24 34.23 -4.75
CA ARG D 154 -58.53 32.80 -4.80
C ARG D 154 -58.71 32.31 -6.24
N ASP D 155 -58.79 33.23 -7.21
CA ASP D 155 -59.01 32.87 -8.61
C ASP D 155 -57.66 32.62 -9.28
N PRO D 156 -57.27 31.36 -9.60
CA PRO D 156 -55.96 31.11 -10.21
C PRO D 156 -55.72 31.72 -11.59
N ASN D 157 -56.76 32.28 -12.21
CA ASN D 157 -56.63 32.94 -13.51
C ASN D 157 -56.58 34.48 -13.39
N ALA D 158 -56.81 35.03 -12.20
CA ALA D 158 -56.63 36.47 -12.00
C ALA D 158 -55.14 36.79 -11.91
N HIS D 159 -54.81 38.07 -12.11
CA HIS D 159 -53.46 38.57 -11.94
C HIS D 159 -53.43 39.59 -10.80
N PRO D 160 -53.42 39.15 -9.52
CA PRO D 160 -53.45 40.09 -8.40
C PRO D 160 -52.13 40.69 -7.96
N VAL D 161 -51.00 40.22 -8.51
CA VAL D 161 -49.73 40.80 -8.11
C VAL D 161 -49.22 41.79 -9.13
N LYS D 162 -49.05 43.04 -8.73
CA LYS D 162 -48.56 44.07 -9.63
C LYS D 162 -47.17 44.44 -9.16
N VAL D 163 -46.17 44.07 -9.95
CA VAL D 163 -44.79 44.31 -9.61
C VAL D 163 -44.28 45.36 -10.58
N THR D 164 -43.74 46.46 -10.04
CA THR D 164 -43.17 47.51 -10.85
C THR D 164 -41.67 47.28 -10.91
N LEU D 165 -41.15 47.20 -12.16
CA LEU D 165 -39.76 46.90 -12.43
C LEU D 165 -39.06 48.16 -12.93
N LYS D 166 -37.83 48.37 -12.51
CA LYS D 166 -36.95 49.36 -13.11
C LYS D 166 -35.82 48.65 -13.84
N TYR D 167 -35.63 48.98 -15.11
CA TYR D 167 -34.49 48.53 -15.90
C TYR D 167 -33.28 49.42 -15.59
N LEU D 168 -32.20 48.80 -15.14
CA LEU D 168 -31.04 49.53 -14.64
C LEU D 168 -30.15 49.98 -15.80
N ASP D 169 -30.39 49.40 -16.98
CA ASP D 169 -29.61 49.70 -18.16
C ASP D 169 -30.47 49.40 -19.39
N PRO D 170 -31.54 50.20 -19.63
CA PRO D 170 -32.53 49.91 -20.66
C PRO D 170 -32.02 50.18 -22.07
N PRO D 171 -32.50 49.45 -23.12
CA PRO D 171 -32.17 49.77 -24.51
C PRO D 171 -32.64 51.20 -24.81
N ALA D 172 -31.79 52.00 -25.48
CA ALA D 172 -32.05 53.44 -25.56
C ALA D 172 -33.33 53.66 -26.37
N GLY D 173 -34.00 54.80 -26.12
CA GLY D 173 -35.28 55.09 -26.73
C GLY D 173 -36.48 54.56 -25.93
N GLN D 174 -36.35 53.35 -25.36
CA GLN D 174 -37.45 52.65 -24.68
C GLN D 174 -37.47 52.90 -23.16
N SER D 175 -38.62 52.59 -22.55
CA SER D 175 -38.95 52.98 -21.18
C SER D 175 -38.13 52.19 -20.16
N ASP D 176 -37.84 52.83 -19.02
CA ASP D 176 -37.02 52.22 -17.99
C ASP D 176 -37.91 51.55 -16.93
N THR D 177 -39.23 51.50 -17.15
CA THR D 177 -40.18 51.07 -16.15
C THR D 177 -41.18 50.12 -16.81
N GLU D 178 -41.45 48.99 -16.17
CA GLU D 178 -42.46 48.03 -16.61
C GLU D 178 -43.34 47.69 -15.42
N ILE D 179 -44.65 47.69 -15.60
CA ILE D 179 -45.55 47.22 -14.57
C ILE D 179 -46.08 45.86 -15.01
N VAL D 180 -45.58 44.81 -14.35
CA VAL D 180 -46.00 43.45 -14.64
C VAL D 180 -47.14 43.04 -13.72
N SER D 181 -48.29 42.68 -14.31
CA SER D 181 -49.36 42.03 -13.57
C SER D 181 -49.15 40.51 -13.68
N ALA D 182 -49.00 39.82 -12.53
CA ALA D 182 -48.68 38.41 -12.53
C ALA D 182 -49.74 37.61 -11.78
N LYS D 183 -49.92 36.36 -12.19
CA LYS D 183 -50.75 35.42 -11.44
C LYS D 183 -50.01 34.93 -10.19
N PHE D 184 -48.71 34.64 -10.33
CA PHE D 184 -47.89 34.19 -9.22
C PHE D 184 -46.53 34.86 -9.33
N VAL D 185 -45.92 35.19 -8.19
CA VAL D 185 -44.57 35.75 -8.16
C VAL D 185 -43.76 34.96 -7.16
N LEU D 186 -42.47 34.76 -7.45
CA LEU D 186 -41.57 34.07 -6.55
C LEU D 186 -40.37 34.96 -6.28
N GLY D 187 -40.07 35.14 -4.99
CA GLY D 187 -38.86 35.84 -4.58
C GLY D 187 -37.76 34.83 -4.31
N ALA D 188 -36.79 34.80 -5.24
CA ALA D 188 -35.62 33.97 -5.08
C ALA D 188 -34.42 34.88 -5.00
N ASP D 189 -34.53 35.94 -4.20
CA ASP D 189 -33.59 37.04 -4.29
C ASP D 189 -32.65 37.10 -3.10
N GLY D 190 -32.42 35.95 -2.46
CA GLY D 190 -31.30 35.80 -1.52
C GLY D 190 -31.62 36.29 -0.11
N ALA D 191 -30.60 36.26 0.75
CA ALA D 191 -30.77 36.48 2.18
C ALA D 191 -31.36 37.86 2.47
N HIS D 192 -31.11 38.83 1.59
CA HIS D 192 -31.56 40.19 1.79
C HIS D 192 -32.76 40.50 0.90
N SER D 193 -33.54 39.45 0.58
CA SER D 193 -34.68 39.49 -0.33
C SER D 193 -35.43 40.81 -0.23
N TRP D 194 -35.55 41.47 -1.38
CA TRP D 194 -36.41 42.62 -1.50
C TRP D 194 -37.85 42.16 -1.42
N VAL D 195 -38.12 40.97 -1.94
CA VAL D 195 -39.47 40.45 -1.97
C VAL D 195 -39.96 40.20 -0.54
N ARG D 196 -39.14 39.54 0.26
CA ARG D 196 -39.55 39.23 1.62
C ARG D 196 -39.90 40.51 2.36
N LYS D 197 -39.03 41.53 2.25
CA LYS D 197 -39.22 42.81 2.92
C LYS D 197 -40.52 43.48 2.48
N ALA D 198 -40.76 43.43 1.17
CA ALA D 198 -41.93 44.03 0.58
C ALA D 198 -43.18 43.36 1.12
N LEU D 199 -43.14 42.03 1.32
CA LEU D 199 -44.27 41.28 1.84
C LEU D 199 -44.43 41.47 3.34
N GLY D 200 -43.47 42.08 4.01
CA GLY D 200 -43.63 42.38 5.44
C GLY D 200 -43.54 41.14 6.34
N ILE D 201 -42.67 40.22 5.92
CA ILE D 201 -42.43 38.94 6.59
C ILE D 201 -41.09 38.98 7.32
N THR D 202 -41.13 38.61 8.61
CA THR D 202 -39.95 38.64 9.44
C THR D 202 -39.07 37.41 9.19
N MET D 203 -37.78 37.54 9.56
CA MET D 203 -36.84 36.41 9.62
C MET D 203 -36.55 36.03 11.07
N ASP D 204 -37.09 34.91 11.58
CA ASP D 204 -37.01 34.59 13.00
C ASP D 204 -35.79 33.69 13.27
N GLY D 205 -35.15 33.90 14.43
CA GLY D 205 -34.05 33.07 14.90
C GLY D 205 -32.95 33.89 15.60
N GLU D 206 -31.82 33.24 15.89
CA GLU D 206 -30.67 33.90 16.49
C GLU D 206 -30.31 35.15 15.70
N GLN D 207 -29.95 36.22 16.40
CA GLN D 207 -29.49 37.46 15.81
C GLN D 207 -28.05 37.32 15.33
N THR D 208 -27.32 36.36 15.92
CA THR D 208 -25.88 36.25 15.74
C THR D 208 -25.62 35.81 14.30
N ASP D 209 -24.87 36.66 13.60
CA ASP D 209 -24.21 36.31 12.35
C ASP D 209 -22.78 35.87 12.67
N TYR D 210 -22.29 34.89 11.90
CA TYR D 210 -20.91 34.39 11.98
C TYR D 210 -20.16 34.81 10.72
N ILE D 211 -18.83 34.79 10.79
CA ILE D 211 -18.01 35.33 9.71
C ILE D 211 -17.02 34.28 9.21
N TRP D 212 -16.99 34.09 7.90
CA TRP D 212 -16.10 33.16 7.24
C TRP D 212 -15.35 33.85 6.10
N GLY D 213 -14.03 33.71 6.09
CA GLY D 213 -13.23 33.99 4.91
C GLY D 213 -13.29 32.84 3.93
N VAL D 214 -13.47 33.13 2.63
CA VAL D 214 -13.50 32.08 1.63
C VAL D 214 -12.52 32.41 0.50
N ILE D 215 -11.62 31.47 0.19
CA ILE D 215 -10.67 31.66 -0.90
C ILE D 215 -10.68 30.41 -1.74
N ASP D 216 -10.82 30.60 -3.05
CA ASP D 216 -10.68 29.51 -4.01
C ASP D 216 -9.29 29.63 -4.63
N ILE D 217 -8.49 28.55 -4.53
CA ILE D 217 -7.12 28.59 -5.02
C ILE D 217 -6.78 27.30 -5.74
N ASP D 218 -5.65 27.37 -6.47
CA ASP D 218 -4.98 26.20 -7.01
C ASP D 218 -3.82 25.88 -6.07
N PRO D 219 -3.95 24.85 -5.23
CA PRO D 219 -3.05 24.69 -4.07
C PRO D 219 -1.64 24.24 -4.44
N ASP D 220 -0.67 24.93 -3.85
CA ASP D 220 0.72 24.48 -3.80
C ASP D 220 0.93 23.83 -2.43
N SER D 221 0.79 22.50 -2.36
CA SER D 221 0.70 21.87 -1.04
C SER D 221 1.16 20.41 -1.08
N ASP D 222 1.81 19.99 0.01
CA ASP D 222 2.12 18.59 0.26
C ASP D 222 1.09 17.95 1.20
N PHE D 223 -0.09 18.56 1.35
CA PHE D 223 -1.11 18.02 2.23
C PHE D 223 -1.77 16.83 1.55
N PRO D 224 -1.67 15.63 2.16
CA PRO D 224 -2.11 14.41 1.49
C PRO D 224 -3.62 14.31 1.19
N ASP D 225 -4.47 15.07 1.90
CA ASP D 225 -5.91 14.90 1.80
C ASP D 225 -6.53 16.15 1.18
N VAL D 226 -5.75 16.78 0.29
CA VAL D 226 -6.15 17.99 -0.40
C VAL D 226 -7.38 17.75 -1.28
N ARG D 227 -7.69 16.50 -1.63
CA ARG D 227 -8.83 16.20 -2.49
C ARG D 227 -9.98 15.58 -1.69
N CYS D 228 -9.87 15.70 -0.35
CA CYS D 228 -10.96 15.34 0.55
C CYS D 228 -11.61 16.59 1.15
N LYS D 229 -12.90 16.48 1.48
CA LYS D 229 -13.48 17.42 2.42
C LYS D 229 -12.75 17.26 3.74
N THR D 230 -12.02 18.29 4.15
CA THR D 230 -11.15 18.15 5.28
C THR D 230 -11.50 19.22 6.32
N ALA D 231 -11.76 18.79 7.55
CA ALA D 231 -11.88 19.72 8.66
C ALA D 231 -10.55 19.77 9.39
N VAL D 232 -9.96 20.96 9.49
CA VAL D 232 -8.69 21.15 10.17
C VAL D 232 -8.87 22.02 11.43
N HIS D 233 -8.63 21.44 12.62
CA HIS D 233 -8.50 22.23 13.84
C HIS D 233 -7.03 22.32 14.22
N SER D 234 -6.50 23.56 14.25
CA SER D 234 -5.14 23.85 14.67
C SER D 234 -5.18 24.68 15.96
N HIS D 235 -4.00 24.89 16.56
CA HIS D 235 -3.80 25.85 17.64
C HIS D 235 -4.50 27.18 17.31
N ASN D 236 -4.37 27.57 16.03
CA ASN D 236 -4.66 28.91 15.58
C ASN D 236 -6.15 29.08 15.27
N GLY D 237 -6.83 27.99 14.87
CA GLY D 237 -8.26 27.96 14.64
C GLY D 237 -8.65 26.91 13.60
N SER D 238 -9.94 26.90 13.28
CA SER D 238 -10.49 25.96 12.32
C SER D 238 -10.46 26.53 10.89
N CYS D 239 -10.20 25.63 9.94
CA CYS D 239 -10.60 25.87 8.57
C CYS D 239 -10.95 24.55 7.87
N MET D 240 -11.42 24.65 6.65
CA MET D 240 -12.01 23.49 6.00
C MET D 240 -11.72 23.53 4.50
N ILE D 241 -11.32 22.38 3.93
CA ILE D 241 -11.11 22.26 2.50
C ILE D 241 -12.36 21.72 1.81
N ILE D 242 -12.85 22.43 0.80
CA ILE D 242 -13.83 21.89 -0.13
C ILE D 242 -13.17 21.69 -1.47
N PRO D 243 -12.75 20.47 -1.87
CA PRO D 243 -12.10 20.32 -3.17
C PRO D 243 -13.09 20.67 -4.28
N ARG D 244 -12.57 21.28 -5.36
CA ARG D 244 -13.37 21.83 -6.45
C ARG D 244 -12.94 21.23 -7.79
N GLU D 245 -13.49 21.78 -8.87
CA GLU D 245 -13.22 21.24 -10.19
C GLU D 245 -11.72 21.34 -10.49
N GLY D 246 -11.20 20.29 -11.15
CA GLY D 246 -9.80 20.29 -11.53
C GLY D 246 -8.90 20.10 -10.31
N ASP D 247 -7.91 20.99 -10.18
CA ASP D 247 -6.98 20.98 -9.04
C ASP D 247 -7.41 21.95 -7.93
N LEU D 248 -8.49 22.73 -8.19
CA LEU D 248 -8.84 23.85 -7.32
C LEU D 248 -9.38 23.28 -6.01
N ILE D 249 -9.18 24.08 -4.95
CA ILE D 249 -9.88 23.87 -3.70
C ILE D 249 -10.47 25.20 -3.25
N ARG D 250 -11.46 25.08 -2.39
CA ARG D 250 -11.95 26.20 -1.61
C ARG D 250 -11.54 25.99 -0.15
N LEU D 251 -11.08 27.06 0.50
CA LEU D 251 -10.85 27.08 1.93
C LEU D 251 -11.88 28.02 2.57
N TYR D 252 -12.72 27.49 3.46
CA TYR D 252 -13.49 28.28 4.40
C TYR D 252 -12.65 28.50 5.66
N ILE D 253 -12.45 29.75 6.09
CA ILE D 253 -11.69 30.05 7.30
C ILE D 253 -12.56 30.85 8.28
N GLN D 254 -12.82 30.29 9.47
CA GLN D 254 -13.65 30.97 10.44
C GLN D 254 -12.89 32.18 11.01
N LEU D 255 -13.61 33.29 11.15
CA LEU D 255 -13.07 34.57 11.62
C LEU D 255 -13.83 35.01 12.86
N ALA D 256 -13.31 36.04 13.52
CA ALA D 256 -13.86 36.59 14.74
C ALA D 256 -14.42 37.98 14.46
N ASP D 257 -15.28 38.47 15.37
CA ASP D 257 -15.85 39.80 15.24
C ASP D 257 -14.70 40.81 15.17
N ARG D 258 -13.62 40.55 15.93
CA ARG D 258 -12.51 41.49 16.07
C ARG D 258 -11.75 41.63 14.72
N ASP D 259 -11.73 40.59 13.87
CA ASP D 259 -11.05 40.61 12.58
C ASP D 259 -11.73 41.57 11.59
N VAL D 260 -13.01 41.94 11.81
CA VAL D 260 -13.67 42.92 10.95
C VAL D 260 -14.08 44.20 11.70
N LEU D 261 -13.67 44.36 12.96
CA LEU D 261 -13.92 45.60 13.68
C LEU D 261 -12.69 46.50 13.65
N ASP D 262 -12.94 47.80 13.79
CA ASP D 262 -11.92 48.85 13.83
C ASP D 262 -11.31 48.95 15.23
N PRO D 263 -10.00 48.60 15.45
CA PRO D 263 -9.39 48.65 16.78
C PRO D 263 -9.57 49.99 17.50
N ALA D 264 -9.67 51.10 16.74
CA ALA D 264 -9.97 52.42 17.30
C ALA D 264 -11.48 52.61 17.43
N THR D 265 -12.16 52.96 16.33
CA THR D 265 -13.53 53.45 16.33
C THR D 265 -14.58 52.34 16.46
N GLY D 266 -14.15 51.09 16.63
CA GLY D 266 -15.06 49.97 16.82
C GLY D 266 -16.21 49.93 15.82
N ARG D 267 -15.91 50.18 14.54
CA ARG D 267 -16.90 50.21 13.45
C ARG D 267 -16.69 49.00 12.52
N VAL D 268 -17.79 48.49 11.94
CA VAL D 268 -17.74 47.35 11.02
C VAL D 268 -16.98 47.77 9.75
N ASP D 269 -15.76 47.24 9.53
CA ASP D 269 -14.88 47.63 8.43
C ASP D 269 -14.43 46.37 7.68
N LYS D 270 -15.19 45.98 6.65
CA LYS D 270 -14.95 44.71 5.98
C LYS D 270 -13.66 44.72 5.15
N SER D 271 -13.10 45.90 4.89
CA SER D 271 -11.90 46.04 4.08
C SER D 271 -10.65 45.57 4.84
N ARG D 272 -10.79 45.19 6.12
CA ARG D 272 -9.64 44.81 6.91
C ARG D 272 -9.26 43.37 6.62
N VAL D 273 -10.09 42.65 5.86
CA VAL D 273 -9.81 41.26 5.56
C VAL D 273 -9.48 41.13 4.09
N SER D 274 -8.23 40.72 3.81
CA SER D 274 -7.77 40.52 2.45
C SER D 274 -7.60 39.02 2.21
N PRO D 275 -7.65 38.57 0.95
CA PRO D 275 -7.39 37.17 0.64
C PRO D 275 -5.95 36.81 1.00
N GLU D 276 -5.01 37.75 0.86
CA GLU D 276 -3.62 37.53 1.22
CA GLU D 276 -3.62 37.47 1.20
C GLU D 276 -3.56 37.12 2.69
N LYS D 277 -4.37 37.77 3.55
CA LYS D 277 -4.38 37.51 4.98
C LYS D 277 -5.03 36.16 5.28
N LEU D 278 -6.14 35.88 4.61
CA LEU D 278 -6.83 34.61 4.76
C LEU D 278 -5.86 33.46 4.43
N LEU D 279 -5.09 33.62 3.35
CA LEU D 279 -4.16 32.59 2.95
C LEU D 279 -3.03 32.45 3.97
N ALA D 280 -2.65 33.56 4.62
CA ALA D 280 -1.60 33.53 5.65
C ALA D 280 -2.07 32.73 6.87
N VAL D 281 -3.36 32.85 7.18
CA VAL D 281 -3.99 32.10 8.25
C VAL D 281 -4.00 30.61 7.89
N ALA D 282 -4.37 30.27 6.65
CA ALA D 282 -4.33 28.89 6.18
C ALA D 282 -2.94 28.29 6.31
N LYS D 283 -1.93 29.02 5.82
CA LYS D 283 -0.55 28.59 5.94
C LYS D 283 -0.26 28.09 7.36
N GLU D 284 -0.68 28.88 8.36
CA GLU D 284 -0.39 28.56 9.75
C GLU D 284 -1.18 27.32 10.18
N SER D 285 -2.45 27.26 9.79
CA SER D 285 -3.34 26.18 10.22
C SER D 285 -2.87 24.82 9.70
N PHE D 286 -2.13 24.80 8.58
CA PHE D 286 -1.85 23.53 7.93
C PHE D 286 -0.53 22.95 8.41
N LYS D 287 0.20 23.69 9.26
CA LYS D 287 1.50 23.23 9.71
C LYS D 287 1.34 21.89 10.42
N PRO D 288 2.19 20.89 10.15
CA PRO D 288 3.44 21.08 9.37
C PRO D 288 3.35 21.00 7.84
N PHE D 289 2.15 20.78 7.30
CA PHE D 289 2.00 20.72 5.86
C PHE D 289 2.06 22.13 5.30
N SER D 290 2.51 22.22 4.04
CA SER D 290 2.54 23.49 3.32
C SER D 290 1.15 23.77 2.75
N MET D 291 0.88 25.04 2.46
CA MET D 291 -0.35 25.45 1.79
C MET D 291 -0.13 26.89 1.30
N GLY D 292 -0.12 27.01 -0.05
CA GLY D 292 0.03 28.27 -0.73
C GLY D 292 -0.77 28.19 -2.01
N ALA D 293 -0.74 29.28 -2.78
CA ALA D 293 -1.52 29.32 -4.00
C ALA D 293 -0.57 29.34 -5.18
N LYS D 294 -0.87 28.57 -6.22
CA LYS D 294 -0.03 28.54 -7.41
C LYS D 294 -0.18 29.82 -8.21
N ASN D 295 -1.33 30.48 -8.17
CA ASN D 295 -1.54 31.56 -9.11
C ASN D 295 -2.58 32.57 -8.60
N GLY D 296 -2.30 33.18 -7.43
CA GLY D 296 -3.29 34.01 -6.73
C GLY D 296 -4.63 33.30 -6.48
N PHE D 297 -5.68 34.09 -6.50
CA PHE D 297 -6.99 33.66 -6.05
C PHE D 297 -7.92 33.60 -7.25
N GLU D 298 -8.51 32.43 -7.52
CA GLU D 298 -9.60 32.39 -8.48
C GLU D 298 -10.72 33.31 -7.99
N TRP D 299 -10.97 33.27 -6.67
CA TRP D 299 -12.06 34.03 -6.08
C TRP D 299 -11.86 34.12 -4.57
N TRP D 300 -12.56 35.09 -3.95
CA TRP D 300 -12.62 35.17 -2.51
C TRP D 300 -13.80 36.03 -2.09
N THR D 301 -14.18 35.89 -0.82
CA THR D 301 -15.20 36.74 -0.23
C THR D 301 -15.11 36.66 1.28
N LEU D 302 -15.87 37.56 1.92
CA LEU D 302 -16.27 37.44 3.31
C LEU D 302 -17.71 36.97 3.38
N TYR D 303 -17.93 35.73 3.79
CA TYR D 303 -19.29 35.24 3.99
C TYR D 303 -19.76 35.60 5.39
N ILE D 304 -20.78 36.45 5.48
CA ILE D 304 -21.42 36.72 6.77
C ILE D 304 -22.80 36.06 6.77
N ILE D 305 -23.05 35.17 7.73
CA ILE D 305 -24.10 34.17 7.62
C ILE D 305 -24.69 33.88 9.00
N GLY D 306 -26.01 33.99 9.10
CA GLY D 306 -26.72 33.57 10.29
C GLY D 306 -27.75 32.51 9.97
N GLN D 307 -28.42 31.95 10.99
CA GLN D 307 -29.41 30.92 10.74
C GLN D 307 -30.78 31.42 11.16
N ARG D 308 -31.71 31.53 10.20
CA ARG D 308 -33.03 32.04 10.47
C ARG D 308 -34.03 31.49 9.47
N VAL D 309 -35.34 31.62 9.80
CA VAL D 309 -36.42 31.19 8.93
C VAL D 309 -37.47 32.26 8.88
N ALA D 310 -37.99 32.48 7.69
CA ALA D 310 -39.10 33.41 7.53
C ALA D 310 -40.31 32.90 8.27
N SER D 311 -41.09 33.84 8.81
CA SER D 311 -42.30 33.53 9.56
C SER D 311 -43.39 32.96 8.64
N ARG D 312 -43.29 33.26 7.34
CA ARG D 312 -44.24 32.83 6.31
C ARG D 312 -43.47 32.67 5.01
N PHE D 313 -43.82 31.68 4.17
CA PHE D 313 -43.14 31.46 2.89
C PHE D 313 -44.04 31.83 1.72
N SER D 314 -45.26 32.32 2.02
CA SER D 314 -46.08 32.93 0.99
C SER D 314 -47.03 33.93 1.61
N LEU D 315 -47.55 34.82 0.75
CA LEU D 315 -48.69 35.64 1.05
C LEU D 315 -49.81 35.28 0.09
N HIS D 316 -50.91 34.75 0.66
CA HIS D 316 -52.14 34.40 -0.06
C HIS D 316 -51.92 33.33 -1.12
N GLU D 317 -50.81 32.60 -1.05
CA GLU D 317 -50.39 31.63 -2.05
C GLU D 317 -50.25 32.28 -3.43
N ARG D 318 -49.88 33.56 -3.46
CA ARG D 318 -49.78 34.29 -4.73
C ARG D 318 -48.39 34.86 -4.92
N VAL D 319 -47.76 35.32 -3.84
CA VAL D 319 -46.33 35.60 -3.81
C VAL D 319 -45.63 34.61 -2.87
N PHE D 320 -44.60 33.92 -3.37
CA PHE D 320 -43.82 32.99 -2.59
C PHE D 320 -42.40 33.49 -2.38
N ILE D 321 -41.72 32.94 -1.36
CA ILE D 321 -40.30 33.11 -1.25
C ILE D 321 -39.64 31.74 -1.12
N ALA D 322 -38.36 31.70 -1.55
CA ALA D 322 -37.62 30.48 -1.57
C ALA D 322 -36.13 30.76 -1.36
N GLY D 323 -35.47 29.70 -0.84
CA GLY D 323 -34.03 29.70 -0.66
C GLY D 323 -33.62 30.66 0.45
N ASP D 324 -32.48 31.33 0.28
CA ASP D 324 -31.95 32.20 1.32
C ASP D 324 -32.95 33.32 1.64
N ALA D 325 -33.89 33.60 0.73
CA ALA D 325 -34.89 34.62 0.99
C ALA D 325 -35.83 34.22 2.14
N CYS D 326 -35.91 32.92 2.46
CA CYS D 326 -36.76 32.52 3.55
C CYS D 326 -36.10 31.55 4.54
N HIS D 327 -34.83 31.16 4.33
CA HIS D 327 -34.09 30.43 5.37
C HIS D 327 -32.62 30.29 4.99
N THR D 328 -31.76 30.48 5.99
CA THR D 328 -30.31 30.43 5.83
C THR D 328 -29.72 29.41 6.80
N HIS D 329 -28.57 28.86 6.44
CA HIS D 329 -27.91 27.80 7.21
C HIS D 329 -26.40 28.06 7.27
N SER D 330 -25.78 27.69 8.38
CA SER D 330 -24.35 27.89 8.52
C SER D 330 -23.64 26.92 7.59
N PRO D 331 -22.39 27.23 7.23
CA PRO D 331 -21.57 26.32 6.43
C PRO D 331 -21.37 24.93 7.04
N LYS D 332 -21.27 24.88 8.37
CA LYS D 332 -21.11 23.63 9.11
C LYS D 332 -22.37 22.77 9.08
N ALA D 333 -23.52 23.38 8.78
CA ALA D 333 -24.78 22.68 8.61
C ALA D 333 -24.80 21.86 7.30
N GLY D 334 -23.88 22.21 6.40
CA GLY D 334 -23.63 21.42 5.21
C GLY D 334 -24.74 21.51 4.17
N GLN D 335 -25.56 22.58 4.19
CA GLN D 335 -26.68 22.66 3.26
C GLN D 335 -26.31 23.38 1.97
N GLY D 336 -25.34 24.29 2.01
CA GLY D 336 -25.09 25.18 0.88
C GLY D 336 -26.40 25.64 0.25
N MET D 337 -26.53 25.40 -1.06
CA MET D 337 -27.65 25.91 -1.84
C MET D 337 -28.72 24.82 -2.03
N ASN D 338 -28.51 23.67 -1.39
CA ASN D 338 -29.29 22.48 -1.68
C ASN D 338 -30.73 22.58 -1.23
N ALA D 339 -30.99 23.08 -0.03
CA ALA D 339 -32.37 23.26 0.41
C ALA D 339 -33.05 24.36 -0.40
N SER D 340 -32.30 25.38 -0.80
CA SER D 340 -32.82 26.39 -1.71
C SER D 340 -33.35 25.77 -3.01
N MET D 341 -32.53 24.96 -3.68
CA MET D 341 -32.97 24.33 -4.92
C MET D 341 -34.15 23.37 -4.70
N ASN D 342 -34.19 22.65 -3.58
CA ASN D 342 -35.28 21.72 -3.36
C ASN D 342 -36.57 22.45 -2.98
N ASP D 343 -36.48 23.69 -2.52
CA ASP D 343 -37.67 24.50 -2.27
C ASP D 343 -38.43 24.69 -3.60
N THR D 344 -37.76 25.13 -4.66
CA THR D 344 -38.45 25.43 -5.91
C THR D 344 -38.78 24.17 -6.71
N HIS D 345 -38.07 23.06 -6.49
CA HIS D 345 -38.46 21.78 -7.05
C HIS D 345 -39.81 21.34 -6.46
N ASN D 346 -40.04 21.71 -5.22
CA ASN D 346 -41.30 21.48 -4.53
C ASN D 346 -42.40 22.39 -5.09
N LEU D 347 -42.07 23.66 -5.37
CA LEU D 347 -43.06 24.65 -5.70
C LEU D 347 -43.59 24.50 -7.14
N ALA D 348 -42.68 24.21 -8.09
CA ALA D 348 -42.98 24.47 -9.49
C ALA D 348 -44.08 23.57 -10.02
N TRP D 349 -43.96 22.27 -9.79
CA TRP D 349 -45.00 21.35 -10.24
C TRP D 349 -46.36 21.77 -9.66
N LYS D 350 -46.36 22.32 -8.47
CA LYS D 350 -47.59 22.72 -7.80
C LYS D 350 -48.16 23.95 -8.49
N LEU D 351 -47.30 24.94 -8.80
CA LEU D 351 -47.74 26.11 -9.59
C LEU D 351 -48.29 25.64 -10.93
N THR D 352 -47.52 24.75 -11.55
CA THR D 352 -47.88 24.21 -12.85
C THR D 352 -49.29 23.65 -12.84
N HIS D 353 -49.55 22.76 -11.87
CA HIS D 353 -50.86 22.11 -11.77
C HIS D 353 -51.99 23.12 -11.57
N VAL D 354 -51.76 24.16 -10.75
CA VAL D 354 -52.80 25.14 -10.48
C VAL D 354 -53.13 25.86 -11.78
N LEU D 355 -52.09 26.23 -12.55
CA LEU D 355 -52.26 27.02 -13.74
C LEU D 355 -52.95 26.20 -14.81
N ARG D 356 -52.62 24.91 -14.91
CA ARG D 356 -53.26 24.06 -15.91
C ARG D 356 -54.69 23.73 -15.49
N GLY D 357 -55.12 24.15 -14.30
CA GLY D 357 -56.46 23.83 -13.83
C GLY D 357 -56.58 22.40 -13.31
N TRP D 358 -55.45 21.73 -13.08
CA TRP D 358 -55.45 20.34 -12.61
C TRP D 358 -55.59 20.27 -11.09
N ALA D 359 -55.12 21.30 -10.38
CA ALA D 359 -55.22 21.28 -8.93
C ALA D 359 -55.87 22.56 -8.43
N ASP D 360 -56.65 22.46 -7.35
CA ASP D 360 -57.19 23.59 -6.62
C ASP D 360 -56.01 24.40 -6.07
N ILE D 361 -56.21 25.73 -5.97
CA ILE D 361 -55.16 26.66 -5.64
C ILE D 361 -54.61 26.38 -4.24
N SER D 362 -55.42 25.76 -3.38
CA SER D 362 -55.05 25.48 -2.00
C SER D 362 -53.89 24.50 -1.90
N VAL D 363 -53.57 23.79 -2.97
CA VAL D 363 -52.51 22.83 -2.93
C VAL D 363 -51.19 23.55 -2.64
N LEU D 364 -51.12 24.84 -3.02
CA LEU D 364 -49.90 25.62 -2.87
C LEU D 364 -49.60 25.86 -1.39
N LYS D 365 -50.60 25.71 -0.51
CA LYS D 365 -50.37 25.79 0.92
C LYS D 365 -49.36 24.73 1.36
N THR D 366 -49.29 23.62 0.64
CA THR D 366 -48.38 22.55 0.99
C THR D 366 -46.92 22.97 0.81
N TYR D 367 -46.64 23.99 0.01
CA TYR D 367 -45.27 24.48 -0.15
C TYR D 367 -44.71 24.95 1.18
N GLU D 368 -45.40 25.91 1.79
CA GLU D 368 -44.97 26.44 3.07
C GLU D 368 -44.98 25.31 4.10
N PHE D 369 -46.04 24.51 4.14
CA PHE D 369 -46.20 23.45 5.13
C PHE D 369 -45.00 22.52 5.12
N GLU D 370 -44.57 22.14 3.91
CA GLU D 370 -43.51 21.16 3.72
C GLU D 370 -42.14 21.78 3.92
N ARG D 371 -41.87 22.89 3.19
CA ARG D 371 -40.54 23.45 3.10
C ARG D 371 -40.14 24.31 4.30
N ARG D 372 -41.11 24.98 4.92
CA ARG D 372 -40.82 25.78 6.09
C ARG D 372 -40.53 24.89 7.29
N LYS D 373 -41.23 23.75 7.40
CA LYS D 373 -40.97 22.79 8.47
C LYS D 373 -39.58 22.20 8.30
N TYR D 374 -39.20 21.87 7.06
CA TYR D 374 -37.88 21.32 6.81
C TYR D 374 -36.81 22.31 7.27
N ALA D 375 -37.02 23.59 6.98
CA ALA D 375 -36.02 24.59 7.32
C ALA D 375 -35.84 24.68 8.83
N GLN D 376 -36.98 24.63 9.54
CA GLN D 376 -36.99 24.75 10.99
C GLN D 376 -36.33 23.52 11.58
N ASP D 377 -36.65 22.34 11.06
CA ASP D 377 -36.06 21.08 11.49
C ASP D 377 -34.52 21.11 11.36
N LEU D 378 -33.99 21.69 10.26
CA LEU D 378 -32.55 21.81 10.09
C LEU D 378 -31.92 22.63 11.19
N ILE D 379 -32.51 23.79 11.46
CA ILE D 379 -31.93 24.75 12.39
C ILE D 379 -32.11 24.29 13.84
N ASP D 380 -33.23 23.62 14.13
CA ASP D 380 -33.50 23.04 15.44
C ASP D 380 -32.49 21.94 15.74
N PHE D 381 -32.17 21.13 14.74
CA PHE D 381 -31.16 20.10 14.84
C PHE D 381 -29.77 20.72 14.99
N ASP D 382 -29.44 21.77 14.24
CA ASP D 382 -28.15 22.42 14.34
C ASP D 382 -27.97 23.03 15.73
N LYS D 383 -28.99 23.69 16.29
CA LYS D 383 -28.87 24.27 17.62
C LYS D 383 -28.57 23.19 18.66
N LYS D 384 -29.36 22.12 18.67
CA LYS D 384 -29.24 21.04 19.64
C LYS D 384 -27.89 20.31 19.52
N PHE D 385 -27.45 20.02 18.29
CA PHE D 385 -26.51 18.94 18.09
C PHE D 385 -25.26 19.33 17.31
N SER D 386 -25.05 20.61 16.96
CA SER D 386 -23.95 20.96 16.05
C SER D 386 -22.59 20.89 16.74
N LYS D 387 -22.57 21.02 18.08
CA LYS D 387 -21.38 20.92 18.91
C LYS D 387 -20.70 19.55 18.72
N LEU D 388 -21.48 18.53 18.32
CA LEU D 388 -20.94 17.19 18.12
C LEU D 388 -20.12 17.07 16.83
N PHE D 389 -20.25 18.01 15.89
CA PHE D 389 -19.84 17.76 14.51
C PHE D 389 -18.89 18.85 14.00
N SER D 390 -18.09 19.47 14.88
CA SER D 390 -17.00 20.33 14.43
C SER D 390 -15.87 19.51 13.79
N GLY D 391 -15.83 18.20 14.12
CA GLY D 391 -14.87 17.26 13.56
C GLY D 391 -13.74 16.97 14.53
N LYS D 392 -13.92 17.36 15.81
CA LYS D 392 -12.99 16.98 16.88
C LYS D 392 -13.32 15.57 17.32
N PRO D 393 -12.31 14.73 17.67
CA PRO D 393 -12.59 13.31 17.91
C PRO D 393 -13.22 13.16 19.31
N ARG D 394 -14.07 12.16 19.46
CA ARG D 394 -14.64 11.85 20.77
C ARG D 394 -13.61 11.14 21.63
N THR D 395 -13.04 11.88 22.58
CA THR D 395 -11.96 11.42 23.46
C THR D 395 -12.50 10.97 24.81
N GLU D 396 -13.55 11.66 25.31
CA GLU D 396 -13.90 11.65 26.72
C GLU D 396 -15.10 10.74 26.99
N ASP D 397 -15.33 10.48 28.29
CA ASP D 397 -16.58 9.94 28.80
C ASP D 397 -17.68 10.97 28.54
N ASN D 398 -18.72 10.57 27.76
CA ASN D 398 -19.98 11.28 27.70
C ASN D 398 -19.69 12.72 27.30
N GLN D 399 -18.93 12.83 26.21
CA GLN D 399 -18.44 14.11 25.71
C GLN D 399 -19.57 14.94 25.10
N ASP D 400 -19.52 16.26 25.37
CA ASP D 400 -20.51 17.24 24.93
C ASP D 400 -21.88 16.93 25.55
N GLY D 401 -21.87 16.21 26.67
CA GLY D 401 -23.06 15.83 27.39
C GLY D 401 -23.93 14.83 26.64
N VAL D 402 -23.35 13.90 25.86
CA VAL D 402 -24.14 12.86 25.23
C VAL D 402 -23.34 11.54 25.25
N SER D 403 -24.07 10.43 25.36
CA SER D 403 -23.50 9.10 25.35
C SER D 403 -23.10 8.67 23.94
N HIS D 404 -22.44 7.51 23.81
CA HIS D 404 -22.06 7.02 22.50
C HIS D 404 -23.33 6.66 21.69
N GLU D 405 -24.36 6.12 22.34
CA GLU D 405 -25.59 5.70 21.68
C GLU D 405 -26.31 6.93 21.09
N GLU D 406 -26.40 8.00 21.91
CA GLU D 406 -27.05 9.24 21.52
C GLU D 406 -26.25 9.94 20.41
N PHE D 407 -24.91 9.89 20.49
CA PHE D 407 -24.04 10.46 19.46
C PHE D 407 -24.29 9.77 18.11
N LEU D 408 -24.40 8.44 18.12
CA LEU D 408 -24.51 7.66 16.90
C LEU D 408 -25.84 7.95 16.23
N GLU D 409 -26.89 8.16 17.04
CA GLU D 409 -28.22 8.45 16.51
C GLU D 409 -28.25 9.86 15.88
N ALA D 410 -27.58 10.81 16.55
CA ALA D 410 -27.45 12.17 16.04
C ALA D 410 -26.62 12.22 14.74
N PHE D 411 -25.50 11.48 14.68
CA PHE D 411 -24.69 11.42 13.47
C PHE D 411 -25.50 10.86 12.30
N GLN D 412 -26.41 9.93 12.59
CA GLN D 412 -27.30 9.32 11.60
C GLN D 412 -28.32 10.34 11.07
N THR D 413 -28.98 11.02 12.01
CA THR D 413 -29.91 12.08 11.66
C THR D 413 -29.21 13.15 10.81
N PHE D 414 -28.03 13.60 11.27
CA PHE D 414 -27.28 14.66 10.61
C PHE D 414 -26.96 14.26 9.17
N GLY D 415 -26.56 13.00 9.01
CA GLY D 415 -26.25 12.44 7.70
C GLY D 415 -27.45 12.46 6.77
N LEU D 416 -28.63 12.23 7.35
CA LEU D 416 -29.86 12.31 6.57
C LEU D 416 -30.21 13.77 6.23
N PHE D 417 -29.79 14.75 7.06
CA PHE D 417 -30.04 16.14 6.69
C PHE D 417 -29.11 16.54 5.55
N THR D 418 -27.82 16.22 5.68
CA THR D 418 -26.85 16.64 4.68
C THR D 418 -27.02 15.89 3.36
N SER D 419 -27.45 14.63 3.38
CA SER D 419 -27.66 13.93 2.12
C SER D 419 -28.84 14.52 1.33
N GLY D 420 -29.84 15.08 2.03
CA GLY D 420 -31.07 15.54 1.41
C GLY D 420 -32.13 14.43 1.31
N ILE D 421 -31.77 13.24 1.79
CA ILE D 421 -32.60 12.05 1.63
C ILE D 421 -33.58 11.91 2.80
N GLY D 422 -33.30 12.58 3.91
CA GLY D 422 -34.06 12.42 5.13
C GLY D 422 -35.43 13.07 5.07
N VAL D 423 -35.63 13.98 4.13
CA VAL D 423 -36.80 14.82 4.05
C VAL D 423 -38.06 13.97 4.18
N HIS D 424 -38.81 14.21 5.25
CA HIS D 424 -40.01 13.46 5.57
C HIS D 424 -41.14 14.47 5.74
N TYR D 425 -41.97 14.61 4.73
CA TYR D 425 -43.10 15.52 4.74
C TYR D 425 -44.27 14.91 5.52
N GLN D 426 -44.90 15.77 6.34
CA GLN D 426 -46.00 15.37 7.20
C GLN D 426 -47.30 15.24 6.40
N PRO D 427 -48.30 14.49 6.92
CA PRO D 427 -49.60 14.38 6.25
C PRO D 427 -50.22 15.72 5.83
N SER D 428 -50.84 15.75 4.65
CA SER D 428 -51.43 16.95 4.07
C SER D 428 -52.37 16.50 2.97
N ALA D 429 -52.89 17.43 2.19
CA ALA D 429 -53.66 17.08 1.00
C ALA D 429 -52.89 16.13 0.08
N ILE D 430 -51.55 16.28 -0.03
CA ILE D 430 -50.80 15.52 -1.02
C ILE D 430 -49.93 14.43 -0.38
N THR D 431 -50.14 14.17 0.92
CA THR D 431 -49.41 13.15 1.66
C THR D 431 -50.39 12.42 2.57
N HIS D 432 -50.84 11.23 2.16
CA HIS D 432 -51.79 10.45 2.93
C HIS D 432 -51.05 9.26 3.52
N ALA D 433 -50.79 9.31 4.82
CA ALA D 433 -50.09 8.25 5.52
C ALA D 433 -51.09 7.16 5.92
N LYS D 434 -51.28 6.24 5.00
CA LYS D 434 -52.19 5.12 5.15
C LYS D 434 -51.54 3.94 4.46
N HIS D 435 -51.81 2.73 4.94
CA HIS D 435 -51.33 1.52 4.30
C HIS D 435 -49.80 1.45 4.26
N GLN D 436 -49.11 2.14 5.18
CA GLN D 436 -47.66 2.14 5.24
C GLN D 436 -47.13 0.71 5.36
N ASP D 437 -47.84 -0.12 6.10
CA ASP D 437 -47.39 -1.47 6.36
C ASP D 437 -47.22 -2.27 5.07
N LEU D 438 -47.87 -1.91 3.95
CA LEU D 438 -47.83 -2.66 2.70
C LEU D 438 -46.52 -2.47 1.92
N ALA D 439 -45.78 -1.41 2.25
CA ALA D 439 -44.46 -1.19 1.69
C ALA D 439 -43.66 -0.35 2.68
N SER D 440 -43.25 -1.01 3.75
CA SER D 440 -42.71 -0.35 4.94
C SER D 440 -41.44 0.44 4.62
N THR D 441 -40.73 0.09 3.54
CA THR D 441 -39.51 0.79 3.16
C THR D 441 -39.83 2.10 2.40
N LEU D 442 -40.97 2.12 1.72
CA LEU D 442 -41.35 3.25 0.90
C LEU D 442 -42.12 4.23 1.80
N VAL D 443 -41.36 4.88 2.64
CA VAL D 443 -41.95 5.76 3.63
C VAL D 443 -42.71 6.85 2.89
N ILE D 444 -43.98 7.02 3.30
CA ILE D 444 -44.83 8.03 2.71
C ILE D 444 -44.38 9.41 3.16
N GLY D 445 -44.17 10.32 2.19
CA GLY D 445 -43.66 11.65 2.45
C GLY D 445 -42.15 11.73 2.28
N GLU D 446 -41.50 10.58 2.08
CA GLU D 446 -40.08 10.53 1.76
C GLU D 446 -39.91 10.20 0.28
N ARG D 447 -38.69 10.42 -0.22
CA ARG D 447 -38.44 10.26 -1.63
C ARG D 447 -38.51 8.78 -1.98
N MET D 448 -38.94 8.49 -3.21
CA MET D 448 -39.05 7.12 -3.69
C MET D 448 -37.69 6.46 -3.57
N VAL D 449 -37.64 5.21 -3.07
CA VAL D 449 -36.38 4.56 -2.77
C VAL D 449 -35.80 3.92 -4.03
N PRO D 450 -34.55 4.26 -4.40
CA PRO D 450 -33.86 3.65 -5.54
C PRO D 450 -33.79 2.14 -5.41
N HIS D 451 -34.13 1.48 -6.52
CA HIS D 451 -33.87 0.06 -6.77
C HIS D 451 -33.99 -0.18 -8.27
N VAL D 452 -33.31 -1.22 -8.77
CA VAL D 452 -33.31 -1.50 -10.20
C VAL D 452 -34.35 -2.55 -10.53
N PHE D 453 -35.13 -2.26 -11.57
CA PHE D 453 -36.03 -3.21 -12.21
C PHE D 453 -35.64 -3.36 -13.68
N VAL D 454 -36.34 -4.24 -14.38
CA VAL D 454 -35.99 -4.61 -15.74
C VAL D 454 -37.27 -4.58 -16.56
N ARG D 455 -37.20 -4.03 -17.77
CA ARG D 455 -38.32 -4.01 -18.69
C ARG D 455 -38.57 -5.41 -19.26
N ALA D 456 -39.83 -5.84 -19.31
CA ALA D 456 -40.18 -7.12 -19.86
C ALA D 456 -39.94 -7.18 -21.37
N ALA D 457 -40.08 -6.03 -22.03
CA ALA D 457 -40.10 -5.97 -23.48
C ALA D 457 -38.72 -6.24 -24.07
N ASP D 458 -37.69 -5.69 -23.42
CA ASP D 458 -36.36 -5.67 -24.00
C ASP D 458 -35.26 -5.98 -23.00
N ALA D 459 -35.60 -6.21 -21.73
CA ALA D 459 -34.67 -6.67 -20.71
C ALA D 459 -33.74 -5.55 -20.27
N ARG D 460 -33.99 -4.31 -20.69
CA ARG D 460 -33.12 -3.24 -20.26
C ARG D 460 -33.41 -2.89 -18.81
N PRO D 461 -32.37 -2.77 -17.95
CA PRO D 461 -32.56 -2.37 -16.56
C PRO D 461 -32.60 -0.86 -16.39
N TYR D 462 -33.37 -0.42 -15.40
CA TYR D 462 -33.54 0.98 -15.07
C TYR D 462 -33.70 1.08 -13.57
N ASP D 463 -33.08 2.09 -12.97
CA ASP D 463 -33.43 2.41 -11.59
C ASP D 463 -34.84 2.97 -11.63
N ILE D 464 -35.65 2.66 -10.65
CA ILE D 464 -37.02 3.13 -10.65
C ILE D 464 -37.01 4.64 -10.73
N GLN D 465 -35.97 5.30 -10.21
CA GLN D 465 -35.94 6.74 -10.25
C GLN D 465 -35.90 7.25 -11.69
N ASP D 466 -35.28 6.48 -12.57
CA ASP D 466 -35.17 6.88 -13.96
C ASP D 466 -36.52 6.75 -14.65
N VAL D 467 -37.54 6.09 -14.08
CA VAL D 467 -38.86 6.09 -14.69
C VAL D 467 -39.79 7.06 -13.96
N LEU D 468 -39.20 7.89 -13.10
CA LEU D 468 -39.95 8.88 -12.34
C LEU D 468 -39.38 10.28 -12.56
N PRO D 469 -39.42 10.78 -13.82
CA PRO D 469 -38.87 12.09 -14.16
C PRO D 469 -39.74 13.21 -13.60
N ALA D 470 -39.18 14.43 -13.65
CA ALA D 470 -39.88 15.64 -13.28
C ALA D 470 -40.61 16.15 -14.51
N ASP D 471 -41.68 15.45 -14.89
CA ASP D 471 -42.41 15.72 -16.12
C ASP D 471 -43.79 16.29 -15.76
N ALA D 472 -43.95 16.74 -14.53
CA ALA D 472 -45.18 17.32 -14.06
C ALA D 472 -46.33 16.31 -14.02
N ARG D 473 -45.99 15.00 -14.12
CA ARG D 473 -47.01 13.98 -13.96
C ARG D 473 -46.90 13.29 -12.61
N PHE D 474 -48.06 12.88 -12.06
CA PHE D 474 -48.10 11.88 -10.99
C PHE D 474 -47.84 10.52 -11.62
N LYS D 475 -47.20 9.64 -10.85
CA LYS D 475 -46.88 8.30 -11.31
C LYS D 475 -47.60 7.31 -10.42
N ILE D 476 -48.36 6.41 -11.05
CA ILE D 476 -49.01 5.32 -10.35
C ILE D 476 -48.22 4.05 -10.63
N LEU D 477 -47.44 3.61 -9.64
CA LEU D 477 -46.73 2.35 -9.72
C LEU D 477 -47.64 1.23 -9.20
N VAL D 478 -48.03 0.32 -10.11
CA VAL D 478 -48.91 -0.78 -9.74
C VAL D 478 -48.05 -2.01 -9.62
N PHE D 479 -47.75 -2.41 -8.39
CA PHE D 479 -47.02 -3.61 -8.09
C PHE D 479 -48.00 -4.78 -8.11
N THR D 480 -47.93 -5.61 -9.17
CA THR D 480 -49.04 -6.47 -9.52
C THR D 480 -49.00 -7.80 -8.78
N GLY D 481 -47.86 -8.09 -8.12
CA GLY D 481 -47.64 -9.37 -7.48
C GLY D 481 -47.18 -10.42 -8.50
N VAL D 482 -47.38 -11.70 -8.16
CA VAL D 482 -46.92 -12.79 -9.03
C VAL D 482 -47.92 -12.98 -10.18
N ILE D 483 -47.64 -12.29 -11.29
CA ILE D 483 -48.59 -12.12 -12.38
C ILE D 483 -48.81 -13.43 -13.13
N THR D 484 -47.89 -14.38 -12.96
CA THR D 484 -47.95 -15.71 -13.56
C THR D 484 -49.00 -16.60 -12.90
N ASP D 485 -49.42 -16.28 -11.67
CA ASP D 485 -50.44 -17.04 -10.98
C ASP D 485 -51.81 -16.57 -11.49
N PRO D 486 -52.60 -17.46 -12.13
CA PRO D 486 -53.90 -17.07 -12.70
C PRO D 486 -54.76 -16.14 -11.86
N ALA D 487 -54.84 -16.42 -10.55
CA ALA D 487 -55.68 -15.65 -9.64
C ALA D 487 -55.22 -14.20 -9.58
N GLN D 488 -53.89 -13.99 -9.54
CA GLN D 488 -53.28 -12.68 -9.37
C GLN D 488 -53.27 -11.91 -10.69
N ALA D 489 -53.28 -12.67 -11.79
CA ALA D 489 -53.44 -12.13 -13.12
C ALA D 489 -54.86 -11.61 -13.28
N ALA D 490 -55.86 -12.37 -12.82
CA ALA D 490 -57.25 -11.96 -12.91
C ALA D 490 -57.47 -10.71 -12.05
N ARG D 491 -56.77 -10.65 -10.92
CA ARG D 491 -56.82 -9.51 -10.01
C ARG D 491 -56.30 -8.25 -10.71
N ALA D 492 -55.13 -8.39 -11.36
CA ALA D 492 -54.52 -7.31 -12.11
C ALA D 492 -55.47 -6.77 -13.17
N ALA D 493 -56.15 -7.68 -13.88
CA ALA D 493 -57.02 -7.32 -14.99
C ALA D 493 -58.23 -6.54 -14.46
N ALA D 494 -58.76 -6.99 -13.32
CA ALA D 494 -59.87 -6.36 -12.64
C ALA D 494 -59.49 -4.95 -12.23
N LEU D 495 -58.31 -4.78 -11.65
CA LEU D 495 -57.87 -3.46 -11.25
C LEU D 495 -57.73 -2.55 -12.48
N ALA D 496 -57.16 -3.07 -13.58
CA ALA D 496 -57.04 -2.31 -14.81
C ALA D 496 -58.40 -1.84 -15.32
N GLU D 497 -59.43 -2.70 -15.32
CA GLU D 497 -60.78 -2.30 -15.70
C GLU D 497 -61.21 -1.08 -14.86
N GLU D 498 -60.96 -1.21 -13.55
CA GLU D 498 -61.47 -0.32 -12.54
C GLU D 498 -60.85 1.07 -12.74
N MET D 499 -59.54 1.12 -12.98
CA MET D 499 -58.81 2.36 -13.14
C MET D 499 -59.22 3.05 -14.44
N ASP D 500 -59.58 2.29 -15.49
CA ASP D 500 -59.89 2.84 -16.80
C ASP D 500 -61.40 3.03 -16.98
N ALA D 501 -62.21 2.68 -15.96
CA ALA D 501 -63.64 2.93 -16.00
C ALA D 501 -63.93 4.44 -16.01
N PRO D 502 -65.06 4.93 -16.55
CA PRO D 502 -65.22 6.35 -16.87
C PRO D 502 -65.32 7.25 -15.63
N GLY D 503 -65.82 6.66 -14.54
CA GLY D 503 -65.97 7.36 -13.29
C GLY D 503 -64.75 7.26 -12.40
N SER D 504 -63.67 6.61 -12.84
CA SER D 504 -62.49 6.49 -12.00
C SER D 504 -61.79 7.85 -11.87
N PHE D 505 -60.89 7.92 -10.89
CA PHE D 505 -60.12 9.13 -10.64
C PHE D 505 -59.33 9.54 -11.88
N TYR D 506 -58.82 8.56 -12.61
CA TYR D 506 -57.94 8.77 -13.74
C TYR D 506 -58.64 9.61 -14.79
N HIS D 507 -59.89 9.24 -15.15
CA HIS D 507 -60.65 9.94 -16.20
C HIS D 507 -61.27 11.22 -15.66
N ARG D 508 -61.79 11.17 -14.42
CA ARG D 508 -62.48 12.30 -13.81
C ARG D 508 -61.53 13.48 -13.59
N PHE D 509 -60.24 13.21 -13.41
CA PHE D 509 -59.24 14.24 -13.15
C PHE D 509 -58.24 14.37 -14.29
N GLY D 510 -58.51 13.68 -15.41
CA GLY D 510 -57.56 13.57 -16.51
C GLY D 510 -57.77 14.61 -17.61
N HIS D 511 -58.83 15.43 -17.51
CA HIS D 511 -58.99 16.57 -18.39
C HIS D 511 -58.87 16.19 -19.87
N GLU D 512 -59.55 15.10 -20.25
CA GLU D 512 -59.76 14.78 -21.67
C GLU D 512 -58.55 14.03 -22.25
N ASN D 513 -57.35 14.24 -21.67
CA ASN D 513 -56.21 13.40 -21.98
C ASN D 513 -55.49 13.00 -20.68
N PRO D 514 -55.93 11.91 -20.01
CA PRO D 514 -55.44 11.57 -18.68
C PRO D 514 -53.97 11.21 -18.57
N ALA D 515 -53.39 10.73 -19.67
CA ALA D 515 -52.00 10.28 -19.66
C ALA D 515 -51.05 11.47 -19.51
N ARG D 516 -51.54 12.69 -19.72
CA ARG D 516 -50.73 13.88 -19.52
C ARG D 516 -50.62 14.17 -18.02
N VAL D 517 -51.54 13.63 -17.22
CA VAL D 517 -51.60 13.87 -15.79
C VAL D 517 -50.99 12.72 -15.01
N PHE D 518 -51.28 11.49 -15.47
CA PHE D 518 -51.02 10.29 -14.72
C PHE D 518 -50.18 9.32 -15.55
N ASP D 519 -49.02 8.94 -15.02
CA ASP D 519 -48.12 8.00 -15.68
C ASP D 519 -48.31 6.65 -14.97
N VAL D 520 -48.87 5.67 -15.67
CA VAL D 520 -49.18 4.38 -15.07
C VAL D 520 -48.11 3.38 -15.44
N LEU D 521 -47.51 2.73 -14.42
CA LEU D 521 -46.53 1.67 -14.66
C LEU D 521 -46.93 0.39 -13.92
N SER D 522 -46.55 -0.77 -14.48
CA SER D 522 -46.64 -2.08 -13.83
C SER D 522 -45.27 -2.41 -13.28
N VAL D 523 -45.26 -3.09 -12.14
CA VAL D 523 -44.06 -3.79 -11.69
C VAL D 523 -44.48 -5.15 -11.18
N SER D 524 -44.26 -6.20 -11.98
CA SER D 524 -44.73 -7.55 -11.67
C SER D 524 -43.61 -8.35 -11.01
N ALA D 525 -43.98 -9.22 -10.07
CA ALA D 525 -43.02 -10.02 -9.32
C ALA D 525 -42.81 -11.34 -10.04
N ALA D 526 -42.13 -11.27 -11.17
CA ALA D 526 -41.85 -12.47 -11.94
C ALA D 526 -40.70 -12.16 -12.87
N LYS D 527 -40.19 -13.20 -13.54
CA LYS D 527 -39.00 -13.09 -14.37
C LYS D 527 -39.38 -13.07 -15.84
N LYS D 528 -38.48 -12.54 -16.68
CA LYS D 528 -38.74 -12.34 -18.09
C LYS D 528 -38.96 -13.66 -18.84
N GLU D 529 -38.30 -14.72 -18.35
CA GLU D 529 -38.49 -16.07 -18.86
C GLU D 529 -39.98 -16.40 -18.88
N ASP D 530 -40.77 -15.79 -17.98
CA ASP D 530 -42.16 -16.20 -17.78
C ASP D 530 -43.16 -15.11 -18.13
N VAL D 531 -42.70 -13.92 -18.49
CA VAL D 531 -43.60 -12.80 -18.76
C VAL D 531 -43.12 -12.04 -19.98
N ASN D 532 -43.96 -11.97 -21.00
CA ASN D 532 -43.76 -11.01 -22.08
C ASN D 532 -44.60 -9.78 -21.76
N TYR D 533 -44.20 -8.62 -22.30
CA TYR D 533 -44.84 -7.36 -21.96
C TYR D 533 -46.31 -7.42 -22.32
N THR D 534 -46.67 -8.23 -23.34
CA THR D 534 -48.02 -8.30 -23.85
C THR D 534 -48.96 -9.07 -22.91
N ASP D 535 -48.40 -9.82 -21.95
CA ASP D 535 -49.17 -10.59 -21.00
C ASP D 535 -49.91 -9.68 -20.01
N LEU D 536 -49.52 -8.42 -19.87
CA LEU D 536 -50.20 -7.58 -18.89
C LEU D 536 -51.45 -6.93 -19.45
N PRO D 537 -52.37 -6.49 -18.58
CA PRO D 537 -53.53 -5.76 -19.04
C PRO D 537 -53.09 -4.53 -19.81
N LYS D 538 -53.95 -4.07 -20.76
CA LYS D 538 -53.56 -2.99 -21.66
C LYS D 538 -53.24 -1.73 -20.87
N PHE D 539 -54.04 -1.48 -19.81
CA PHE D 539 -53.93 -0.26 -19.03
C PHE D 539 -52.59 -0.21 -18.29
N PHE D 540 -51.98 -1.37 -18.06
CA PHE D 540 -50.70 -1.49 -17.39
C PHE D 540 -49.55 -1.61 -18.39
N ARG D 541 -49.83 -1.41 -19.68
CA ARG D 541 -48.78 -1.35 -20.69
C ARG D 541 -49.20 -0.34 -21.76
N GLN D 542 -49.50 0.90 -21.33
CA GLN D 542 -50.03 1.87 -22.29
C GLN D 542 -48.97 2.11 -23.35
N HIS D 543 -47.70 1.96 -22.97
CA HIS D 543 -46.57 1.85 -23.87
C HIS D 543 -45.82 0.59 -23.45
N TRP D 544 -45.13 -0.06 -24.37
CA TRP D 544 -44.48 -1.33 -24.04
C TRP D 544 -43.47 -1.16 -22.92
N SER D 545 -42.98 0.06 -22.70
CA SER D 545 -41.95 0.30 -21.70
C SER D 545 -42.52 0.41 -20.29
N LYS D 546 -43.83 0.41 -20.17
CA LYS D 546 -44.43 0.56 -18.85
C LYS D 546 -44.43 -0.78 -18.10
N VAL D 547 -44.02 -1.88 -18.73
CA VAL D 547 -44.04 -3.15 -18.06
C VAL D 547 -42.66 -3.41 -17.48
N LEU D 548 -42.52 -3.20 -16.17
CA LEU D 548 -41.33 -3.57 -15.44
C LEU D 548 -41.50 -4.90 -14.70
N LEU D 549 -40.34 -5.55 -14.41
CA LEU D 549 -40.29 -6.82 -13.70
C LEU D 549 -39.26 -6.74 -12.57
N ASP D 550 -39.53 -7.49 -11.51
CA ASP D 550 -38.58 -7.66 -10.43
C ASP D 550 -37.68 -8.83 -10.79
N ASP D 551 -36.61 -8.53 -11.53
CA ASP D 551 -35.74 -9.53 -12.14
C ASP D 551 -34.41 -8.85 -12.45
N THR D 552 -33.36 -9.62 -12.74
CA THR D 552 -32.05 -9.07 -13.02
C THR D 552 -31.88 -8.74 -14.50
N ASP D 553 -30.90 -7.90 -14.85
CA ASP D 553 -30.44 -7.81 -16.22
C ASP D 553 -29.89 -9.18 -16.61
N LEU D 554 -29.54 -9.33 -17.89
CA LEU D 554 -29.27 -10.64 -18.47
C LEU D 554 -27.98 -11.26 -17.94
N TYR D 555 -27.06 -10.43 -17.42
CA TYR D 555 -25.75 -10.90 -16.92
C TYR D 555 -25.77 -10.98 -15.38
N ALA D 556 -26.98 -10.88 -14.79
CA ALA D 556 -27.22 -10.90 -13.34
C ALA D 556 -26.26 -9.94 -12.63
N ARG D 557 -26.10 -8.72 -13.12
CA ARG D 557 -25.25 -7.72 -12.49
C ARG D 557 -26.08 -6.78 -11.63
N VAL D 558 -27.33 -6.50 -12.04
CA VAL D 558 -28.19 -5.60 -11.31
C VAL D 558 -29.59 -6.14 -11.33
N GLY D 559 -30.44 -5.59 -10.44
CA GLY D 559 -31.84 -5.96 -10.39
C GLY D 559 -32.08 -7.19 -9.53
N GLY D 560 -33.36 -7.57 -9.43
CA GLY D 560 -33.85 -8.57 -8.49
C GLY D 560 -34.04 -7.96 -7.11
N GLY D 561 -34.86 -8.60 -6.28
CA GLY D 561 -34.93 -8.30 -4.86
C GLY D 561 -35.70 -7.02 -4.53
N GLY D 562 -36.50 -6.52 -5.49
CA GLY D 562 -37.19 -5.26 -5.37
C GLY D 562 -38.39 -5.35 -4.41
N TYR D 563 -39.22 -6.38 -4.57
CA TYR D 563 -40.38 -6.53 -3.72
C TYR D 563 -39.90 -6.70 -2.29
N GLU D 564 -38.86 -7.51 -2.12
CA GLU D 564 -38.29 -7.74 -0.80
C GLU D 564 -37.71 -6.46 -0.19
N ARG D 565 -36.94 -5.72 -0.99
CA ARG D 565 -36.35 -4.45 -0.58
C ARG D 565 -37.41 -3.46 -0.10
N TYR D 566 -38.54 -3.40 -0.83
CA TYR D 566 -39.53 -2.37 -0.59
C TYR D 566 -40.46 -2.79 0.54
N GLY D 567 -40.45 -4.09 0.88
CA GLY D 567 -41.30 -4.63 1.93
C GLY D 567 -42.70 -4.99 1.44
N ILE D 568 -42.84 -5.26 0.12
CA ILE D 568 -44.13 -5.58 -0.48
C ILE D 568 -44.30 -7.10 -0.56
N ASP D 569 -45.43 -7.59 -0.05
CA ASP D 569 -45.82 -8.98 -0.18
C ASP D 569 -46.08 -9.28 -1.65
N ALA D 570 -45.29 -10.19 -2.22
CA ALA D 570 -45.36 -10.52 -3.63
C ALA D 570 -46.68 -11.22 -3.96
N GLY D 571 -47.37 -11.75 -2.95
CA GLY D 571 -48.66 -12.41 -3.15
C GLY D 571 -49.83 -11.42 -3.22
N LYS D 572 -49.61 -10.16 -2.78
CA LYS D 572 -50.71 -9.23 -2.62
C LYS D 572 -50.54 -7.96 -3.46
N GLY D 573 -49.32 -7.44 -3.46
CA GLY D 573 -49.01 -6.27 -4.26
C GLY D 573 -49.53 -5.01 -3.60
N ALA D 574 -49.32 -3.88 -4.29
CA ALA D 574 -49.69 -2.59 -3.74
C ALA D 574 -49.67 -1.55 -4.85
N ILE D 575 -50.38 -0.44 -4.62
CA ILE D 575 -50.32 0.74 -5.47
C ILE D 575 -49.52 1.80 -4.74
N VAL D 576 -48.48 2.33 -5.38
CA VAL D 576 -47.68 3.37 -4.79
C VAL D 576 -47.77 4.60 -5.67
N VAL D 577 -48.20 5.73 -5.09
CA VAL D 577 -48.38 6.95 -5.86
C VAL D 577 -47.17 7.82 -5.60
N VAL D 578 -46.50 8.25 -6.68
CA VAL D 578 -45.35 9.13 -6.58
C VAL D 578 -45.71 10.48 -7.18
N ARG D 579 -45.49 11.56 -6.44
CA ARG D 579 -45.72 12.93 -6.86
C ARG D 579 -44.77 13.31 -7.99
N PRO D 580 -45.04 14.41 -8.72
CA PRO D 580 -44.13 14.90 -9.77
C PRO D 580 -42.72 15.26 -9.35
N ASP D 581 -42.55 15.52 -8.05
CA ASP D 581 -41.26 15.86 -7.46
C ASP D 581 -40.58 14.61 -6.92
N GLY D 582 -41.21 13.44 -7.08
CA GLY D 582 -40.57 12.17 -6.79
C GLY D 582 -40.71 11.71 -5.34
N TYR D 583 -41.58 12.39 -4.57
CA TYR D 583 -41.90 11.97 -3.21
C TYR D 583 -43.09 11.04 -3.26
N VAL D 584 -43.09 10.05 -2.37
CA VAL D 584 -44.22 9.15 -2.23
C VAL D 584 -45.38 9.90 -1.58
N GLY D 585 -46.52 9.89 -2.27
CA GLY D 585 -47.71 10.57 -1.78
C GLY D 585 -48.66 9.66 -0.99
N THR D 586 -48.86 8.41 -1.47
CA THR D 586 -49.63 7.46 -0.68
C THR D 586 -49.38 6.03 -1.14
N ILE D 587 -49.97 5.09 -0.40
CA ILE D 587 -49.90 3.67 -0.73
C ILE D 587 -51.27 3.07 -0.54
N ALA D 588 -51.60 2.06 -1.33
CA ALA D 588 -52.88 1.41 -1.15
C ALA D 588 -52.81 -0.03 -1.65
N PRO D 589 -53.67 -0.92 -1.12
CA PRO D 589 -53.75 -2.28 -1.62
C PRO D 589 -54.39 -2.24 -3.01
N LEU D 590 -54.30 -3.38 -3.70
CA LEU D 590 -54.82 -3.50 -5.04
C LEU D 590 -56.35 -3.45 -5.02
N HIS D 591 -56.98 -3.73 -3.87
CA HIS D 591 -58.43 -3.62 -3.77
C HIS D 591 -58.86 -2.22 -3.30
N GLY D 592 -57.90 -1.31 -3.15
CA GLY D 592 -58.16 -0.07 -2.43
C GLY D 592 -58.03 1.16 -3.34
N LEU D 593 -58.42 0.99 -4.59
CA LEU D 593 -58.45 2.13 -5.47
C LEU D 593 -59.24 3.30 -4.86
N ARG D 594 -60.25 3.03 -4.02
CA ARG D 594 -61.08 4.10 -3.48
C ARG D 594 -60.22 5.06 -2.64
N ASP D 595 -59.13 4.57 -2.05
CA ASP D 595 -58.17 5.37 -1.27
C ASP D 595 -57.26 6.21 -2.16
N ILE D 596 -56.93 5.70 -3.35
CA ILE D 596 -56.24 6.47 -4.38
C ILE D 596 -57.14 7.61 -4.86
N ASP D 597 -58.42 7.31 -5.09
CA ASP D 597 -59.40 8.29 -5.51
C ASP D 597 -59.52 9.38 -4.44
N ALA D 598 -59.49 8.97 -3.16
CA ALA D 598 -59.58 9.93 -2.06
C ALA D 598 -58.34 10.82 -2.02
N TYR D 599 -57.17 10.21 -2.29
CA TYR D 599 -55.92 10.95 -2.37
C TYR D 599 -56.11 12.12 -3.34
N PHE D 600 -56.42 11.82 -4.62
CA PHE D 600 -56.44 12.86 -5.63
C PHE D 600 -57.58 13.83 -5.35
N SER D 601 -58.67 13.34 -4.77
CA SER D 601 -59.83 14.17 -4.46
C SER D 601 -59.51 15.29 -3.46
N ALA D 602 -58.52 15.11 -2.60
CA ALA D 602 -58.18 16.12 -1.59
C ALA D 602 -57.53 17.38 -2.20
N PHE D 603 -57.20 17.37 -3.50
CA PHE D 603 -56.55 18.55 -4.06
C PHE D 603 -56.78 18.75 -5.55
N MET D 604 -57.22 17.74 -6.29
CA MET D 604 -57.41 17.91 -7.72
C MET D 604 -58.81 18.45 -8.01
N ALA D 605 -58.89 19.31 -9.05
CA ALA D 605 -60.15 19.89 -9.49
C ALA D 605 -60.67 19.10 -10.69
N ALA D 606 -62.02 19.01 -10.82
CA ALA D 606 -62.68 18.32 -11.92
C ALA D 606 -62.96 19.29 -13.10
#